data_9DW9
#
_entry.id   9DW9
#
_cell.length_a   1.00
_cell.length_b   1.00
_cell.length_c   1.00
_cell.angle_alpha   90.00
_cell.angle_beta   90.00
_cell.angle_gamma   90.00
#
_symmetry.space_group_name_H-M   'P 1'
#
loop_
_entity.id
_entity.type
_entity.pdbx_description
1 polymer 'Cystic fibrosis transmembrane conductance regulator'
2 polymer 'cAMP-dependent protein kinase catalytic subunit alpha'
3 non-polymer CHOLESTEROL
4 non-polymer DECANE
5 non-polymer 'MAGNESIUM ION'
6 non-polymer "ADENOSINE-5'-TRIPHOSPHATE"
7 non-polymer 'CHLORIDE ION'
8 non-polymer UNDECANE
9 water water
#
loop_
_entity_poly.entity_id
_entity_poly.type
_entity_poly.pdbx_seq_one_letter_code
_entity_poly.pdbx_strand_id
1 'polypeptide(L)'
;MQRSPLEKASVVSKLFFSWTRPILRKGYRQRLELSDIYQIPSVDSADNLSEKLEREWDRELASKKNPKLINALRRCFFWR
FMFYGIFLYLGEVTKAVQPLLLGRIIASYDPDNKEERSIAIYLGIGLCLLFIVRTLLLHPAIFGLHHIGMQMRIAMFSLI
YKKTLKLSSRVLDKISIGQLVSLLSNNLNKFDEGLALAHFVWIAPLQVALLMGLIWELLQASAFCGLGFLIVLALFQAGL
GRMMMKYRDQRAGKISERLVITSEMIENIQSVKAYCWEEAMEKMIENLRQTELKLTRKAAYVRYFNSSAFFFSGFFVVFL
SVLPYALIKGIILRKIFTTISFCIVLRMAVTRQFPWAVQTWYDSLGAINKIQDFLQKQEYKTLEYNLTTTEVVMENVTAF
WEEGFGELFEKAKQNNNNRKTSNGDDSLFFSNFSLLGTPVLKDINFKIERGQLLAVAGSTGAGKTSLLMVIMGELEPSEG
KIKHSGRISFCSQFSWIMPGTIKENIIFGVSYDEYRYRSVIKACQLEEDISKFAEKDNIVLGEGGITLSGGQRARISLAR
AVYKDADLYLLDSPFGYLDVLTEKEIFESCVCKLMANKTRILVTSKMEHLKKADKILILHEGSSYFYGTFSELQNLQPDF
SSKLMGCDSFDQFSAERRNSILTETLHRFSLEGDAPVSWTETKKQSFKQTGEFGEKRKNSILNPINSIRKFSIVQKTPLQ
MNGIEEDSDEPLERRLSLVPDSEQGEAILPRISVISTGPTLQARRRQSVLNLMTHSVNQGQNIHRKTTASTRKVSLAPQA
NLTELDIYSRRL(SEP)QETGLEISEEINEEDLKECFFDDMESIPAVTTWNTYLRYITVHKSLIFVLIWCLVIFLAEVAA
SLVVLWLLGNTPLQDKGNSTHSRNNSYAVIITSTSSYYVFYIYVGVADTLLAMGFFRGLPLVHTLITVSKILHHKMLHSV
LQAPMSTLNTLKAGGILNRFSKDIAILDDLLPLTIFDFIQLLLIVIGAIAVVAVLQPYIFVATVPVIVAFIMLRAYFLQT
SQQLKQLESEGRSPIFTHLVTSLKGLWTLRAFGRQPYFETLFHKALNLHTANWFLYLSTLRWFQMRIEMIFVIFFIAVTF
ISILTTGEGEGRVGIILTLAMNIMSTLQWAVNSSIDVDSLMRSVSRVFKFIDMPTEGKPTKSTKPYKNGQLSKVMIIENS
HVKKDDIWPSGGQMTVKDLTAKYTEGGNAILENISFSISPGQRVGLLGRTGSGKSTLLSAFLRLLNTEGEIQIDGVSWDS
ITLQQWRKAFGVIPQKVFIFSGTFRKNLDPYEQWSDQEIWKVADEVGLRSVIEQFPGKLDFVLVDGGCVLSHGHKQLMCL
ARSVLSKAKILLLDQPSAHLDPVTYQIIRRTLKQAFADCTVILCEHRIEAMLECQQFLVIEENKVRQYDSIQKLLNERSL
FRQAISPSDRVKLFPHRNSSKCKSKPQIAALKEETEEEVQDTRL
;
A
2 'polypeptide(L)'
;MGNAAAAKKGSEQESVKEFLAKAKEDFLKKWENPAQNTAHLDQFERIKTLGTGSFGRVMLVKHMETGNHYAMKILDKQKV
VKLKQIEHTLNEKRILQAVNFPFLVKLEFSFKDNSNLYMVMEYVPGGEMFSHLRRIGRFSEPHARFYAAQIVLTFEYLHS
LDLIYRDLKPENLLIDQQGYIQVTDFGFAKRVKGRTW(TPO)LCGTPEYLAPEIILSKGYNKAVDWWALGVLIYEMAAGY
PPFFADQPIQIYEKIVSGKVRFPSHFSSDLKDLLRNLLQVDLTKRFGNLKNGVNDIKNHKWFATTDWIAIYQRKVEAPFI
PKFKGPGDTSNFDDYEEEEIRVSINEKCGKEFSEF
;
G
#
# COMPACT_ATOMS: atom_id res chain seq x y z
N MET A 1 19.80 8.28 14.65
CA MET A 1 19.46 6.95 14.20
C MET A 1 20.72 6.23 13.71
N GLN A 2 21.16 5.24 14.47
CA GLN A 2 22.45 4.61 14.24
C GLN A 2 22.39 3.59 13.12
N ARG A 3 23.58 3.20 12.65
CA ARG A 3 23.71 2.11 11.69
C ARG A 3 23.41 0.78 12.36
N SER A 4 22.90 -0.15 11.58
CA SER A 4 22.64 -1.50 12.10
C SER A 4 23.98 -2.19 12.37
N PRO A 5 24.23 -2.65 13.60
CA PRO A 5 25.50 -3.33 13.88
C PRO A 5 25.65 -4.68 13.19
N LEU A 6 24.57 -5.23 12.64
CA LEU A 6 24.65 -6.50 11.92
C LEU A 6 25.55 -6.39 10.70
N GLU A 7 25.65 -5.20 10.11
CA GLU A 7 26.39 -5.06 8.86
C GLU A 7 27.89 -5.24 9.07
N LYS A 8 28.43 -4.75 10.19
CA LYS A 8 29.86 -4.80 10.45
C LYS A 8 30.17 -5.72 11.63
N ALA A 9 29.36 -6.76 11.83
CA ALA A 9 29.56 -7.73 12.89
C ALA A 9 30.42 -8.90 12.40
N SER A 10 31.10 -9.54 13.34
CA SER A 10 31.93 -10.70 13.04
C SER A 10 31.07 -11.92 12.70
N VAL A 11 31.73 -12.96 12.20
CA VAL A 11 31.04 -14.22 11.94
C VAL A 11 30.54 -14.83 13.25
N VAL A 12 31.40 -14.84 14.28
CA VAL A 12 31.00 -15.41 15.56
C VAL A 12 29.92 -14.55 16.21
N SER A 13 30.01 -13.23 16.05
CA SER A 13 29.00 -12.34 16.62
C SER A 13 27.64 -12.58 15.97
N LYS A 14 27.63 -12.77 14.64
CA LYS A 14 26.37 -13.03 13.96
C LYS A 14 25.83 -14.41 14.29
N LEU A 15 26.72 -15.41 14.42
CA LEU A 15 26.28 -16.77 14.69
C LEU A 15 25.53 -16.88 16.01
N PHE A 16 26.02 -16.21 17.04
CA PHE A 16 25.42 -16.26 18.37
C PHE A 16 24.52 -15.08 18.67
N PHE A 17 24.34 -14.16 17.72
CA PHE A 17 23.46 -12.99 17.88
C PHE A 17 23.92 -12.09 19.00
N SER A 18 25.23 -12.02 19.24
CA SER A 18 25.78 -11.16 20.28
C SER A 18 25.65 -9.68 19.96
N TRP A 19 25.35 -9.32 18.71
CA TRP A 19 25.19 -7.92 18.34
C TRP A 19 23.90 -7.30 18.86
N THR A 20 23.01 -8.09 19.45
CA THR A 20 21.79 -7.58 20.07
C THR A 20 21.98 -7.22 21.54
N ARG A 21 23.17 -7.48 22.11
CA ARG A 21 23.38 -7.21 23.53
C ARG A 21 23.23 -5.75 23.92
N PRO A 22 23.74 -4.76 23.17
CA PRO A 22 23.61 -3.36 23.64
C PRO A 22 22.18 -2.89 23.84
N ILE A 23 21.24 -3.28 22.97
CA ILE A 23 19.87 -2.81 23.14
C ILE A 23 19.20 -3.50 24.32
N LEU A 24 19.53 -4.78 24.56
CA LEU A 24 19.00 -5.47 25.74
C LEU A 24 19.55 -4.87 27.01
N ARG A 25 20.83 -4.47 27.00
CA ARG A 25 21.45 -3.83 28.15
C ARG A 25 20.84 -2.45 28.39
N LYS A 26 20.55 -1.71 27.32
CA LYS A 26 19.94 -0.39 27.43
C LYS A 26 18.52 -0.48 27.97
N GLY A 27 17.71 -1.39 27.41
CA GLY A 27 16.30 -1.45 27.77
C GLY A 27 16.01 -2.07 29.12
N TYR A 28 16.93 -2.89 29.64
CA TYR A 28 16.70 -3.49 30.95
C TYR A 28 16.71 -2.44 32.05
N ARG A 29 17.56 -1.43 31.92
CA ARG A 29 17.73 -0.45 32.98
C ARG A 29 16.71 0.68 32.89
N GLN A 30 16.37 1.14 31.69
CA GLN A 30 15.50 2.29 31.54
C GLN A 30 14.76 2.23 30.21
N ARG A 31 13.83 3.17 30.05
CA ARG A 31 12.97 3.20 28.88
C ARG A 31 13.76 3.46 27.60
N LEU A 32 13.41 2.74 26.54
CA LEU A 32 14.08 2.91 25.26
C LEU A 32 13.80 4.29 24.69
N GLU A 33 14.82 4.87 24.06
CA GLU A 33 14.72 6.19 23.43
C GLU A 33 14.67 6.07 21.91
N LEU A 34 14.47 7.22 21.26
CA LEU A 34 14.34 7.25 19.81
C LEU A 34 15.65 6.89 19.12
N SER A 35 16.78 7.29 19.70
CA SER A 35 18.09 7.04 19.09
C SER A 35 18.46 5.56 19.10
N ASP A 36 17.80 4.74 19.91
CA ASP A 36 18.18 3.35 20.03
C ASP A 36 17.81 2.53 18.79
N ILE A 37 16.81 2.97 18.04
CA ILE A 37 16.34 2.24 16.87
C ILE A 37 17.32 2.44 15.73
N TYR A 38 17.78 1.34 15.14
CA TYR A 38 18.80 1.38 14.10
C TYR A 38 18.18 1.51 12.70
N GLN A 39 18.96 2.09 11.79
CA GLN A 39 18.56 2.12 10.39
C GLN A 39 18.58 0.71 9.82
N ILE A 40 17.58 0.40 9.00
CA ILE A 40 17.39 -0.95 8.45
C ILE A 40 18.53 -1.31 7.51
N PRO A 41 18.84 -2.60 7.36
CA PRO A 41 19.85 -3.01 6.36
C PRO A 41 19.41 -2.66 4.95
N SER A 42 20.42 -2.46 4.08
CA SER A 42 20.13 -2.09 2.70
C SER A 42 19.36 -3.17 1.96
N VAL A 43 19.54 -4.44 2.32
CA VAL A 43 18.84 -5.53 1.65
C VAL A 43 17.34 -5.47 1.92
N ASP A 44 16.94 -4.91 3.05
CA ASP A 44 15.55 -4.94 3.48
C ASP A 44 14.75 -3.71 3.08
N SER A 45 15.33 -2.79 2.30
CA SER A 45 14.60 -1.61 1.87
C SER A 45 13.47 -1.98 0.91
N ALA A 46 12.36 -1.27 1.03
CA ALA A 46 11.19 -1.56 0.21
C ALA A 46 11.46 -1.30 -1.27
N ASP A 47 12.26 -0.28 -1.57
CA ASP A 47 12.56 0.05 -2.97
C ASP A 47 13.28 -1.11 -3.66
N ASN A 48 14.32 -1.65 -3.01
CA ASN A 48 15.11 -2.72 -3.61
C ASN A 48 14.29 -3.99 -3.78
N LEU A 49 13.51 -4.34 -2.75
CA LEU A 49 12.71 -5.56 -2.82
C LEU A 49 11.62 -5.43 -3.87
N SER A 50 11.00 -4.25 -3.97
CA SER A 50 9.99 -4.03 -4.98
C SER A 50 10.56 -4.14 -6.38
N GLU A 51 11.75 -3.58 -6.61
CA GLU A 51 12.39 -3.73 -7.92
C GLU A 51 12.67 -5.20 -8.21
N LYS A 52 13.22 -5.91 -7.22
CA LYS A 52 13.54 -7.32 -7.38
C LYS A 52 12.32 -8.13 -7.81
N LEU A 53 11.20 -7.97 -7.11
CA LEU A 53 10.02 -8.76 -7.44
C LEU A 53 9.37 -8.30 -8.75
N GLU A 54 9.37 -6.99 -9.00
CA GLU A 54 8.68 -6.46 -10.17
C GLU A 54 9.37 -6.91 -11.46
N ARG A 55 10.69 -7.00 -11.45
CA ARG A 55 11.41 -7.49 -12.62
C ARG A 55 10.92 -8.88 -13.02
N GLU A 56 10.86 -9.80 -12.05
CA GLU A 56 10.45 -11.17 -12.32
C GLU A 56 8.97 -11.26 -12.68
N TRP A 57 8.12 -10.44 -12.05
CA TRP A 57 6.71 -10.48 -12.41
C TRP A 57 6.48 -9.98 -13.83
N ASP A 58 7.18 -8.92 -14.24
CA ASP A 58 7.05 -8.46 -15.61
C ASP A 58 7.55 -9.48 -16.61
N ARG A 59 8.66 -10.17 -16.29
CA ARG A 59 9.12 -11.22 -17.21
C ARG A 59 8.12 -12.36 -17.27
N GLU A 60 7.51 -12.70 -16.15
CA GLU A 60 6.50 -13.75 -16.13
C GLU A 60 5.30 -13.39 -17.00
N LEU A 61 4.83 -12.15 -16.90
CA LEU A 61 3.71 -11.72 -17.73
C LEU A 61 4.09 -11.69 -19.21
N ALA A 62 5.32 -11.27 -19.52
CA ALA A 62 5.71 -11.08 -20.90
C ALA A 62 6.17 -12.35 -21.61
N SER A 63 6.46 -13.43 -20.87
CA SER A 63 7.03 -14.62 -21.50
C SER A 63 6.24 -15.90 -21.30
N LYS A 64 5.13 -15.88 -20.55
CA LYS A 64 4.34 -17.07 -20.29
C LYS A 64 2.91 -16.88 -20.76
N LYS A 65 2.26 -18.00 -21.06
CA LYS A 65 0.86 -17.99 -21.48
C LYS A 65 -0.10 -18.07 -20.30
N ASN A 66 0.33 -18.67 -19.19
CA ASN A 66 -0.43 -18.72 -17.95
C ASN A 66 0.48 -18.26 -16.83
N PRO A 67 0.66 -16.95 -16.66
CA PRO A 67 1.61 -16.46 -15.65
C PRO A 67 1.20 -16.85 -14.25
N LYS A 68 2.19 -17.17 -13.43
CA LYS A 68 1.99 -17.54 -12.03
C LYS A 68 2.90 -16.70 -11.15
N LEU A 69 2.33 -16.13 -10.09
CA LEU A 69 3.14 -15.33 -9.16
C LEU A 69 4.09 -16.19 -8.35
N ILE A 70 3.76 -17.47 -8.14
CA ILE A 70 4.65 -18.35 -7.40
C ILE A 70 5.94 -18.59 -8.18
N ASN A 71 5.88 -18.56 -9.50
CA ASN A 71 7.10 -18.66 -10.31
C ASN A 71 7.97 -17.41 -10.16
N ALA A 72 7.34 -16.24 -10.09
CA ALA A 72 8.08 -15.01 -9.87
C ALA A 72 8.76 -15.01 -8.50
N LEU A 73 8.07 -15.50 -7.48
CA LEU A 73 8.68 -15.58 -6.16
C LEU A 73 9.76 -16.66 -6.09
N ARG A 74 9.60 -17.73 -6.86
CA ARG A 74 10.57 -18.83 -6.83
C ARG A 74 11.90 -18.39 -7.44
N ARG A 75 11.87 -17.57 -8.48
CA ARG A 75 13.10 -17.08 -9.09
C ARG A 75 13.76 -15.96 -8.29
N CYS A 76 13.27 -15.68 -7.09
CA CYS A 76 13.85 -14.66 -6.22
C CYS A 76 14.35 -15.21 -4.89
N PHE A 77 13.72 -16.26 -4.36
CA PHE A 77 13.97 -16.69 -3.00
C PHE A 77 14.14 -18.20 -2.84
N PHE A 78 14.43 -18.93 -3.91
CA PHE A 78 14.40 -20.39 -3.83
C PHE A 78 15.68 -20.95 -3.22
N TRP A 79 16.84 -20.56 -3.75
CA TRP A 79 18.09 -21.19 -3.35
C TRP A 79 18.53 -20.83 -1.94
N ARG A 80 18.09 -19.70 -1.41
CA ARG A 80 18.34 -19.43 0.00
C ARG A 80 17.39 -20.22 0.90
N PHE A 81 16.18 -20.46 0.42
CA PHE A 81 15.20 -21.28 1.16
C PHE A 81 15.68 -22.72 1.27
N MET A 82 16.08 -23.31 0.14
CA MET A 82 16.61 -24.66 0.13
C MET A 82 17.95 -24.76 0.85
N PHE A 83 18.68 -23.66 0.95
CA PHE A 83 19.97 -23.67 1.65
C PHE A 83 19.78 -23.88 3.14
N TYR A 84 18.83 -23.15 3.74
CA TYR A 84 18.54 -23.30 5.16
C TYR A 84 17.75 -24.56 5.47
N GLY A 85 17.02 -25.09 4.49
CA GLY A 85 16.32 -26.35 4.71
C GLY A 85 17.25 -27.49 5.05
N ILE A 86 18.44 -27.52 4.43
CA ILE A 86 19.39 -28.61 4.68
C ILE A 86 19.89 -28.57 6.11
N PHE A 87 20.22 -27.39 6.63
CA PHE A 87 20.73 -27.30 7.99
C PHE A 87 19.61 -27.55 9.01
N LEU A 88 18.38 -27.14 8.69
CA LEU A 88 17.26 -27.51 9.56
C LEU A 88 17.09 -29.02 9.61
N TYR A 89 17.19 -29.69 8.46
CA TYR A 89 17.09 -31.14 8.43
C TYR A 89 18.23 -31.81 9.20
N LEU A 90 19.45 -31.30 9.07
CA LEU A 90 20.57 -31.90 9.79
C LEU A 90 20.46 -31.67 11.30
N GLY A 91 19.87 -30.56 11.72
CA GLY A 91 19.59 -30.39 13.13
C GLY A 91 18.46 -31.25 13.65
N GLU A 92 17.53 -31.63 12.76
CA GLU A 92 16.48 -32.57 13.18
C GLU A 92 16.97 -34.02 13.22
N VAL A 93 17.88 -34.38 12.31
CA VAL A 93 18.40 -35.75 12.31
C VAL A 93 19.12 -36.05 13.61
N THR A 94 19.82 -35.05 14.15
CA THR A 94 20.48 -35.20 15.44
C THR A 94 19.49 -35.58 16.54
N LYS A 95 18.25 -35.11 16.43
CA LYS A 95 17.26 -35.33 17.49
C LYS A 95 16.81 -36.78 17.56
N ALA A 96 16.84 -37.49 16.43
CA ALA A 96 16.36 -38.87 16.39
C ALA A 96 17.37 -39.86 16.95
N VAL A 97 18.67 -39.56 16.86
CA VAL A 97 19.70 -40.52 17.24
C VAL A 97 20.18 -40.34 18.67
N GLN A 98 19.64 -39.36 19.40
CA GLN A 98 20.03 -39.17 20.79
C GLN A 98 19.70 -40.37 21.69
N PRO A 99 18.54 -41.03 21.57
CA PRO A 99 18.27 -42.18 22.45
C PRO A 99 19.26 -43.33 22.28
N LEU A 100 19.94 -43.44 21.13
CA LEU A 100 20.97 -44.47 21.00
C LEU A 100 22.13 -44.23 21.95
N LEU A 101 22.46 -42.97 22.21
CA LEU A 101 23.58 -42.63 23.08
C LEU A 101 23.16 -42.51 24.54
N LEU A 102 22.01 -41.92 24.82
CA LEU A 102 21.59 -41.70 26.19
C LEU A 102 21.02 -42.97 26.83
N GLY A 103 20.41 -43.84 26.03
CA GLY A 103 19.87 -45.07 26.58
C GLY A 103 20.96 -45.99 27.11
N ARG A 104 22.08 -46.10 26.39
CA ARG A 104 23.19 -46.90 26.88
C ARG A 104 23.85 -46.28 28.10
N ILE A 105 23.75 -44.96 28.26
CA ILE A 105 24.29 -44.32 29.46
C ILE A 105 23.38 -44.61 30.65
N ILE A 106 22.06 -44.52 30.48
CA ILE A 106 21.15 -44.79 31.59
C ILE A 106 21.23 -46.24 32.00
N ALA A 107 21.40 -47.14 31.03
CA ALA A 107 21.50 -48.57 31.35
C ALA A 107 22.75 -48.91 32.14
N SER A 108 23.80 -48.07 32.07
CA SER A 108 25.04 -48.34 32.78
C SER A 108 24.93 -48.20 34.29
N TYR A 109 23.85 -47.60 34.79
CA TYR A 109 23.67 -47.52 36.24
C TYR A 109 23.36 -48.88 36.84
N ASP A 110 22.73 -49.76 36.06
CA ASP A 110 22.45 -51.12 36.50
C ASP A 110 23.73 -51.94 36.46
N PRO A 111 24.15 -52.57 37.57
CA PRO A 111 25.37 -53.38 37.53
C PRO A 111 25.32 -54.54 36.56
N ASP A 112 24.13 -54.99 36.17
CA ASP A 112 24.03 -56.11 35.23
C ASP A 112 24.66 -55.78 33.90
N ASN A 113 24.39 -54.58 33.37
CA ASN A 113 24.81 -54.20 32.02
C ASN A 113 26.30 -53.86 31.99
N LYS A 114 27.12 -54.84 32.37
CA LYS A 114 28.55 -54.61 32.49
C LYS A 114 29.20 -54.20 31.18
N GLU A 115 28.59 -54.55 30.04
CA GLU A 115 29.16 -54.14 28.76
C GLU A 115 29.02 -52.64 28.55
N GLU A 116 27.87 -52.07 28.91
CA GLU A 116 27.67 -50.63 28.72
C GLU A 116 28.58 -49.81 29.61
N ARG A 117 28.99 -50.36 30.76
CA ARG A 117 29.83 -49.61 31.68
C ARG A 117 31.27 -49.51 31.20
N SER A 118 31.67 -50.39 30.28
CA SER A 118 33.03 -50.35 29.76
C SER A 118 33.26 -49.21 28.76
N ILE A 119 32.20 -48.62 28.21
CA ILE A 119 32.34 -47.62 27.16
C ILE A 119 31.55 -46.36 27.49
N ALA A 120 31.14 -46.20 28.75
CA ALA A 120 30.29 -45.08 29.12
C ALA A 120 30.96 -43.73 28.89
N ILE A 121 32.28 -43.65 29.08
CA ILE A 121 32.98 -42.37 28.95
C ILE A 121 32.90 -41.86 27.52
N TYR A 122 33.09 -42.74 26.55
CA TYR A 122 33.07 -42.34 25.15
C TYR A 122 31.66 -41.97 24.71
N LEU A 123 30.66 -42.65 25.28
CA LEU A 123 29.27 -42.28 25.02
C LEU A 123 28.95 -40.90 25.57
N GLY A 124 29.48 -40.59 26.75
CA GLY A 124 29.30 -39.25 27.30
C GLY A 124 29.94 -38.19 26.44
N ILE A 125 31.15 -38.45 25.96
CA ILE A 125 31.81 -37.48 25.06
C ILE A 125 30.98 -37.29 23.80
N GLY A 126 30.47 -38.37 23.22
CA GLY A 126 29.64 -38.25 22.03
C GLY A 126 28.37 -37.46 22.26
N LEU A 127 27.71 -37.68 23.39
CA LEU A 127 26.49 -36.93 23.69
C LEU A 127 26.79 -35.44 23.88
N CYS A 128 27.92 -35.14 24.55
CA CYS A 128 28.29 -33.75 24.75
C CYS A 128 28.58 -33.05 23.41
N LEU A 129 29.19 -33.76 22.48
CA LEU A 129 29.40 -33.17 21.15
C LEU A 129 28.08 -33.05 20.38
N LEU A 130 27.17 -34.01 20.58
CA LEU A 130 25.90 -33.99 19.86
C LEU A 130 25.05 -32.79 20.26
N PHE A 131 25.04 -32.45 21.56
CA PHE A 131 24.31 -31.27 21.99
C PHE A 131 24.86 -29.99 21.34
N ILE A 132 26.18 -29.86 21.31
CA ILE A 132 26.80 -28.67 20.76
C ILE A 132 26.50 -28.55 19.27
N VAL A 133 26.57 -29.66 18.54
CA VAL A 133 26.29 -29.55 17.11
C VAL A 133 24.81 -29.27 16.86
N ARG A 134 23.92 -29.79 17.72
CA ARG A 134 22.50 -29.50 17.51
C ARG A 134 22.19 -28.03 17.73
N THR A 135 22.71 -27.44 18.81
CA THR A 135 22.32 -26.08 19.13
C THR A 135 22.79 -25.06 18.10
N LEU A 136 23.81 -25.39 17.30
CA LEU A 136 24.36 -24.47 16.32
C LEU A 136 23.73 -24.60 14.94
N LEU A 137 23.00 -25.68 14.69
CA LEU A 137 22.43 -25.92 13.37
C LEU A 137 21.01 -25.38 13.21
N LEU A 138 20.28 -25.21 14.31
CA LEU A 138 18.85 -24.94 14.25
C LEU A 138 18.54 -23.45 14.17
N HIS A 139 19.00 -22.68 15.16
CA HIS A 139 18.57 -21.30 15.29
C HIS A 139 18.98 -20.39 14.13
N PRO A 140 20.21 -20.43 13.61
CA PRO A 140 20.52 -19.60 12.43
C PRO A 140 19.65 -19.93 11.22
N ALA A 141 19.32 -21.20 11.00
CA ALA A 141 18.45 -21.54 9.87
C ALA A 141 17.05 -20.97 10.05
N ILE A 142 16.51 -21.05 11.27
CA ILE A 142 15.19 -20.50 11.55
C ILE A 142 15.19 -18.98 11.36
N PHE A 143 16.24 -18.31 11.82
CA PHE A 143 16.32 -16.87 11.62
C PHE A 143 16.41 -16.51 10.16
N GLY A 144 17.19 -17.26 9.38
CA GLY A 144 17.26 -16.99 7.95
C GLY A 144 15.94 -17.19 7.25
N LEU A 145 15.18 -18.21 7.64
CA LEU A 145 13.88 -18.44 7.05
C LEU A 145 12.90 -17.31 7.40
N HIS A 146 12.94 -16.84 8.65
CA HIS A 146 12.12 -15.69 9.04
C HIS A 146 12.47 -14.46 8.20
N HIS A 147 13.76 -14.22 8.00
CA HIS A 147 14.21 -13.07 7.23
C HIS A 147 13.73 -13.15 5.78
N ILE A 148 13.80 -14.35 5.17
CA ILE A 148 13.31 -14.53 3.82
C ILE A 148 11.81 -14.23 3.73
N GLY A 149 11.04 -14.75 4.69
CA GLY A 149 9.60 -14.53 4.66
C GLY A 149 9.23 -13.06 4.83
N MET A 150 9.95 -12.36 5.69
CA MET A 150 9.70 -10.93 5.86
C MET A 150 9.98 -10.16 4.58
N GLN A 151 11.09 -10.49 3.90
CA GLN A 151 11.39 -9.83 2.63
C GLN A 151 10.29 -10.09 1.60
N MET A 152 9.82 -11.34 1.51
CA MET A 152 8.77 -11.67 0.55
C MET A 152 7.49 -10.87 0.82
N ARG A 153 7.12 -10.76 2.10
CA ARG A 153 5.91 -10.01 2.44
C ARG A 153 6.05 -8.53 2.07
N ILE A 154 7.22 -7.94 2.32
CA ILE A 154 7.43 -6.54 1.97
C ILE A 154 7.29 -6.33 0.46
N ALA A 155 7.91 -7.21 -0.33
CA ALA A 155 7.83 -7.07 -1.78
C ALA A 155 6.38 -7.18 -2.28
N MET A 156 5.63 -8.14 -1.74
CA MET A 156 4.25 -8.28 -2.20
C MET A 156 3.39 -7.08 -1.81
N PHE A 157 3.62 -6.52 -0.62
CA PHE A 157 2.88 -5.32 -0.22
C PHE A 157 3.16 -4.16 -1.16
N SER A 158 4.43 -3.98 -1.54
CA SER A 158 4.77 -2.90 -2.46
C SER A 158 4.07 -3.09 -3.80
N LEU A 159 4.05 -4.32 -4.31
CA LEU A 159 3.38 -4.56 -5.59
C LEU A 159 1.88 -4.30 -5.49
N ILE A 160 1.24 -4.70 -4.39
CA ILE A 160 -0.19 -4.45 -4.22
C ILE A 160 -0.48 -2.95 -4.22
N TYR A 161 0.32 -2.17 -3.48
CA TYR A 161 0.07 -0.73 -3.47
C TYR A 161 0.27 -0.12 -4.84
N LYS A 162 1.32 -0.52 -5.56
CA LYS A 162 1.52 0.04 -6.89
C LYS A 162 0.39 -0.35 -7.85
N LYS A 163 -0.24 -1.49 -7.63
CA LYS A 163 -1.41 -1.84 -8.44
C LYS A 163 -2.62 -1.00 -8.07
N THR A 164 -2.76 -0.65 -6.79
CA THR A 164 -3.97 0.05 -6.34
C THR A 164 -4.17 1.37 -7.07
N LEU A 165 -3.08 2.11 -7.32
CA LEU A 165 -3.20 3.42 -7.95
C LEU A 165 -3.57 3.35 -9.42
N LYS A 166 -3.59 2.16 -10.03
CA LYS A 166 -3.88 2.00 -11.44
C LYS A 166 -5.28 1.45 -11.71
N LEU A 167 -6.03 1.09 -10.67
CA LEU A 167 -7.32 0.43 -10.87
C LEU A 167 -8.30 1.32 -11.60
N SER A 168 -9.05 0.72 -12.53
CA SER A 168 -10.03 1.45 -13.31
C SER A 168 -11.16 1.96 -12.42
N SER A 169 -11.88 2.97 -12.92
CA SER A 169 -13.01 3.53 -12.18
C SER A 169 -14.19 2.58 -12.13
N ARG A 170 -14.31 1.66 -13.09
CA ARG A 170 -15.43 0.72 -13.09
C ARG A 170 -15.22 -0.42 -12.10
N VAL A 171 -13.99 -0.85 -11.89
CA VAL A 171 -13.71 -1.93 -10.96
C VAL A 171 -13.58 -1.43 -9.52
N LEU A 172 -13.42 -0.12 -9.32
CA LEU A 172 -13.22 0.42 -7.98
C LEU A 172 -14.50 0.33 -7.13
N ASP A 173 -15.67 0.36 -7.77
CA ASP A 173 -16.92 0.29 -7.01
C ASP A 173 -17.08 -1.02 -6.26
N LYS A 174 -16.40 -2.07 -6.70
CA LYS A 174 -16.50 -3.40 -6.12
C LYS A 174 -15.47 -3.66 -5.03
N ILE A 175 -14.55 -2.72 -4.79
CA ILE A 175 -13.47 -2.90 -3.84
C ILE A 175 -13.63 -1.86 -2.74
N SER A 176 -13.77 -2.31 -1.50
CA SER A 176 -13.92 -1.42 -0.36
C SER A 176 -12.61 -1.32 0.42
N ILE A 177 -12.60 -0.38 1.37
CA ILE A 177 -11.43 -0.24 2.25
C ILE A 177 -11.27 -1.47 3.13
N GLY A 178 -12.39 -2.08 3.53
CA GLY A 178 -12.31 -3.25 4.39
C GLY A 178 -11.67 -4.45 3.71
N GLN A 179 -11.94 -4.64 2.42
CA GLN A 179 -11.33 -5.76 1.70
C GLN A 179 -9.81 -5.60 1.59
N LEU A 180 -9.35 -4.39 1.30
CA LEU A 180 -7.92 -4.16 1.19
C LEU A 180 -7.23 -4.25 2.55
N VAL A 181 -7.87 -3.69 3.58
CA VAL A 181 -7.31 -3.75 4.92
C VAL A 181 -7.25 -5.19 5.41
N SER A 182 -8.24 -6.00 5.03
CA SER A 182 -8.18 -7.43 5.33
C SER A 182 -7.08 -8.12 4.55
N LEU A 183 -6.90 -7.75 3.28
CA LEU A 183 -5.85 -8.36 2.47
C LEU A 183 -4.46 -8.09 3.02
N LEU A 184 -4.28 -6.92 3.64
CA LEU A 184 -2.97 -6.62 4.23
C LEU A 184 -2.83 -7.10 5.67
N SER A 185 -3.89 -7.04 6.46
CA SER A 185 -3.79 -7.34 7.89
C SER A 185 -3.57 -8.82 8.14
N ASN A 186 -4.17 -9.69 7.31
CA ASN A 186 -4.09 -11.12 7.56
C ASN A 186 -2.67 -11.66 7.38
N ASN A 187 -1.95 -11.17 6.38
CA ASN A 187 -0.65 -11.70 6.01
C ASN A 187 0.51 -10.99 6.71
N LEU A 188 0.23 -10.18 7.72
CA LEU A 188 1.24 -9.24 8.20
C LEU A 188 2.33 -9.94 9.00
N ASN A 189 1.96 -10.75 9.99
CA ASN A 189 2.95 -11.41 10.84
C ASN A 189 3.04 -12.91 10.62
N LYS A 190 1.91 -13.57 10.37
CA LYS A 190 1.91 -15.02 10.22
C LYS A 190 2.68 -15.47 8.98
N PHE A 191 2.73 -14.63 7.94
CA PHE A 191 3.38 -15.04 6.70
C PHE A 191 4.88 -15.19 6.89
N ASP A 192 5.48 -14.34 7.72
CA ASP A 192 6.91 -14.45 8.00
C ASP A 192 7.21 -15.70 8.82
N GLU A 193 6.35 -16.03 9.78
CA GLU A 193 6.57 -17.19 10.62
C GLU A 193 6.34 -18.49 9.87
N GLY A 194 5.51 -18.46 8.82
CA GLY A 194 5.21 -19.68 8.10
C GLY A 194 6.38 -20.27 7.34
N LEU A 195 7.35 -19.42 6.96
CA LEU A 195 8.47 -19.91 6.17
C LEU A 195 9.32 -20.92 6.92
N ALA A 196 9.37 -20.82 8.25
CA ALA A 196 10.13 -21.78 9.04
C ALA A 196 9.42 -23.13 9.14
N LEU A 197 8.09 -23.13 9.12
CA LEU A 197 7.33 -24.37 9.26
C LEU A 197 7.25 -25.15 7.95
N ALA A 198 7.46 -24.49 6.82
CA ALA A 198 7.16 -25.10 5.52
C ALA A 198 8.02 -26.32 5.22
N HIS A 199 9.26 -26.34 5.72
CA HIS A 199 10.20 -27.40 5.31
C HIS A 199 9.86 -28.77 5.87
N PHE A 200 9.04 -28.85 6.91
CA PHE A 200 8.79 -30.16 7.52
C PHE A 200 7.91 -31.06 6.66
N VAL A 201 7.30 -30.55 5.59
CA VAL A 201 6.45 -31.36 4.72
C VAL A 201 7.25 -32.46 4.04
N TRP A 202 8.58 -32.32 3.98
CA TRP A 202 9.45 -33.37 3.52
C TRP A 202 10.43 -33.86 4.58
N ILE A 203 10.68 -33.08 5.62
CA ILE A 203 11.54 -33.53 6.71
C ILE A 203 10.84 -34.64 7.51
N ALA A 204 9.56 -34.46 7.80
CA ALA A 204 8.87 -35.42 8.66
C ALA A 204 8.79 -36.82 8.08
N PRO A 205 8.46 -37.04 6.79
CA PRO A 205 8.49 -38.41 6.26
C PRO A 205 9.85 -39.10 6.41
N LEU A 206 10.94 -38.36 6.23
CA LEU A 206 12.27 -38.95 6.38
C LEU A 206 12.58 -39.28 7.83
N GLN A 207 12.14 -38.44 8.76
CA GLN A 207 12.31 -38.75 10.18
C GLN A 207 11.51 -40.00 10.56
N VAL A 208 10.32 -40.16 10.01
CA VAL A 208 9.53 -41.35 10.27
C VAL A 208 10.20 -42.58 9.68
N ALA A 209 10.74 -42.45 8.46
CA ALA A 209 11.43 -43.59 7.84
C ALA A 209 12.66 -44.02 8.64
N LEU A 210 13.38 -43.05 9.22
CA LEU A 210 14.52 -43.40 10.06
C LEU A 210 14.08 -44.03 11.38
N LEU A 211 13.10 -43.42 12.05
CA LEU A 211 12.68 -43.87 13.36
C LEU A 211 11.99 -45.22 13.32
N MET A 212 11.25 -45.52 12.25
CA MET A 212 10.62 -46.82 12.14
C MET A 212 11.64 -47.92 11.96
N GLY A 213 12.75 -47.63 11.26
CA GLY A 213 13.82 -48.60 11.16
C GLY A 213 14.59 -48.75 12.45
N LEU A 214 14.68 -47.69 13.24
CA LEU A 214 15.34 -47.82 14.54
C LEU A 214 14.49 -48.58 15.55
N ILE A 215 13.16 -48.37 15.53
CA ILE A 215 12.28 -49.10 16.43
C ILE A 215 12.15 -50.56 15.99
N TRP A 216 12.31 -50.83 14.69
CA TRP A 216 12.14 -52.19 14.18
C TRP A 216 13.13 -53.15 14.80
N GLU A 217 14.35 -52.70 15.09
CA GLU A 217 15.35 -53.60 15.64
C GLU A 217 15.11 -53.90 17.13
N LEU A 218 14.34 -53.08 17.82
CA LEU A 218 13.87 -53.44 19.16
C LEU A 218 12.70 -54.41 19.09
N LEU A 219 11.68 -54.05 18.32
CA LEU A 219 10.44 -54.83 18.20
C LEU A 219 10.34 -55.25 16.74
N GLN A 220 10.52 -56.53 16.46
CA GLN A 220 10.74 -57.00 15.10
C GLN A 220 9.61 -56.63 14.15
N ALA A 221 8.41 -57.15 14.38
CA ALA A 221 7.28 -56.86 13.53
C ALA A 221 6.18 -56.08 14.22
N SER A 222 6.28 -55.86 15.53
CA SER A 222 5.20 -55.26 16.32
C SER A 222 5.14 -53.74 16.22
N ALA A 223 6.17 -53.09 15.67
CA ALA A 223 6.17 -51.64 15.56
C ALA A 223 5.08 -51.14 14.62
N PHE A 224 4.75 -51.91 13.59
CA PHE A 224 3.74 -51.49 12.64
C PHE A 224 2.37 -51.38 13.29
N CYS A 225 2.16 -52.04 14.42
CA CYS A 225 0.90 -51.91 15.14
C CYS A 225 0.67 -50.49 15.61
N GLY A 226 1.74 -49.81 16.06
CA GLY A 226 1.63 -48.40 16.38
C GLY A 226 1.76 -47.50 15.18
N LEU A 227 2.48 -47.95 14.14
CA LEU A 227 2.57 -47.15 12.92
C LEU A 227 1.20 -46.97 12.28
N GLY A 228 0.38 -48.03 12.25
CA GLY A 228 -0.97 -47.89 11.72
C GLY A 228 -1.84 -46.96 12.53
N PHE A 229 -1.69 -46.97 13.85
CA PHE A 229 -2.42 -46.04 14.70
C PHE A 229 -2.05 -44.59 14.38
N LEU A 230 -0.75 -44.32 14.22
CA LEU A 230 -0.34 -42.98 13.84
C LEU A 230 -0.83 -42.60 12.45
N ILE A 231 -0.91 -43.56 11.53
CA ILE A 231 -1.42 -43.27 10.20
C ILE A 231 -2.89 -42.86 10.26
N VAL A 232 -3.69 -43.59 11.05
CA VAL A 232 -5.10 -43.26 11.19
C VAL A 232 -5.26 -41.89 11.84
N LEU A 233 -4.41 -41.58 12.83
CA LEU A 233 -4.47 -40.26 13.47
C LEU A 233 -4.10 -39.15 12.49
N ALA A 234 -3.16 -39.40 11.59
CA ALA A 234 -2.80 -38.40 10.58
C ALA A 234 -3.97 -38.15 9.62
N LEU A 235 -4.65 -39.21 9.20
CA LEU A 235 -5.84 -39.01 8.37
C LEU A 235 -6.92 -38.23 9.11
N PHE A 236 -7.08 -38.48 10.41
CA PHE A 236 -8.05 -37.74 11.20
C PHE A 236 -7.74 -36.25 11.22
N GLN A 237 -6.47 -35.90 11.43
CA GLN A 237 -6.09 -34.48 11.43
C GLN A 237 -6.26 -33.86 10.04
N ALA A 238 -5.94 -34.60 8.98
CA ALA A 238 -6.15 -34.10 7.63
C ALA A 238 -7.62 -33.84 7.35
N GLY A 239 -8.51 -34.59 8.00
CA GLY A 239 -9.93 -34.31 7.90
C GLY A 239 -10.37 -33.09 8.70
N LEU A 240 -9.77 -32.88 9.86
CA LEU A 240 -10.14 -31.73 10.69
C LEU A 240 -9.76 -30.40 10.03
N GLY A 241 -8.57 -30.37 9.41
CA GLY A 241 -8.10 -29.12 8.82
C GLY A 241 -9.02 -28.58 7.75
N ARG A 242 -9.66 -29.46 6.99
CA ARG A 242 -10.54 -29.05 5.91
C ARG A 242 -11.80 -28.38 6.44
N MET A 243 -12.36 -28.89 7.53
CA MET A 243 -13.49 -28.22 8.17
C MET A 243 -13.09 -26.85 8.69
N MET A 244 -11.89 -26.76 9.29
CA MET A 244 -11.43 -25.46 9.77
C MET A 244 -11.35 -24.46 8.61
N MET A 245 -10.77 -24.88 7.49
CA MET A 245 -10.65 -23.98 6.34
C MET A 245 -12.01 -23.58 5.80
N LYS A 246 -12.96 -24.51 5.76
CA LYS A 246 -14.30 -24.18 5.29
C LYS A 246 -14.96 -23.11 6.17
N TYR A 247 -14.87 -23.26 7.49
CA TYR A 247 -15.45 -22.24 8.37
C TYR A 247 -14.77 -20.90 8.19
N ARG A 248 -13.44 -20.90 8.06
CA ARG A 248 -12.72 -19.63 7.89
C ARG A 248 -13.13 -18.93 6.60
N ASP A 249 -13.24 -19.69 5.51
CA ASP A 249 -13.66 -19.08 4.24
C ASP A 249 -15.06 -18.51 4.32
N GLN A 250 -15.98 -19.21 5.00
CA GLN A 250 -17.32 -18.65 5.16
C GLN A 250 -17.28 -17.38 6.00
N ARG A 251 -16.47 -17.36 7.05
CA ARG A 251 -16.43 -16.20 7.95
C ARG A 251 -15.79 -14.98 7.29
N ALA A 252 -14.91 -15.20 6.30
CA ALA A 252 -14.07 -14.11 5.80
C ALA A 252 -14.87 -12.90 5.32
N GLY A 253 -16.11 -13.09 4.86
CA GLY A 253 -16.82 -12.02 4.18
C GLY A 253 -17.46 -10.96 5.07
N LYS A 254 -17.79 -11.31 6.32
CA LYS A 254 -18.52 -10.39 7.18
C LYS A 254 -17.62 -9.34 7.81
N ILE A 255 -16.33 -9.66 7.97
CA ILE A 255 -15.41 -8.78 8.68
C ILE A 255 -15.19 -7.51 7.89
N SER A 256 -15.14 -7.60 6.56
CA SER A 256 -14.97 -6.41 5.74
C SER A 256 -16.12 -5.44 5.90
N GLU A 257 -17.36 -5.96 5.90
CA GLU A 257 -18.52 -5.09 6.06
C GLU A 257 -18.54 -4.47 7.45
N ARG A 258 -18.18 -5.23 8.48
CA ARG A 258 -18.10 -4.68 9.82
C ARG A 258 -17.07 -3.56 9.88
N LEU A 259 -15.91 -3.76 9.26
CA LEU A 259 -14.85 -2.77 9.29
C LEU A 259 -15.25 -1.48 8.58
N VAL A 260 -15.89 -1.61 7.41
CA VAL A 260 -16.26 -0.39 6.68
C VAL A 260 -17.33 0.37 7.46
N ILE A 261 -18.29 -0.33 8.07
CA ILE A 261 -19.31 0.38 8.84
C ILE A 261 -18.68 1.09 10.04
N THR A 262 -17.77 0.42 10.73
CA THR A 262 -17.14 1.00 11.90
C THR A 262 -16.34 2.25 11.53
N SER A 263 -15.55 2.17 10.47
CA SER A 263 -14.75 3.32 10.06
C SER A 263 -15.65 4.49 9.64
N GLU A 264 -16.71 4.20 8.88
CA GLU A 264 -17.62 5.26 8.47
C GLU A 264 -18.27 5.93 9.66
N MET A 265 -18.72 5.15 10.65
CA MET A 265 -19.40 5.74 11.79
C MET A 265 -18.44 6.52 12.68
N ILE A 266 -17.17 6.10 12.76
CA ILE A 266 -16.26 6.83 13.63
C ILE A 266 -15.76 8.12 12.97
N GLU A 267 -15.56 8.12 11.66
CA GLU A 267 -15.10 9.35 11.03
C GLU A 267 -16.18 10.43 10.95
N ASN A 268 -17.45 10.05 11.08
CA ASN A 268 -18.56 10.98 11.11
C ASN A 268 -19.19 11.05 12.50
N ILE A 269 -18.37 11.00 13.54
CA ILE A 269 -18.87 10.87 14.90
C ILE A 269 -19.69 12.09 15.33
N GLN A 270 -19.37 13.26 14.79
CA GLN A 270 -20.09 14.47 15.22
C GLN A 270 -21.53 14.45 14.73
N SER A 271 -21.77 13.96 13.51
CA SER A 271 -23.13 13.80 13.02
C SER A 271 -23.89 12.75 13.81
N VAL A 272 -23.21 11.66 14.19
CA VAL A 272 -23.84 10.61 14.99
C VAL A 272 -24.26 11.15 16.34
N LYS A 273 -23.39 11.96 16.96
CA LYS A 273 -23.72 12.57 18.24
C LYS A 273 -24.87 13.57 18.10
N ALA A 274 -24.87 14.36 17.04
CA ALA A 274 -25.94 15.35 16.86
C ALA A 274 -27.28 14.68 16.62
N TYR A 275 -27.31 13.60 15.84
CA TYR A 275 -28.54 12.86 15.59
C TYR A 275 -28.96 11.98 16.76
N CYS A 276 -28.06 11.70 17.70
CA CYS A 276 -28.30 10.73 18.77
C CYS A 276 -28.58 9.34 18.20
N TRP A 277 -27.65 8.87 17.38
CA TRP A 277 -27.78 7.58 16.69
C TRP A 277 -26.86 6.50 17.25
N GLU A 278 -26.19 6.76 18.36
CA GLU A 278 -25.13 5.85 18.84
C GLU A 278 -25.66 4.44 19.08
N GLU A 279 -26.84 4.32 19.70
CA GLU A 279 -27.38 3.02 20.03
C GLU A 279 -27.72 2.21 18.79
N ALA A 280 -28.25 2.87 17.76
CA ALA A 280 -28.60 2.17 16.52
C ALA A 280 -27.35 1.63 15.84
N MET A 281 -26.29 2.43 15.79
CA MET A 281 -25.04 1.98 15.18
C MET A 281 -24.45 0.81 15.96
N GLU A 282 -24.51 0.88 17.30
CA GLU A 282 -24.06 -0.24 18.11
C GLU A 282 -24.87 -1.49 17.82
N LYS A 283 -26.19 -1.34 17.63
CA LYS A 283 -27.02 -2.49 17.31
C LYS A 283 -26.64 -3.13 15.97
N MET A 284 -26.36 -2.31 14.97
CA MET A 284 -25.91 -2.87 13.68
C MET A 284 -24.58 -3.61 13.83
N ILE A 285 -23.63 -3.01 14.56
CA ILE A 285 -22.33 -3.65 14.69
C ILE A 285 -22.43 -4.95 15.46
N GLU A 286 -23.25 -4.98 16.51
CA GLU A 286 -23.39 -6.21 17.27
C GLU A 286 -24.17 -7.28 16.50
N ASN A 287 -25.10 -6.88 15.61
CA ASN A 287 -25.72 -7.85 14.73
C ASN A 287 -24.69 -8.48 13.79
N LEU A 288 -23.77 -7.67 13.28
CA LEU A 288 -22.71 -8.24 12.44
C LEU A 288 -21.79 -9.16 13.25
N ARG A 289 -21.45 -8.77 14.48
CA ARG A 289 -20.56 -9.58 15.31
C ARG A 289 -21.18 -10.94 15.64
N GLN A 290 -22.48 -10.94 15.94
CA GLN A 290 -23.16 -12.15 16.39
C GLN A 290 -23.10 -13.25 15.34
N THR A 291 -23.13 -12.87 14.06
CA THR A 291 -23.11 -13.88 13.00
C THR A 291 -21.74 -14.55 12.90
N GLU A 292 -20.66 -13.77 12.90
CA GLU A 292 -19.33 -14.33 12.69
C GLU A 292 -18.80 -15.05 13.93
N LEU A 293 -19.28 -14.70 15.13
CA LEU A 293 -18.78 -15.38 16.31
C LEU A 293 -19.16 -16.86 16.35
N LYS A 294 -20.26 -17.26 15.69
CA LYS A 294 -20.62 -18.67 15.66
C LYS A 294 -19.61 -19.46 14.85
N LEU A 295 -19.21 -18.93 13.69
CA LEU A 295 -18.18 -19.57 12.89
C LEU A 295 -16.86 -19.60 13.63
N THR A 296 -16.55 -18.55 14.39
CA THR A 296 -15.32 -18.55 15.18
C THR A 296 -15.33 -19.64 16.24
N ARG A 297 -16.46 -19.81 16.94
CA ARG A 297 -16.56 -20.87 17.94
C ARG A 297 -16.44 -22.25 17.30
N LYS A 298 -17.08 -22.46 16.15
CA LYS A 298 -17.01 -23.76 15.50
C LYS A 298 -15.58 -24.09 15.05
N ALA A 299 -14.88 -23.11 14.49
CA ALA A 299 -13.49 -23.34 14.10
C ALA A 299 -12.62 -23.60 15.31
N ALA A 300 -12.90 -22.93 16.43
CA ALA A 300 -12.14 -23.19 17.65
C ALA A 300 -12.39 -24.60 18.20
N TYR A 301 -13.63 -25.08 18.10
CA TYR A 301 -13.91 -26.46 18.51
C TYR A 301 -13.12 -27.45 17.66
N VAL A 302 -13.07 -27.22 16.33
CA VAL A 302 -12.28 -28.12 15.49
C VAL A 302 -10.80 -28.04 15.83
N ARG A 303 -10.29 -26.83 16.07
CA ARG A 303 -8.87 -26.68 16.33
C ARG A 303 -8.47 -27.26 17.68
N TYR A 304 -9.39 -27.32 18.64
CA TYR A 304 -9.08 -28.01 19.89
C TYR A 304 -8.77 -29.48 19.65
N PHE A 305 -9.66 -30.18 18.95
CA PHE A 305 -9.42 -31.59 18.66
C PHE A 305 -8.17 -31.78 17.83
N ASN A 306 -7.88 -30.85 16.91
CA ASN A 306 -6.62 -30.95 16.18
C ASN A 306 -5.42 -30.81 17.11
N SER A 307 -5.49 -29.89 18.07
CA SER A 307 -4.34 -29.59 18.92
C SER A 307 -4.08 -30.61 20.01
N SER A 308 -5.11 -31.36 20.42
CA SER A 308 -4.97 -32.29 21.54
C SER A 308 -4.53 -33.68 21.10
N ALA A 309 -4.19 -33.86 19.82
CA ALA A 309 -3.83 -35.19 19.33
C ALA A 309 -2.48 -35.64 19.90
N PHE A 310 -1.55 -34.71 20.10
CA PHE A 310 -0.21 -35.08 20.55
C PHE A 310 -0.25 -35.69 21.94
N PHE A 311 -1.04 -35.10 22.84
CA PHE A 311 -1.03 -35.54 24.23
C PHE A 311 -1.78 -36.86 24.41
N PHE A 312 -2.87 -37.06 23.67
CA PHE A 312 -3.66 -38.27 23.78
C PHE A 312 -3.16 -39.41 22.90
N SER A 313 -1.88 -39.43 22.56
CA SER A 313 -1.30 -40.55 21.84
C SER A 313 -0.04 -41.10 22.50
N GLY A 314 0.40 -40.52 23.62
CA GLY A 314 1.65 -40.95 24.22
C GLY A 314 1.61 -42.36 24.77
N PHE A 315 0.46 -42.79 25.29
CA PHE A 315 0.32 -44.10 25.90
C PHE A 315 -0.03 -45.19 24.89
N PHE A 316 -0.90 -44.88 23.93
CA PHE A 316 -1.43 -45.92 23.07
C PHE A 316 -0.42 -46.35 22.00
N VAL A 317 0.44 -45.45 21.57
CA VAL A 317 1.43 -45.78 20.54
C VAL A 317 2.40 -46.83 21.07
N VAL A 318 2.88 -46.67 22.30
CA VAL A 318 3.80 -47.64 22.88
C VAL A 318 3.06 -48.89 23.35
N PHE A 319 1.83 -48.74 23.85
CA PHE A 319 1.08 -49.88 24.35
C PHE A 319 0.74 -50.85 23.21
N LEU A 320 0.22 -50.32 22.10
CA LEU A 320 -0.18 -51.18 21.00
C LEU A 320 1.00 -51.85 20.31
N SER A 321 2.20 -51.30 20.46
CA SER A 321 3.38 -51.90 19.84
C SER A 321 4.17 -52.78 20.80
N VAL A 322 3.96 -52.64 22.11
CA VAL A 322 4.66 -53.44 23.10
C VAL A 322 3.86 -54.65 23.51
N LEU A 323 2.52 -54.53 23.58
CA LEU A 323 1.71 -55.66 24.02
C LEU A 323 1.84 -56.89 23.13
N PRO A 324 1.78 -56.80 21.79
CA PRO A 324 1.98 -58.02 20.97
C PRO A 324 3.37 -58.61 21.09
N TYR A 325 4.36 -57.83 21.53
CA TYR A 325 5.69 -58.36 21.74
C TYR A 325 5.82 -59.03 23.10
N ALA A 326 5.23 -58.43 24.13
CA ALA A 326 5.39 -58.93 25.49
C ALA A 326 4.67 -60.26 25.71
N LEU A 327 3.64 -60.57 24.92
CA LEU A 327 2.89 -61.80 25.16
C LEU A 327 3.64 -63.03 24.67
N ILE A 328 4.17 -62.98 23.44
CA ILE A 328 4.87 -64.13 22.90
C ILE A 328 6.20 -64.38 23.61
N LYS A 329 6.78 -63.35 24.24
CA LYS A 329 7.94 -63.53 25.10
C LYS A 329 8.08 -62.31 26.00
N GLY A 330 8.68 -62.52 27.17
CA GLY A 330 8.75 -61.45 28.15
C GLY A 330 9.60 -60.28 27.68
N ILE A 331 9.36 -59.12 28.29
CA ILE A 331 10.05 -57.90 27.95
C ILE A 331 10.61 -57.26 29.22
N ILE A 332 11.82 -56.72 29.13
CA ILE A 332 12.46 -56.03 30.24
C ILE A 332 12.13 -54.55 30.18
N LEU A 333 12.30 -53.86 31.31
CA LEU A 333 11.91 -52.46 31.40
C LEU A 333 12.79 -51.57 30.51
N ARG A 334 14.04 -51.96 30.28
CA ARG A 334 14.94 -51.16 29.46
C ARG A 334 14.40 -51.00 28.04
N LYS A 335 13.91 -52.09 27.45
CA LYS A 335 13.38 -52.04 26.11
C LYS A 335 12.14 -51.18 26.02
N ILE A 336 11.29 -51.21 27.06
CA ILE A 336 10.11 -50.36 27.10
C ILE A 336 10.50 -48.89 27.16
N PHE A 337 11.50 -48.55 27.97
CA PHE A 337 11.90 -47.16 28.08
C PHE A 337 12.54 -46.67 26.78
N THR A 338 13.32 -47.51 26.11
CA THR A 338 13.88 -47.13 24.82
C THR A 338 12.78 -46.95 23.78
N THR A 339 11.76 -47.79 23.81
CA THR A 339 10.63 -47.63 22.91
C THR A 339 9.93 -46.30 23.14
N ILE A 340 9.73 -45.93 24.40
CA ILE A 340 9.15 -44.63 24.73
C ILE A 340 10.02 -43.50 24.19
N SER A 341 11.34 -43.63 24.34
CA SER A 341 12.25 -42.58 23.91
C SER A 341 12.16 -42.33 22.41
N PHE A 342 12.08 -43.41 21.62
CA PHE A 342 11.90 -43.21 20.18
C PHE A 342 10.49 -42.74 19.83
N CYS A 343 9.48 -43.21 20.56
CA CYS A 343 8.12 -42.87 20.22
C CYS A 343 7.80 -41.42 20.50
N ILE A 344 8.51 -40.78 21.44
CA ILE A 344 8.31 -39.34 21.65
C ILE A 344 8.61 -38.58 20.37
N VAL A 345 9.77 -38.85 19.76
CA VAL A 345 10.16 -38.14 18.55
C VAL A 345 9.25 -38.54 17.39
N LEU A 346 8.83 -39.80 17.33
CA LEU A 346 7.92 -40.23 16.27
C LEU A 346 6.58 -39.48 16.36
N ARG A 347 6.02 -39.38 17.57
CA ARG A 347 4.77 -38.66 17.75
C ARG A 347 4.91 -37.18 17.43
N MET A 348 6.02 -36.58 17.85
CA MET A 348 6.23 -35.17 17.54
C MET A 348 6.32 -34.93 16.04
N ALA A 349 6.99 -35.84 15.32
CA ALA A 349 7.07 -35.70 13.87
C ALA A 349 5.72 -35.88 13.21
N VAL A 350 4.91 -36.84 13.66
CA VAL A 350 3.71 -37.18 12.94
C VAL A 350 2.57 -36.23 13.27
N THR A 351 2.27 -36.03 14.55
CA THR A 351 1.04 -35.33 14.93
C THR A 351 1.23 -33.84 15.16
N ARG A 352 2.45 -33.31 15.09
CA ARG A 352 2.66 -31.89 15.34
C ARG A 352 3.26 -31.15 14.15
N GLN A 353 4.32 -31.72 13.57
CA GLN A 353 5.11 -30.98 12.59
C GLN A 353 4.53 -31.07 11.19
N PHE A 354 4.01 -32.25 10.81
CA PHE A 354 3.51 -32.44 9.45
C PHE A 354 2.22 -31.67 9.19
N PRO A 355 1.15 -31.79 10.01
CA PRO A 355 -0.07 -31.03 9.72
C PRO A 355 0.13 -29.52 9.74
N TRP A 356 0.99 -29.01 10.62
CA TRP A 356 1.27 -27.58 10.63
C TRP A 356 1.90 -27.12 9.32
N ALA A 357 2.83 -27.91 8.78
CA ALA A 357 3.45 -27.58 7.50
C ALA A 357 2.42 -27.62 6.37
N VAL A 358 1.55 -28.63 6.37
CA VAL A 358 0.53 -28.72 5.32
C VAL A 358 -0.40 -27.51 5.38
N GLN A 359 -0.83 -27.13 6.58
CA GLN A 359 -1.71 -25.98 6.74
C GLN A 359 -1.00 -24.69 6.32
N THR A 360 0.30 -24.59 6.62
CA THR A 360 1.06 -23.41 6.20
C THR A 360 1.13 -23.31 4.69
N TRP A 361 1.34 -24.44 4.01
CA TRP A 361 1.33 -24.41 2.55
C TRP A 361 -0.02 -23.99 2.00
N TYR A 362 -1.11 -24.50 2.60
CA TYR A 362 -2.44 -24.08 2.18
C TYR A 362 -2.60 -22.57 2.30
N ASP A 363 -2.26 -22.01 3.47
CA ASP A 363 -2.46 -20.59 3.70
C ASP A 363 -1.61 -19.74 2.76
N SER A 364 -0.34 -20.13 2.59
CA SER A 364 0.56 -19.35 1.76
C SER A 364 0.11 -19.34 0.30
N LEU A 365 -0.24 -20.52 -0.24
CA LEU A 365 -0.65 -20.57 -1.64
C LEU A 365 -2.00 -19.88 -1.85
N GLY A 366 -2.91 -19.95 -0.88
CA GLY A 366 -4.15 -19.22 -1.01
C GLY A 366 -3.95 -17.72 -1.02
N ALA A 367 -3.10 -17.21 -0.12
CA ALA A 367 -2.81 -15.78 -0.11
C ALA A 367 -2.15 -15.34 -1.41
N ILE A 368 -1.21 -16.13 -1.92
CA ILE A 368 -0.52 -15.76 -3.16
C ILE A 368 -1.51 -15.74 -4.33
N ASN A 369 -2.42 -16.73 -4.39
CA ASN A 369 -3.39 -16.74 -5.48
C ASN A 369 -4.34 -15.55 -5.39
N LYS A 370 -4.75 -15.18 -4.17
CA LYS A 370 -5.63 -14.03 -4.03
C LYS A 370 -4.93 -12.73 -4.44
N ILE A 371 -3.66 -12.58 -4.05
CA ILE A 371 -2.91 -11.40 -4.46
C ILE A 371 -2.73 -11.37 -5.97
N GLN A 372 -2.49 -12.54 -6.58
CA GLN A 372 -2.38 -12.60 -8.03
C GLN A 372 -3.68 -12.20 -8.71
N ASP A 373 -4.81 -12.61 -8.14
CA ASP A 373 -6.10 -12.17 -8.68
C ASP A 373 -6.26 -10.66 -8.56
N PHE A 374 -5.76 -10.06 -7.47
CA PHE A 374 -5.82 -8.61 -7.36
C PHE A 374 -4.98 -7.92 -8.42
N LEU A 375 -3.80 -8.47 -8.72
CA LEU A 375 -2.84 -7.80 -9.60
C LEU A 375 -3.25 -7.82 -11.07
N GLN A 376 -4.33 -8.51 -11.44
CA GLN A 376 -4.72 -8.63 -12.83
C GLN A 376 -6.09 -7.98 -13.11
N LYS A 377 -6.51 -7.05 -12.26
CA LYS A 377 -7.76 -6.33 -12.48
C LYS A 377 -7.60 -5.28 -13.57
N GLN A 378 -8.74 -4.78 -14.05
CA GLN A 378 -8.77 -3.82 -15.14
C GLN A 378 -8.18 -2.47 -14.72
N GLU A 379 -7.43 -1.85 -15.62
CA GLU A 379 -6.67 -0.65 -15.31
C GLU A 379 -7.22 0.61 -16.00
N TYR A 380 -6.85 1.75 -15.43
CA TYR A 380 -7.13 3.06 -15.99
C TYR A 380 -6.30 3.31 -17.25
N LYS A 381 -6.94 3.87 -18.28
CA LYS A 381 -6.24 4.23 -19.51
C LYS A 381 -5.68 5.65 -19.40
N THR A 382 -4.39 5.79 -19.71
CA THR A 382 -3.75 7.10 -19.67
C THR A 382 -4.13 7.93 -20.89
N LEU A 383 -4.32 9.22 -20.67
CA LEU A 383 -4.75 10.12 -21.74
C LEU A 383 -3.64 10.36 -22.76
N GLU A 384 -4.06 10.76 -23.96
CA GLU A 384 -3.11 11.17 -24.99
C GLU A 384 -2.39 12.46 -24.58
N TYR A 385 -1.10 12.52 -24.86
CA TYR A 385 -0.26 13.66 -24.51
C TYR A 385 0.23 14.32 -25.79
N ASN A 386 -0.11 15.59 -25.97
CA ASN A 386 0.30 16.33 -27.17
C ASN A 386 0.27 17.81 -26.83
N LEU A 387 1.47 18.42 -26.71
CA LEU A 387 1.55 19.81 -26.31
C LEU A 387 1.04 20.77 -27.38
N THR A 388 0.91 20.33 -28.62
CA THR A 388 0.56 21.24 -29.73
C THR A 388 -0.91 21.16 -30.11
N THR A 389 -1.80 20.91 -29.15
CA THR A 389 -3.24 20.87 -29.43
C THR A 389 -3.90 22.22 -29.23
N THR A 390 -3.81 22.76 -28.01
CA THR A 390 -4.34 24.09 -27.67
C THR A 390 -5.82 24.23 -28.07
N GLU A 391 -6.57 23.14 -28.04
CA GLU A 391 -7.96 23.16 -28.45
C GLU A 391 -8.70 22.02 -27.76
N VAL A 392 -9.83 22.34 -27.13
CA VAL A 392 -10.65 21.36 -26.44
C VAL A 392 -11.93 21.17 -27.26
N VAL A 393 -12.12 19.98 -27.82
CA VAL A 393 -13.25 19.69 -28.69
C VAL A 393 -13.97 18.46 -28.18
N MET A 394 -15.29 18.53 -28.13
CA MET A 394 -16.16 17.39 -27.83
C MET A 394 -17.21 17.27 -28.93
N GLU A 395 -17.49 16.05 -29.35
CA GLU A 395 -18.45 15.83 -30.43
C GLU A 395 -19.19 14.52 -30.22
N ASN A 396 -20.52 14.61 -30.18
CA ASN A 396 -21.41 13.44 -30.17
C ASN A 396 -21.06 12.46 -29.04
N VAL A 397 -20.72 13.00 -27.88
CA VAL A 397 -20.35 12.16 -26.74
C VAL A 397 -21.62 11.72 -26.01
N THR A 398 -21.81 10.42 -25.90
CA THR A 398 -22.84 9.81 -25.05
C THR A 398 -22.16 8.79 -24.15
N ALA A 399 -22.59 8.75 -22.89
CA ALA A 399 -21.91 7.93 -21.89
C ALA A 399 -22.93 7.27 -20.97
N PHE A 400 -22.50 6.19 -20.33
CA PHE A 400 -23.29 5.46 -19.36
C PHE A 400 -22.47 5.21 -18.11
N TRP A 401 -23.07 5.41 -16.94
CA TRP A 401 -22.42 5.00 -15.70
C TRP A 401 -22.50 3.50 -15.49
N GLU A 402 -23.45 2.83 -16.11
CA GLU A 402 -23.60 1.38 -15.98
C GLU A 402 -22.42 0.67 -16.65
N GLY A 437 -30.47 1.21 -19.94
CA GLY A 437 -30.70 2.32 -19.04
C GLY A 437 -30.60 3.68 -19.71
N THR A 438 -30.93 4.73 -18.97
CA THR A 438 -30.85 6.08 -19.50
C THR A 438 -29.40 6.54 -19.54
N PRO A 439 -28.95 7.14 -20.65
CA PRO A 439 -27.59 7.68 -20.68
C PRO A 439 -27.45 8.90 -19.78
N VAL A 440 -26.33 8.95 -19.05
CA VAL A 440 -26.07 10.14 -18.25
C VAL A 440 -25.75 11.33 -19.14
N LEU A 441 -25.10 11.08 -20.28
CA LEU A 441 -24.78 12.10 -21.27
C LEU A 441 -25.34 11.65 -22.61
N LYS A 442 -25.87 12.58 -23.39
CA LYS A 442 -26.55 12.22 -24.64
C LYS A 442 -26.25 13.29 -25.69
N ASP A 443 -25.23 13.02 -26.52
CA ASP A 443 -24.88 13.84 -27.68
C ASP A 443 -24.56 15.27 -27.24
N ILE A 444 -23.41 15.39 -26.57
CA ILE A 444 -22.89 16.68 -26.11
C ILE A 444 -21.83 17.16 -27.09
N ASN A 445 -21.92 18.42 -27.51
CA ASN A 445 -20.96 19.04 -28.40
C ASN A 445 -20.54 20.41 -27.87
N PHE A 446 -19.25 20.68 -27.90
CA PHE A 446 -18.74 22.02 -27.62
C PHE A 446 -17.32 22.14 -28.15
N LYS A 447 -16.87 23.40 -28.29
CA LYS A 447 -15.54 23.70 -28.79
C LYS A 447 -15.08 25.01 -28.17
N ILE A 448 -13.92 24.99 -27.51
CA ILE A 448 -13.36 26.18 -26.88
C ILE A 448 -11.88 26.25 -27.21
N GLU A 449 -11.36 27.47 -27.35
CA GLU A 449 -10.00 27.70 -27.81
C GLU A 449 -9.10 28.11 -26.64
N ARG A 450 -7.83 28.32 -26.95
CA ARG A 450 -6.83 28.69 -25.97
C ARG A 450 -7.19 30.01 -25.29
N GLY A 451 -7.31 29.98 -23.96
CA GLY A 451 -7.52 31.18 -23.18
C GLY A 451 -8.96 31.56 -22.93
N GLN A 452 -9.92 30.74 -23.34
CA GLN A 452 -11.33 31.06 -23.19
C GLN A 452 -11.92 30.42 -21.93
N LEU A 453 -13.05 30.96 -21.49
CA LEU A 453 -13.78 30.49 -20.33
C LEU A 453 -15.09 29.86 -20.77
N LEU A 454 -15.38 28.66 -20.26
CA LEU A 454 -16.63 27.97 -20.50
C LEU A 454 -17.42 27.89 -19.19
N ALA A 455 -18.70 28.26 -19.25
CA ALA A 455 -19.59 28.21 -18.10
C ALA A 455 -20.62 27.11 -18.32
N VAL A 456 -20.62 26.12 -17.43
CA VAL A 456 -21.55 25.00 -17.48
C VAL A 456 -22.60 25.20 -16.39
N ALA A 457 -23.87 25.22 -16.79
CA ALA A 457 -24.97 25.42 -15.86
C ALA A 457 -25.99 24.30 -16.02
N GLY A 458 -26.93 24.25 -15.09
CA GLY A 458 -27.97 23.25 -15.11
C GLY A 458 -28.48 22.95 -13.72
N SER A 459 -29.58 22.19 -13.67
CA SER A 459 -30.22 21.82 -12.42
C SER A 459 -29.50 20.65 -11.76
N THR A 460 -29.98 20.28 -10.58
CA THR A 460 -29.39 19.17 -9.84
C THR A 460 -29.61 17.85 -10.58
N GLY A 461 -28.53 17.08 -10.71
CA GLY A 461 -28.59 15.82 -11.41
C GLY A 461 -28.54 15.90 -12.91
N ALA A 462 -28.25 17.07 -13.47
CA ALA A 462 -28.20 17.23 -14.92
C ALA A 462 -27.00 16.55 -15.54
N GLY A 463 -25.93 16.35 -14.79
CA GLY A 463 -24.74 15.71 -15.32
C GLY A 463 -23.56 16.64 -15.47
N LYS A 464 -23.49 17.69 -14.65
CA LYS A 464 -22.39 18.63 -14.73
C LYS A 464 -21.08 18.01 -14.26
N THR A 465 -21.13 17.17 -13.21
CA THR A 465 -19.91 16.51 -12.74
C THR A 465 -19.50 15.39 -13.70
N SER A 466 -20.47 14.69 -14.28
CA SER A 466 -20.16 13.62 -15.22
C SER A 466 -19.43 14.13 -16.45
N LEU A 467 -19.71 15.37 -16.87
CA LEU A 467 -19.01 15.93 -18.02
C LEU A 467 -17.52 16.10 -17.73
N LEU A 468 -17.20 16.61 -16.53
CA LEU A 468 -15.79 16.73 -16.16
C LEU A 468 -15.15 15.38 -15.96
N MET A 469 -15.91 14.40 -15.46
CA MET A 469 -15.37 13.04 -15.35
C MET A 469 -15.05 12.47 -16.73
N VAL A 470 -15.89 12.76 -17.73
CA VAL A 470 -15.61 12.31 -19.09
C VAL A 470 -14.36 12.99 -19.62
N ILE A 471 -14.22 14.29 -19.38
CA ILE A 471 -13.04 15.01 -19.86
C ILE A 471 -11.78 14.45 -19.21
N MET A 472 -11.82 14.18 -17.90
CA MET A 472 -10.67 13.66 -17.18
C MET A 472 -10.29 12.24 -17.60
N GLY A 473 -11.20 11.51 -18.23
CA GLY A 473 -10.95 10.13 -18.60
C GLY A 473 -11.38 9.11 -17.59
N GLU A 474 -12.06 9.52 -16.52
CA GLU A 474 -12.57 8.58 -15.52
C GLU A 474 -13.86 7.91 -15.95
N LEU A 475 -14.54 8.44 -16.97
CA LEU A 475 -15.79 7.88 -17.48
C LEU A 475 -15.64 7.74 -18.99
N GLU A 476 -15.48 6.51 -19.45
CA GLU A 476 -15.26 6.26 -20.86
C GLU A 476 -16.54 6.44 -21.66
N PRO A 477 -16.56 7.29 -22.68
CA PRO A 477 -17.76 7.44 -23.50
C PRO A 477 -17.98 6.23 -24.40
N SER A 478 -19.23 5.81 -24.51
CA SER A 478 -19.55 4.72 -25.43
C SER A 478 -19.59 5.19 -26.88
N GLU A 479 -19.65 6.50 -27.11
CA GLU A 479 -19.73 7.02 -28.47
C GLU A 479 -19.25 8.46 -28.45
N GLY A 480 -18.56 8.87 -29.52
CA GLY A 480 -18.02 10.21 -29.65
C GLY A 480 -16.56 10.28 -29.27
N LYS A 481 -16.03 11.50 -29.36
CA LYS A 481 -14.60 11.74 -29.14
C LYS A 481 -14.42 12.96 -28.24
N ILE A 482 -13.30 12.97 -27.51
CA ILE A 482 -12.88 14.10 -26.70
C ILE A 482 -11.38 14.31 -26.94
N LYS A 483 -10.99 15.54 -27.25
CA LYS A 483 -9.63 15.83 -27.67
C LYS A 483 -9.10 17.05 -26.93
N HIS A 484 -7.90 16.92 -26.35
CA HIS A 484 -7.22 18.03 -25.70
C HIS A 484 -5.77 17.64 -25.45
N SER A 485 -5.00 18.57 -24.89
CA SER A 485 -3.55 18.39 -24.77
C SER A 485 -3.20 17.25 -23.82
N GLY A 486 -3.93 17.09 -22.73
CA GLY A 486 -3.63 16.07 -21.74
C GLY A 486 -3.00 16.58 -20.46
N ARG A 487 -2.76 17.89 -20.36
CA ARG A 487 -2.30 18.51 -19.12
C ARG A 487 -3.48 19.23 -18.48
N ILE A 488 -3.99 18.69 -17.37
CA ILE A 488 -5.19 19.22 -16.73
C ILE A 488 -4.92 19.45 -15.25
N SER A 489 -5.70 20.35 -14.67
CA SER A 489 -5.74 20.59 -13.24
C SER A 489 -7.19 20.54 -12.79
N PHE A 490 -7.45 19.93 -11.64
CA PHE A 490 -8.80 19.58 -11.23
C PHE A 490 -9.09 20.07 -9.81
N CYS A 491 -10.31 20.56 -9.61
CA CYS A 491 -10.80 20.98 -8.30
C CYS A 491 -12.14 20.30 -8.06
N SER A 492 -12.17 19.35 -7.14
CA SER A 492 -13.35 18.52 -6.92
C SER A 492 -14.40 19.26 -6.10
N GLN A 493 -15.66 18.85 -6.29
CA GLN A 493 -16.76 19.44 -5.52
C GLN A 493 -16.72 19.00 -4.06
N PHE A 494 -16.12 17.84 -3.79
CA PHE A 494 -15.83 17.41 -2.42
C PHE A 494 -14.35 17.64 -2.16
N SER A 495 -14.05 18.40 -1.11
CA SER A 495 -12.68 18.84 -0.85
C SER A 495 -11.86 17.73 -0.22
N TRP A 496 -10.74 17.37 -0.84
CA TRP A 496 -9.85 16.34 -0.34
C TRP A 496 -8.63 16.98 0.33
N ILE A 497 -8.35 16.57 1.56
CA ILE A 497 -7.25 17.11 2.35
C ILE A 497 -6.39 15.94 2.82
N MET A 498 -5.10 16.00 2.50
CA MET A 498 -4.17 14.97 2.92
C MET A 498 -3.41 15.38 4.18
N PRO A 499 -2.89 14.42 4.95
CA PRO A 499 -2.12 14.76 6.15
C PRO A 499 -0.89 15.59 5.81
N GLY A 500 -0.60 16.55 6.68
CA GLY A 500 0.46 17.51 6.47
C GLY A 500 -0.01 18.92 6.73
N THR A 501 0.90 19.86 6.48
CA THR A 501 0.60 21.27 6.69
C THR A 501 -0.17 21.84 5.50
N ILE A 502 -0.63 23.08 5.66
CA ILE A 502 -1.32 23.76 4.56
C ILE A 502 -0.39 23.96 3.37
N LYS A 503 0.86 24.33 3.64
CA LYS A 503 1.82 24.57 2.56
C LYS A 503 2.09 23.29 1.79
N GLU A 504 2.20 22.16 2.49
CA GLU A 504 2.40 20.88 1.80
C GLU A 504 1.16 20.48 1.00
N ASN A 505 -0.03 20.82 1.49
CA ASN A 505 -1.25 20.55 0.72
C ASN A 505 -1.28 21.36 -0.56
N ILE A 506 -0.87 22.63 -0.51
CA ILE A 506 -0.92 23.47 -1.69
C ILE A 506 0.20 23.13 -2.68
N ILE A 507 1.43 22.97 -2.18
CA ILE A 507 2.56 22.65 -3.06
C ILE A 507 2.36 21.28 -3.69
N PHE A 508 1.98 20.29 -2.88
CA PHE A 508 1.52 18.99 -3.36
C PHE A 508 2.62 18.26 -4.16
N GLY A 509 3.81 18.23 -3.59
CA GLY A 509 4.86 17.35 -4.07
C GLY A 509 5.78 17.87 -5.15
N VAL A 510 5.94 19.19 -5.28
CA VAL A 510 6.86 19.78 -6.23
C VAL A 510 7.70 20.85 -5.54
N SER A 511 8.56 21.50 -6.32
CA SER A 511 9.48 22.50 -5.79
C SER A 511 8.73 23.75 -5.34
N TYR A 512 9.15 24.28 -4.20
CA TYR A 512 8.54 25.49 -3.63
C TYR A 512 9.05 26.73 -4.35
N ASP A 513 8.13 27.49 -4.93
CA ASP A 513 8.43 28.79 -5.53
C ASP A 513 7.72 29.84 -4.70
N GLU A 514 8.51 30.80 -4.18
CA GLU A 514 7.97 31.73 -3.19
C GLU A 514 7.02 32.74 -3.83
N TYR A 515 7.39 33.29 -4.99
CA TYR A 515 6.58 34.33 -5.62
C TYR A 515 5.20 33.80 -5.99
N ARG A 516 5.14 32.65 -6.67
CA ARG A 516 3.84 32.11 -7.06
C ARG A 516 3.03 31.70 -5.83
N TYR A 517 3.69 31.19 -4.80
CA TYR A 517 2.99 30.84 -3.57
C TYR A 517 2.32 32.07 -2.95
N ARG A 518 3.07 33.17 -2.84
CA ARG A 518 2.49 34.39 -2.27
C ARG A 518 1.34 34.90 -3.12
N SER A 519 1.51 34.90 -4.45
CA SER A 519 0.46 35.41 -5.32
C SER A 519 -0.80 34.54 -5.25
N VAL A 520 -0.64 33.22 -5.21
CA VAL A 520 -1.80 32.33 -5.17
C VAL A 520 -2.50 32.43 -3.82
N ILE A 521 -1.74 32.50 -2.73
CA ILE A 521 -2.35 32.67 -1.42
C ILE A 521 -3.13 33.97 -1.35
N LYS A 522 -2.55 35.06 -1.88
CA LYS A 522 -3.23 36.35 -1.83
C LYS A 522 -4.49 36.34 -2.70
N ALA A 523 -4.43 35.69 -3.86
CA ALA A 523 -5.57 35.71 -4.77
C ALA A 523 -6.75 34.89 -4.24
N CYS A 524 -6.49 33.83 -3.47
CA CYS A 524 -7.54 32.97 -2.97
C CYS A 524 -8.11 33.42 -1.63
N GLN A 525 -7.73 34.61 -1.15
CA GLN A 525 -8.26 35.20 0.07
C GLN A 525 -7.91 34.40 1.32
N LEU A 526 -6.88 33.56 1.27
CA LEU A 526 -6.47 32.76 2.41
C LEU A 526 -5.56 33.53 3.37
N GLU A 527 -5.13 34.74 3.02
CA GLU A 527 -4.14 35.44 3.82
C GLU A 527 -4.68 35.85 5.18
N GLU A 528 -5.97 36.17 5.27
CA GLU A 528 -6.55 36.54 6.56
C GLU A 528 -6.70 35.34 7.49
N ASP A 529 -7.17 34.22 6.95
CA ASP A 529 -7.42 33.05 7.80
C ASP A 529 -6.13 32.46 8.35
N ILE A 530 -5.06 32.50 7.56
CA ILE A 530 -3.77 31.97 8.02
C ILE A 530 -3.24 32.80 9.17
N SER A 531 -3.50 34.12 9.15
CA SER A 531 -3.01 34.98 10.23
C SER A 531 -3.60 34.61 11.58
N LYS A 532 -4.82 34.07 11.60
CA LYS A 532 -5.45 33.70 12.87
C LYS A 532 -4.73 32.55 13.55
N PHE A 533 -4.16 31.64 12.77
CA PHE A 533 -3.49 30.47 13.35
C PHE A 533 -2.21 30.88 14.04
N ALA A 534 -1.97 30.31 15.23
CA ALA A 534 -0.79 30.64 15.99
C ALA A 534 0.48 30.20 15.27
N GLU A 535 0.40 29.09 14.53
CA GLU A 535 1.55 28.54 13.83
C GLU A 535 1.58 28.97 12.36
N LYS A 536 0.73 29.91 11.97
CA LYS A 536 0.71 30.52 10.64
C LYS A 536 0.48 29.46 9.59
N ASP A 537 1.38 29.27 8.61
CA ASP A 537 1.15 28.38 7.49
C ASP A 537 1.55 26.94 7.76
N ASN A 538 2.24 26.67 8.86
CA ASN A 538 2.77 25.35 9.16
C ASN A 538 1.91 24.57 10.13
N ILE A 539 0.66 24.98 10.34
CA ILE A 539 -0.24 24.22 11.20
C ILE A 539 -0.51 22.86 10.56
N VAL A 540 -0.34 21.80 11.35
CA VAL A 540 -0.44 20.45 10.82
C VAL A 540 -1.91 20.04 10.72
N LEU A 541 -2.31 19.60 9.53
CA LEU A 541 -3.67 19.15 9.28
C LEU A 541 -3.73 17.62 9.32
N GLY A 542 -4.83 17.10 9.83
CA GLY A 542 -5.06 15.67 9.84
C GLY A 542 -5.69 15.18 8.55
N GLU A 543 -5.96 13.89 8.51
CA GLU A 543 -6.61 13.28 7.35
C GLU A 543 -8.05 13.75 7.28
N GLY A 544 -8.36 14.55 6.25
CA GLY A 544 -9.68 15.11 6.09
C GLY A 544 -9.83 16.55 6.54
N GLY A 545 -8.88 17.07 7.31
CA GLY A 545 -8.91 18.49 7.67
C GLY A 545 -10.11 18.92 8.47
N ILE A 546 -10.55 18.12 9.45
CA ILE A 546 -11.72 18.47 10.25
C ILE A 546 -11.47 19.71 11.10
N THR A 547 -10.21 20.08 11.30
CA THR A 547 -9.89 21.30 12.04
C THR A 547 -10.38 22.56 11.31
N LEU A 548 -10.53 22.48 10.00
CA LEU A 548 -10.90 23.63 9.19
C LEU A 548 -12.41 23.73 9.02
N SER A 549 -12.85 24.85 8.48
CA SER A 549 -14.24 25.04 8.10
C SER A 549 -14.45 24.61 6.65
N GLY A 550 -15.71 24.62 6.21
CA GLY A 550 -16.02 24.16 4.86
C GLY A 550 -15.43 25.05 3.78
N GLY A 551 -15.57 26.37 3.94
CA GLY A 551 -14.99 27.28 2.97
C GLY A 551 -13.49 27.36 3.01
N GLN A 552 -12.88 27.14 4.18
CA GLN A 552 -11.43 27.08 4.26
C GLN A 552 -10.89 25.88 3.49
N ARG A 553 -11.54 24.72 3.64
CA ARG A 553 -11.14 23.56 2.85
C ARG A 553 -11.36 23.80 1.36
N ALA A 554 -12.47 24.44 1.01
CA ALA A 554 -12.73 24.72 -0.41
C ALA A 554 -11.67 25.63 -1.00
N ARG A 555 -11.26 26.67 -0.26
CA ARG A 555 -10.24 27.58 -0.76
C ARG A 555 -8.85 26.97 -0.76
N ILE A 556 -8.54 26.06 0.17
CA ILE A 556 -7.26 25.37 0.09
C ILE A 556 -7.22 24.45 -1.12
N SER A 557 -8.33 23.77 -1.42
CA SER A 557 -8.38 22.95 -2.62
C SER A 557 -8.25 23.80 -3.89
N LEU A 558 -8.89 24.96 -3.91
CA LEU A 558 -8.75 25.87 -5.05
C LEU A 558 -7.32 26.36 -5.20
N ALA A 559 -6.65 26.68 -4.08
CA ALA A 559 -5.27 27.12 -4.14
C ALA A 559 -4.36 26.01 -4.67
N ARG A 560 -4.61 24.76 -4.25
CA ARG A 560 -3.84 23.65 -4.77
C ARG A 560 -4.03 23.52 -6.28
N ALA A 561 -5.27 23.68 -6.74
CA ALA A 561 -5.53 23.60 -8.18
C ALA A 561 -4.82 24.72 -8.93
N VAL A 562 -4.88 25.95 -8.41
CA VAL A 562 -4.32 27.09 -9.13
C VAL A 562 -2.80 27.05 -9.16
N TYR A 563 -2.17 26.60 -8.06
CA TYR A 563 -0.71 26.58 -7.99
C TYR A 563 -0.10 25.69 -9.07
N LYS A 564 -0.83 24.69 -9.54
CA LYS A 564 -0.30 23.74 -10.51
C LYS A 564 -0.38 24.31 -11.92
N ASP A 565 0.67 24.08 -12.70
CA ASP A 565 0.75 24.59 -14.06
C ASP A 565 0.15 23.57 -15.03
N ALA A 566 -0.89 23.97 -15.75
CA ALA A 566 -1.58 23.08 -16.66
C ALA A 566 -2.13 23.89 -17.82
N ASP A 567 -2.68 23.19 -18.81
CA ASP A 567 -3.30 23.83 -19.97
C ASP A 567 -4.81 23.96 -19.84
N LEU A 568 -5.45 23.13 -19.03
CA LEU A 568 -6.90 23.14 -18.87
C LEU A 568 -7.23 23.03 -17.39
N TYR A 569 -8.11 23.90 -16.91
CA TYR A 569 -8.49 23.94 -15.51
C TYR A 569 -9.97 23.58 -15.37
N LEU A 570 -10.25 22.56 -14.58
CA LEU A 570 -11.61 22.05 -14.38
C LEU A 570 -12.04 22.40 -12.96
N LEU A 571 -12.93 23.38 -12.84
CA LEU A 571 -13.35 23.91 -11.56
C LEU A 571 -14.80 23.48 -11.30
N ASP A 572 -14.99 22.48 -10.45
CA ASP A 572 -16.31 21.91 -10.19
C ASP A 572 -16.94 22.62 -8.99
N SER A 573 -17.62 23.73 -9.25
CA SER A 573 -18.39 24.47 -8.26
C SER A 573 -17.56 24.88 -7.05
N PRO A 574 -16.53 25.71 -7.22
CA PRO A 574 -15.71 26.08 -6.06
C PRO A 574 -16.39 27.04 -5.10
N PHE A 575 -17.35 27.83 -5.56
CA PHE A 575 -17.99 28.85 -4.72
C PHE A 575 -19.26 28.31 -4.07
N GLY A 576 -19.10 27.24 -3.30
CA GLY A 576 -20.24 26.60 -2.69
C GLY A 576 -20.45 26.97 -1.23
N TYR A 577 -19.36 27.15 -0.50
CA TYR A 577 -19.42 27.48 0.92
C TYR A 577 -18.87 28.87 1.22
N LEU A 578 -18.92 29.77 0.24
CA LEU A 578 -18.35 31.10 0.36
C LEU A 578 -19.46 32.15 0.38
N ASP A 579 -19.27 33.18 1.20
CA ASP A 579 -20.16 34.31 1.21
C ASP A 579 -20.02 35.10 -0.09
N VAL A 580 -20.99 35.98 -0.35
CA VAL A 580 -21.04 36.69 -1.63
C VAL A 580 -19.81 37.56 -1.84
N LEU A 581 -19.30 38.18 -0.77
CA LEU A 581 -18.18 39.11 -0.93
C LEU A 581 -16.88 38.36 -1.23
N THR A 582 -16.60 37.28 -0.49
CA THR A 582 -15.42 36.47 -0.77
C THR A 582 -15.52 35.82 -2.14
N GLU A 583 -16.71 35.33 -2.49
CA GLU A 583 -16.93 34.76 -3.81
C GLU A 583 -16.63 35.77 -4.90
N LYS A 584 -17.15 36.99 -4.76
CA LYS A 584 -16.92 38.02 -5.76
C LYS A 584 -15.44 38.38 -5.87
N GLU A 585 -14.77 38.52 -4.73
CA GLU A 585 -13.35 38.86 -4.74
C GLU A 585 -12.53 37.78 -5.43
N ILE A 586 -12.78 36.51 -5.10
CA ILE A 586 -12.05 35.41 -5.71
C ILE A 586 -12.31 35.36 -7.21
N PHE A 587 -13.57 35.51 -7.61
CA PHE A 587 -13.89 35.44 -9.04
C PHE A 587 -13.23 36.58 -9.80
N GLU A 588 -13.20 37.78 -9.22
CA GLU A 588 -12.66 38.94 -9.92
C GLU A 588 -11.14 39.01 -9.91
N SER A 589 -10.47 38.38 -8.94
CA SER A 589 -9.03 38.52 -8.84
C SER A 589 -8.25 37.23 -9.00
N CYS A 590 -8.91 36.08 -9.15
CA CYS A 590 -8.22 34.80 -9.31
C CYS A 590 -8.57 34.12 -10.63
N VAL A 591 -9.85 34.05 -10.97
CA VAL A 591 -10.26 33.33 -12.17
C VAL A 591 -10.13 34.20 -13.41
N CYS A 592 -10.60 35.44 -13.34
CA CYS A 592 -10.61 36.31 -14.51
C CYS A 592 -9.34 37.13 -14.68
N LYS A 593 -8.48 37.20 -13.65
CA LYS A 593 -7.31 38.05 -13.72
C LYS A 593 -6.01 37.26 -13.64
N LEU A 594 -5.88 36.40 -12.63
CA LEU A 594 -4.62 35.72 -12.40
C LEU A 594 -4.31 34.70 -13.48
N MET A 595 -5.33 34.06 -14.04
CA MET A 595 -5.15 33.03 -15.07
C MET A 595 -6.08 33.30 -16.25
N ALA A 596 -6.10 34.56 -16.69
CA ALA A 596 -6.91 34.96 -17.83
C ALA A 596 -6.40 34.40 -19.16
N ASN A 597 -5.15 33.97 -19.22
CA ASN A 597 -4.59 33.40 -20.44
C ASN A 597 -4.71 31.89 -20.51
N LYS A 598 -5.27 31.25 -19.48
CA LYS A 598 -5.43 29.81 -19.44
C LYS A 598 -6.82 29.42 -19.90
N THR A 599 -6.93 28.25 -20.52
CA THR A 599 -8.23 27.67 -20.83
C THR A 599 -8.80 27.05 -19.57
N ARG A 600 -10.08 27.29 -19.32
CA ARG A 600 -10.69 26.84 -18.08
C ARG A 600 -12.20 26.71 -18.24
N ILE A 601 -12.76 25.75 -17.51
CA ILE A 601 -14.17 25.40 -17.54
C ILE A 601 -14.70 25.54 -16.12
N LEU A 602 -15.71 26.38 -15.95
CA LEU A 602 -16.27 26.68 -14.63
C LEU A 602 -17.70 26.17 -14.55
N VAL A 603 -17.99 25.34 -13.55
CA VAL A 603 -19.35 24.91 -13.26
C VAL A 603 -19.97 25.92 -12.29
N THR A 604 -21.04 26.58 -12.72
CA THR A 604 -21.63 27.65 -11.95
C THR A 604 -23.07 27.86 -12.39
N SER A 605 -23.85 28.50 -11.53
CA SER A 605 -25.24 28.83 -11.84
C SER A 605 -25.52 30.33 -11.82
N LYS A 606 -24.57 31.15 -11.39
CA LYS A 606 -24.84 32.57 -11.20
C LYS A 606 -24.83 33.31 -12.54
N MET A 607 -25.77 34.24 -12.69
CA MET A 607 -25.90 34.99 -13.94
C MET A 607 -24.72 35.93 -14.17
N GLU A 608 -24.19 36.52 -13.10
CA GLU A 608 -23.04 37.40 -13.23
C GLU A 608 -21.83 36.66 -13.77
N HIS A 609 -21.67 35.40 -13.36
CA HIS A 609 -20.58 34.58 -13.87
C HIS A 609 -20.80 34.22 -15.34
N LEU A 610 -22.06 34.06 -15.75
CA LEU A 610 -22.37 33.76 -17.14
C LEU A 610 -22.14 34.96 -18.04
N LYS A 611 -22.25 36.18 -17.50
CA LYS A 611 -22.05 37.36 -18.34
C LYS A 611 -20.62 37.45 -18.85
N LYS A 612 -19.64 37.07 -18.03
CA LYS A 612 -18.23 37.19 -18.41
C LYS A 612 -17.68 35.95 -19.11
N ALA A 613 -18.53 34.97 -19.42
CA ALA A 613 -18.08 33.75 -20.08
C ALA A 613 -18.18 33.90 -21.59
N ASP A 614 -17.16 33.37 -22.29
CA ASP A 614 -17.19 33.39 -23.75
C ASP A 614 -18.26 32.45 -24.30
N LYS A 615 -18.42 31.28 -23.70
CA LYS A 615 -19.39 30.29 -24.14
C LYS A 615 -20.18 29.79 -22.94
N ILE A 616 -21.42 29.38 -23.21
CA ILE A 616 -22.32 28.89 -22.17
C ILE A 616 -22.91 27.56 -22.62
N LEU A 617 -22.86 26.56 -21.75
CA LEU A 617 -23.47 25.26 -21.99
C LEU A 617 -24.44 24.97 -20.87
N ILE A 618 -25.70 24.70 -21.22
CA ILE A 618 -26.75 24.41 -20.25
C ILE A 618 -27.21 22.98 -20.46
N LEU A 619 -27.15 22.19 -19.39
CA LEU A 619 -27.55 20.79 -19.44
C LEU A 619 -28.93 20.63 -18.80
N HIS A 620 -29.68 19.64 -19.30
CA HIS A 620 -30.99 19.33 -18.74
C HIS A 620 -31.22 17.83 -18.92
N GLU A 621 -31.06 17.08 -17.83
CA GLU A 621 -31.19 15.63 -17.83
C GLU A 621 -30.24 14.98 -18.83
N GLY A 622 -29.02 15.50 -18.91
CA GLY A 622 -28.01 14.93 -19.79
C GLY A 622 -28.11 15.34 -21.24
N SER A 623 -28.96 16.30 -21.57
CA SER A 623 -29.12 16.78 -22.94
C SER A 623 -28.71 18.24 -23.02
N SER A 624 -28.16 18.64 -24.17
CA SER A 624 -27.71 20.01 -24.39
C SER A 624 -28.92 20.90 -24.61
N TYR A 625 -29.38 21.56 -23.55
CA TYR A 625 -30.52 22.46 -23.68
C TYR A 625 -30.16 23.73 -24.44
N PHE A 626 -28.94 24.23 -24.26
CA PHE A 626 -28.49 25.43 -24.95
C PHE A 626 -26.98 25.43 -25.06
N TYR A 627 -26.48 25.91 -26.20
CA TYR A 627 -25.05 26.13 -26.37
C TYR A 627 -24.85 27.36 -27.24
N GLY A 628 -24.07 28.32 -26.73
CA GLY A 628 -23.83 29.53 -27.48
C GLY A 628 -23.32 30.63 -26.57
N THR A 629 -23.43 31.86 -27.07
CA THR A 629 -22.95 33.05 -26.38
C THR A 629 -24.07 33.66 -25.54
N PHE A 630 -23.69 34.40 -24.49
CA PHE A 630 -24.67 35.06 -23.64
C PHE A 630 -25.54 36.04 -24.41
N SER A 631 -25.00 36.64 -25.48
CA SER A 631 -25.78 37.60 -26.25
C SER A 631 -26.99 36.95 -26.89
N GLU A 632 -26.83 35.73 -27.39
CA GLU A 632 -27.93 34.99 -28.00
C GLU A 632 -28.67 34.10 -27.01
N LEU A 633 -28.22 34.04 -25.75
CA LEU A 633 -29.02 33.39 -24.72
C LEU A 633 -30.28 34.17 -24.41
N GLN A 634 -30.16 35.49 -24.34
CA GLN A 634 -31.28 36.36 -23.97
C GLN A 634 -32.22 36.66 -25.14
N ASN A 635 -32.12 35.93 -26.24
CA ASN A 635 -33.11 36.02 -27.31
C ASN A 635 -33.85 34.69 -27.46
N ASP A 806 1.91 35.19 -15.92
CA ASP A 806 3.19 35.74 -15.47
C ASP A 806 3.82 34.87 -14.39
N ILE A 807 2.97 34.31 -13.52
CA ILE A 807 3.48 33.48 -12.43
C ILE A 807 3.87 32.10 -12.93
N TYR A 808 3.26 31.62 -14.02
CA TYR A 808 3.55 30.29 -14.53
C TYR A 808 4.73 30.27 -15.48
N SER A 809 5.87 30.80 -15.01
CA SER A 809 7.07 30.88 -15.84
C SER A 809 7.97 29.66 -15.64
N ARG A 810 8.27 29.33 -14.39
CA ARG A 810 9.23 28.28 -14.09
C ARG A 810 8.57 26.91 -14.13
N ARG A 811 9.35 25.90 -14.50
CA ARG A 811 8.89 24.51 -14.53
C ARG A 811 9.34 23.86 -13.23
N LEU A 812 8.41 23.75 -12.28
CA LEU A 812 8.74 23.28 -10.94
C LEU A 812 8.69 21.75 -10.83
N GLN A 814 9.96 19.76 -13.10
CA GLN A 814 11.28 19.37 -13.59
C GLN A 814 11.28 17.96 -14.14
N ILE A 820 11.56 11.54 -3.12
CA ILE A 820 11.91 12.28 -1.93
C ILE A 820 13.20 11.68 -1.39
N SER A 821 13.10 10.91 -0.31
CA SER A 821 14.24 10.14 0.18
C SER A 821 13.93 8.68 0.46
N GLU A 822 12.69 8.32 0.80
CA GLU A 822 12.24 6.94 0.95
C GLU A 822 12.82 6.28 2.20
N GLU A 823 13.78 6.92 2.85
CA GLU A 823 14.29 6.41 4.12
C GLU A 823 13.75 7.23 5.27
N ILE A 824 13.70 6.60 6.43
CA ILE A 824 13.12 7.20 7.63
C ILE A 824 14.21 7.89 8.44
N ASN A 825 13.89 9.07 8.94
CA ASN A 825 14.76 9.82 9.83
C ASN A 825 14.10 9.95 11.20
N GLU A 826 14.73 10.74 12.08
CA GLU A 826 14.23 10.89 13.44
C GLU A 826 12.81 11.43 13.47
N GLU A 827 12.46 12.32 12.52
CA GLU A 827 11.14 12.93 12.54
C GLU A 827 10.03 11.91 12.33
N ASP A 828 10.25 10.96 11.43
CA ASP A 828 9.23 9.94 11.16
C ASP A 828 9.05 9.00 12.34
N LEU A 829 10.14 8.67 13.03
CA LEU A 829 10.10 7.72 14.14
C LEU A 829 9.45 8.30 15.39
N LYS A 830 9.42 9.62 15.52
CA LYS A 830 8.89 10.25 16.72
C LYS A 830 7.46 9.84 17.01
N GLU A 831 6.67 9.58 15.97
CA GLU A 831 5.25 9.29 16.16
C GLU A 831 5.02 7.95 16.86
N CYS A 832 5.90 6.98 16.65
CA CYS A 832 5.71 5.66 17.24
C CYS A 832 5.84 5.68 18.76
N PHE A 833 6.68 6.56 19.29
CA PHE A 833 6.86 6.65 20.74
C PHE A 833 5.72 7.43 21.38
N TRP A 846 0.49 -8.61 35.02
CA TRP A 846 0.68 -7.36 35.76
C TRP A 846 -0.59 -6.53 35.68
N ASN A 847 -1.63 -6.98 36.40
CA ASN A 847 -2.93 -6.31 36.43
C ASN A 847 -3.58 -6.28 35.05
N THR A 848 -2.95 -6.93 34.08
CA THR A 848 -3.55 -7.18 32.78
C THR A 848 -4.04 -8.63 32.65
N TYR A 849 -3.29 -9.57 33.20
CA TYR A 849 -3.78 -10.94 33.32
C TYR A 849 -4.97 -10.99 34.28
N LEU A 850 -4.84 -10.33 35.43
CA LEU A 850 -5.87 -10.37 36.45
C LEU A 850 -7.16 -9.71 35.98
N ARG A 851 -7.04 -8.59 35.27
CA ARG A 851 -8.22 -7.92 34.76
C ARG A 851 -8.86 -8.69 33.62
N TYR A 852 -8.03 -9.33 32.78
CA TYR A 852 -8.55 -10.14 31.69
C TYR A 852 -9.31 -11.36 32.21
N ILE A 853 -8.80 -11.98 33.27
CA ILE A 853 -9.43 -13.18 33.79
C ILE A 853 -10.79 -12.87 34.41
N THR A 854 -10.87 -11.79 35.20
CA THR A 854 -12.08 -11.48 35.96
C THR A 854 -13.13 -10.74 35.14
N VAL A 855 -12.97 -10.69 33.81
CA VAL A 855 -14.03 -10.13 32.96
C VAL A 855 -15.28 -11.01 33.05
N HIS A 856 -15.09 -12.32 33.04
CA HIS A 856 -16.20 -13.26 32.93
C HIS A 856 -16.05 -14.32 34.02
N LYS A 857 -17.13 -14.56 34.77
CA LYS A 857 -17.06 -15.45 35.93
C LYS A 857 -16.99 -16.91 35.51
N SER A 858 -17.55 -17.24 34.35
CA SER A 858 -17.52 -18.61 33.86
C SER A 858 -16.09 -19.09 33.63
N LEU A 859 -15.18 -18.18 33.28
CA LEU A 859 -13.78 -18.56 33.12
C LEU A 859 -13.19 -19.00 34.47
N ILE A 860 -13.52 -18.29 35.53
CA ILE A 860 -13.05 -18.69 36.86
C ILE A 860 -13.60 -20.06 37.23
N PHE A 861 -14.89 -20.29 36.97
CA PHE A 861 -15.47 -21.59 37.29
C PHE A 861 -14.81 -22.71 36.49
N VAL A 862 -14.54 -22.47 35.21
CA VAL A 862 -13.91 -23.50 34.38
C VAL A 862 -12.50 -23.78 34.85
N LEU A 863 -11.76 -22.75 35.25
CA LEU A 863 -10.40 -22.97 35.74
C LEU A 863 -10.41 -23.75 37.05
N ILE A 864 -11.36 -23.48 37.93
CA ILE A 864 -11.46 -24.24 39.18
C ILE A 864 -11.78 -25.70 38.88
N TRP A 865 -12.68 -25.94 37.93
CA TRP A 865 -13.00 -27.31 37.51
C TRP A 865 -11.76 -28.04 37.00
N CYS A 866 -10.98 -27.37 36.15
CA CYS A 866 -9.77 -27.98 35.62
C CYS A 866 -8.77 -28.30 36.73
N LEU A 867 -8.62 -27.37 37.69
CA LEU A 867 -7.69 -27.59 38.79
C LEU A 867 -8.11 -28.79 39.64
N VAL A 868 -9.40 -28.92 39.93
CA VAL A 868 -9.88 -30.03 40.75
C VAL A 868 -9.62 -31.36 40.05
N ILE A 869 -9.90 -31.43 38.75
CA ILE A 869 -9.64 -32.68 38.04
C ILE A 869 -8.14 -32.99 38.01
N PHE A 870 -7.31 -31.96 37.86
CA PHE A 870 -5.87 -32.18 37.87
C PHE A 870 -5.40 -32.75 39.20
N LEU A 871 -5.91 -32.21 40.31
CA LEU A 871 -5.52 -32.72 41.62
C LEU A 871 -5.97 -34.16 41.81
N ALA A 872 -7.18 -34.49 41.35
CA ALA A 872 -7.65 -35.87 41.47
C ALA A 872 -6.77 -36.82 40.67
N GLU A 873 -6.38 -36.43 39.44
CA GLU A 873 -5.51 -37.27 38.64
C GLU A 873 -4.15 -37.45 39.30
N VAL A 874 -3.59 -36.38 39.88
CA VAL A 874 -2.30 -36.49 40.54
C VAL A 874 -2.38 -37.45 41.71
N ALA A 875 -3.44 -37.36 42.51
CA ALA A 875 -3.59 -38.26 43.64
C ALA A 875 -3.71 -39.72 43.19
N ALA A 876 -4.51 -39.97 42.14
CA ALA A 876 -4.67 -41.32 41.66
C ALA A 876 -3.35 -41.90 41.15
N SER A 877 -2.61 -41.11 40.38
CA SER A 877 -1.34 -41.59 39.84
C SER A 877 -0.34 -41.85 40.96
N LEU A 878 -0.33 -40.99 41.99
CA LEU A 878 0.59 -41.21 43.10
C LEU A 878 0.24 -42.48 43.85
N VAL A 879 -1.04 -42.74 44.08
CA VAL A 879 -1.44 -43.96 44.77
C VAL A 879 -1.03 -45.20 43.96
N VAL A 880 -1.29 -45.18 42.65
CA VAL A 880 -0.96 -46.33 41.82
C VAL A 880 0.54 -46.56 41.79
N LEU A 881 1.33 -45.49 41.69
CA LEU A 881 2.79 -45.63 41.66
C LEU A 881 3.32 -46.12 42.99
N TRP A 882 2.73 -45.67 44.10
CA TRP A 882 3.14 -46.17 45.41
C TRP A 882 2.80 -47.64 45.58
N LEU A 883 1.71 -48.11 44.95
CA LEU A 883 1.32 -49.50 45.11
C LEU A 883 2.41 -50.44 44.62
N LEU A 884 3.21 -50.03 43.65
CA LEU A 884 4.30 -50.86 43.15
C LEU A 884 5.53 -50.74 44.06
N TYR A 903 5.74 -63.45 35.17
CA TYR A 903 4.89 -62.48 34.50
C TYR A 903 5.43 -62.16 33.11
N ALA A 904 4.64 -61.43 32.32
CA ALA A 904 5.04 -61.03 30.99
C ALA A 904 6.09 -59.92 31.00
N VAL A 905 6.32 -59.28 32.14
CA VAL A 905 7.30 -58.20 32.26
C VAL A 905 8.35 -58.63 33.28
N ILE A 906 9.62 -58.47 32.93
CA ILE A 906 10.73 -58.92 33.76
C ILE A 906 11.31 -57.72 34.50
N ILE A 907 11.34 -57.80 35.82
CA ILE A 907 11.84 -56.73 36.67
C ILE A 907 12.67 -57.33 37.80
N THR A 908 13.85 -56.77 38.03
CA THR A 908 14.73 -57.21 39.11
C THR A 908 14.96 -56.07 40.09
N SER A 909 15.55 -56.41 41.24
CA SER A 909 15.75 -55.44 42.30
C SER A 909 16.70 -54.32 41.88
N THR A 910 17.71 -54.63 41.06
CA THR A 910 18.69 -53.64 40.65
C THR A 910 18.27 -52.84 39.41
N SER A 911 17.13 -53.19 38.79
CA SER A 911 16.63 -52.47 37.63
C SER A 911 15.24 -51.89 37.86
N SER A 912 14.79 -51.80 39.11
CA SER A 912 13.45 -51.30 39.40
C SER A 912 13.35 -49.78 39.29
N TYR A 913 14.46 -49.08 39.07
CA TYR A 913 14.44 -47.63 38.96
C TYR A 913 13.80 -47.15 37.66
N TYR A 914 13.58 -48.05 36.69
CA TYR A 914 12.95 -47.66 35.43
C TYR A 914 11.48 -47.27 35.60
N VAL A 915 10.87 -47.57 36.73
CA VAL A 915 9.46 -47.23 36.92
C VAL A 915 9.25 -45.73 36.83
N PHE A 916 10.12 -44.95 37.48
CA PHE A 916 9.97 -43.50 37.47
C PHE A 916 10.26 -42.93 36.10
N TYR A 917 11.23 -43.50 35.38
CA TYR A 917 11.54 -43.06 34.04
C TYR A 917 10.35 -43.27 33.11
N ILE A 918 9.72 -44.45 33.20
CA ILE A 918 8.55 -44.73 32.37
C ILE A 918 7.39 -43.82 32.75
N TYR A 919 7.19 -43.59 34.05
CA TYR A 919 6.12 -42.69 34.48
C TYR A 919 6.32 -41.29 33.92
N VAL A 920 7.54 -40.77 33.99
CA VAL A 920 7.80 -39.44 33.44
C VAL A 920 7.61 -39.46 31.93
N GLY A 921 7.96 -40.56 31.27
CA GLY A 921 7.78 -40.65 29.83
C GLY A 921 6.32 -40.66 29.40
N VAL A 922 5.44 -41.23 30.22
CA VAL A 922 4.02 -41.35 29.86
C VAL A 922 3.13 -40.38 30.61
N ALA A 923 3.69 -39.48 31.42
CA ALA A 923 2.87 -38.52 32.15
C ALA A 923 2.13 -37.54 31.25
N ASP A 924 2.62 -37.30 30.04
CA ASP A 924 1.95 -36.34 29.17
C ASP A 924 0.56 -36.81 28.74
N THR A 925 0.25 -38.09 28.91
CA THR A 925 -1.08 -38.63 28.64
C THR A 925 -1.96 -38.72 29.88
N LEU A 926 -1.37 -39.06 31.03
CA LEU A 926 -2.14 -39.17 32.26
C LEU A 926 -2.61 -37.82 32.77
N LEU A 927 -2.05 -36.72 32.25
CA LEU A 927 -2.39 -35.38 32.70
C LEU A 927 -3.01 -34.54 31.59
N ALA A 928 -3.32 -35.14 30.44
CA ALA A 928 -3.91 -34.40 29.32
C ALA A 928 -5.35 -34.01 29.63
N MET A 929 -5.73 -32.80 29.21
CA MET A 929 -7.07 -32.28 29.44
C MET A 929 -8.02 -32.79 28.35
N GLY A 930 -9.02 -33.56 28.75
CA GLY A 930 -10.00 -34.08 27.82
C GLY A 930 -11.02 -33.04 27.42
N PHE A 931 -11.97 -33.47 26.57
CA PHE A 931 -12.95 -32.54 26.03
C PHE A 931 -13.95 -32.06 27.07
N PHE A 932 -14.00 -32.69 28.25
CA PHE A 932 -14.75 -32.11 29.35
C PHE A 932 -14.04 -30.92 29.98
N ARG A 933 -12.76 -30.72 29.67
CA ARG A 933 -11.99 -29.59 30.17
C ARG A 933 -11.50 -28.66 29.08
N GLY A 934 -11.24 -29.16 27.88
CA GLY A 934 -10.68 -28.36 26.81
C GLY A 934 -11.66 -27.45 26.09
N LEU A 935 -12.90 -27.88 25.93
CA LEU A 935 -13.89 -27.15 25.14
C LEU A 935 -14.50 -25.96 25.88
N PRO A 936 -14.94 -26.13 27.15
CA PRO A 936 -15.46 -24.96 27.88
C PRO A 936 -14.45 -23.84 28.01
N LEU A 937 -13.17 -24.18 28.15
CA LEU A 937 -12.14 -23.15 28.28
C LEU A 937 -12.10 -22.24 27.06
N VAL A 938 -12.06 -22.84 25.87
CA VAL A 938 -12.01 -22.07 24.63
C VAL A 938 -13.31 -21.30 24.43
N HIS A 939 -14.44 -21.93 24.76
CA HIS A 939 -15.73 -21.26 24.63
C HIS A 939 -15.77 -19.97 25.44
N THR A 940 -15.36 -20.07 26.71
CA THR A 940 -15.36 -18.90 27.59
C THR A 940 -14.33 -17.86 27.15
N LEU A 941 -13.19 -18.32 26.63
CA LEU A 941 -12.18 -17.37 26.16
C LEU A 941 -12.67 -16.58 24.96
N ILE A 942 -13.51 -17.18 24.11
CA ILE A 942 -14.11 -16.41 23.03
C ILE A 942 -15.18 -15.44 23.54
N THR A 943 -15.96 -15.86 24.54
CA THR A 943 -16.96 -14.96 25.11
C THR A 943 -16.31 -13.72 25.71
N VAL A 944 -15.13 -13.88 26.31
CA VAL A 944 -14.42 -12.74 26.89
C VAL A 944 -14.12 -11.70 25.83
N SER A 945 -13.63 -12.13 24.66
CA SER A 945 -13.30 -11.20 23.60
C SER A 945 -14.55 -10.53 23.04
N LYS A 946 -15.67 -11.26 22.98
CA LYS A 946 -16.92 -10.62 22.56
C LYS A 946 -17.28 -9.47 23.50
N ILE A 947 -17.22 -9.72 24.81
CA ILE A 947 -17.56 -8.69 25.77
C ILE A 947 -16.62 -7.49 25.63
N LEU A 948 -15.32 -7.76 25.45
CA LEU A 948 -14.35 -6.67 25.37
C LEU A 948 -14.57 -5.82 24.12
N HIS A 949 -14.89 -6.45 22.98
CA HIS A 949 -15.19 -5.67 21.78
C HIS A 949 -16.41 -4.78 21.98
N HIS A 950 -17.46 -5.32 22.61
CA HIS A 950 -18.64 -4.50 22.85
C HIS A 950 -18.30 -3.30 23.73
N LYS A 951 -17.56 -3.52 24.81
CA LYS A 951 -17.18 -2.42 25.70
C LYS A 951 -16.32 -1.39 24.97
N MET A 952 -15.40 -1.86 24.12
CA MET A 952 -14.51 -0.95 23.41
C MET A 952 -15.29 -0.04 22.46
N LEU A 953 -16.23 -0.61 21.71
CA LEU A 953 -17.05 0.21 20.82
C LEU A 953 -17.88 1.22 21.61
N HIS A 954 -18.50 0.76 22.71
CA HIS A 954 -19.30 1.67 23.53
C HIS A 954 -18.46 2.81 24.08
N SER A 955 -17.26 2.51 24.57
CA SER A 955 -16.38 3.55 25.11
C SER A 955 -15.96 4.54 24.04
N VAL A 956 -15.67 4.05 22.82
CA VAL A 956 -15.24 4.95 21.76
C VAL A 956 -16.37 5.91 21.38
N LEU A 957 -17.60 5.40 21.23
CA LEU A 957 -18.67 6.28 20.79
C LEU A 957 -19.06 7.34 21.81
N GLN A 958 -18.69 7.17 23.08
CA GLN A 958 -19.09 8.09 24.14
C GLN A 958 -18.04 9.13 24.48
N ALA A 959 -16.88 9.10 23.84
CA ALA A 959 -15.78 9.99 24.20
C ALA A 959 -16.06 11.42 23.76
N PRO A 960 -15.47 12.41 24.45
CA PRO A 960 -15.61 13.80 24.00
C PRO A 960 -14.88 14.06 22.69
N MET A 961 -15.34 15.09 21.98
CA MET A 961 -14.77 15.41 20.69
C MET A 961 -13.30 15.81 20.77
N SER A 962 -12.88 16.41 21.89
CA SER A 962 -11.48 16.81 22.02
C SER A 962 -10.55 15.60 21.96
N THR A 963 -10.98 14.49 22.58
CA THR A 963 -10.19 13.26 22.51
C THR A 963 -10.23 12.64 21.13
N LEU A 964 -11.39 12.66 20.48
CA LEU A 964 -11.55 11.96 19.20
C LEU A 964 -10.81 12.64 18.07
N ASN A 965 -10.65 13.97 18.12
CA ASN A 965 -9.97 14.67 17.04
C ASN A 965 -8.50 14.28 16.92
N THR A 966 -7.87 13.91 18.03
CA THR A 966 -6.46 13.54 18.00
C THR A 966 -6.22 12.14 17.45
N LEU A 967 -7.22 11.28 17.45
CA LEU A 967 -7.06 9.94 16.90
C LEU A 967 -6.98 9.98 15.38
N LYS A 968 -6.27 9.01 14.83
CA LYS A 968 -6.10 8.89 13.39
C LYS A 968 -6.87 7.68 12.86
N ALA A 969 -7.26 7.76 11.59
CA ALA A 969 -8.06 6.69 10.99
C ALA A 969 -7.30 5.37 10.98
N GLY A 970 -6.02 5.40 10.65
CA GLY A 970 -5.24 4.18 10.59
C GLY A 970 -5.07 3.51 11.92
N GLY A 971 -4.96 4.28 13.00
CA GLY A 971 -4.85 3.71 14.32
C GLY A 971 -6.14 3.03 14.77
N ILE A 972 -7.27 3.66 14.47
CA ILE A 972 -8.57 3.05 14.80
C ILE A 972 -8.77 1.77 14.01
N LEU A 973 -8.45 1.79 12.71
CA LEU A 973 -8.54 0.57 11.92
C LEU A 973 -7.60 -0.50 12.46
N ASN A 974 -6.39 -0.12 12.85
CA ASN A 974 -5.44 -1.08 13.40
C ASN A 974 -6.00 -1.74 14.66
N ARG A 975 -6.52 -0.93 15.58
CA ARG A 975 -6.95 -1.48 16.86
C ARG A 975 -8.27 -2.24 16.76
N PHE A 976 -9.15 -1.88 15.82
CA PHE A 976 -10.37 -2.65 15.64
C PHE A 976 -10.19 -3.86 14.72
N SER A 977 -9.10 -3.96 13.98
CA SER A 977 -8.90 -5.13 13.14
C SER A 977 -7.90 -6.12 13.75
N LYS A 978 -6.66 -5.68 13.97
CA LYS A 978 -5.60 -6.62 14.30
C LYS A 978 -5.76 -7.15 15.72
N ASP A 979 -6.04 -6.27 16.68
CA ASP A 979 -6.17 -6.70 18.07
C ASP A 979 -7.40 -7.58 18.25
N ILE A 980 -8.50 -7.24 17.58
CA ILE A 980 -9.70 -8.06 17.67
C ILE A 980 -9.47 -9.43 17.05
N ALA A 981 -8.81 -9.48 15.90
CA ALA A 981 -8.51 -10.78 15.29
C ALA A 981 -7.60 -11.62 16.18
N ILE A 982 -6.62 -10.99 16.82
CA ILE A 982 -5.74 -11.72 17.72
C ILE A 982 -6.51 -12.26 18.92
N LEU A 983 -7.39 -11.45 19.50
CA LEU A 983 -8.15 -11.90 20.65
C LEU A 983 -9.13 -13.00 20.29
N ASP A 984 -9.58 -13.04 19.02
CA ASP A 984 -10.55 -14.06 18.62
C ASP A 984 -9.90 -15.37 18.19
N ASP A 985 -8.76 -15.33 17.49
CA ASP A 985 -8.17 -16.54 16.92
C ASP A 985 -7.00 -17.09 17.74
N LEU A 986 -5.97 -16.27 17.97
CA LEU A 986 -4.70 -16.80 18.44
C LEU A 986 -4.71 -17.07 19.94
N LEU A 987 -5.18 -16.10 20.73
CA LEU A 987 -5.05 -16.20 22.18
C LEU A 987 -5.74 -17.42 22.80
N PRO A 988 -6.98 -17.76 22.46
CA PRO A 988 -7.63 -18.90 23.15
C PRO A 988 -6.91 -20.22 22.97
N LEU A 989 -6.34 -20.48 21.80
CA LEU A 989 -5.66 -21.75 21.57
C LEU A 989 -4.22 -21.74 22.04
N THR A 990 -3.62 -20.56 22.26
CA THR A 990 -2.28 -20.49 22.82
C THR A 990 -2.29 -20.65 24.34
N ILE A 991 -3.29 -20.04 24.98
CA ILE A 991 -3.44 -20.18 26.43
C ILE A 991 -3.66 -21.65 26.79
N PHE A 992 -4.40 -22.38 25.94
CA PHE A 992 -4.65 -23.79 26.18
C PHE A 992 -3.36 -24.59 26.24
N ASP A 993 -2.47 -24.42 25.25
CA ASP A 993 -1.21 -25.14 25.24
C ASP A 993 -0.33 -24.74 26.42
N PHE A 994 -0.31 -23.44 26.76
CA PHE A 994 0.52 -23.03 27.89
C PHE A 994 0.05 -23.71 29.18
N ILE A 995 -1.26 -23.73 29.41
CA ILE A 995 -1.79 -24.35 30.62
C ILE A 995 -1.52 -25.85 30.63
N GLN A 996 -1.68 -26.50 29.48
CA GLN A 996 -1.43 -27.94 29.40
C GLN A 996 0.02 -28.26 29.77
N LEU A 997 0.97 -27.50 29.21
CA LEU A 997 2.37 -27.74 29.52
C LEU A 997 2.68 -27.50 30.99
N LEU A 998 2.10 -26.43 31.57
CA LEU A 998 2.31 -26.17 32.99
C LEU A 998 1.81 -27.32 33.84
N LEU A 999 0.60 -27.82 33.53
CA LEU A 999 0.04 -28.92 34.33
C LEU A 999 0.89 -30.17 34.22
N ILE A 1000 1.37 -30.49 33.03
CA ILE A 1000 2.21 -31.68 32.86
C ILE A 1000 3.47 -31.56 33.71
N VAL A 1001 4.15 -30.41 33.62
CA VAL A 1001 5.40 -30.25 34.35
C VAL A 1001 5.18 -30.32 35.85
N ILE A 1002 4.17 -29.60 36.35
CA ILE A 1002 3.91 -29.56 37.79
C ILE A 1002 3.51 -30.93 38.31
N GLY A 1003 2.67 -31.65 37.57
CA GLY A 1003 2.25 -32.97 38.03
C GLY A 1003 3.39 -33.95 38.07
N ALA A 1004 4.24 -33.96 37.04
CA ALA A 1004 5.38 -34.87 37.04
C ALA A 1004 6.31 -34.56 38.20
N ILE A 1005 6.62 -33.27 38.42
CA ILE A 1005 7.53 -32.90 39.49
C ILE A 1005 6.96 -33.31 40.85
N ALA A 1006 5.68 -33.00 41.10
CA ALA A 1006 5.09 -33.32 42.39
C ALA A 1006 5.07 -34.81 42.64
N VAL A 1007 4.61 -35.60 41.65
CA VAL A 1007 4.50 -37.03 41.85
C VAL A 1007 5.86 -37.66 42.09
N VAL A 1008 6.87 -37.27 41.32
CA VAL A 1008 8.18 -37.87 41.49
C VAL A 1008 8.80 -37.43 42.81
N ALA A 1009 8.66 -36.15 43.17
CA ALA A 1009 9.32 -35.65 44.37
C ALA A 1009 8.68 -36.16 45.64
N VAL A 1010 7.39 -36.53 45.60
CA VAL A 1010 6.78 -37.08 46.80
C VAL A 1010 7.46 -38.38 47.22
N LEU A 1011 7.70 -39.27 46.25
CA LEU A 1011 8.32 -40.56 46.52
C LEU A 1011 9.83 -40.52 46.56
N GLN A 1012 10.45 -39.43 46.07
CA GLN A 1012 11.89 -39.26 46.15
C GLN A 1012 12.22 -37.76 46.17
N PRO A 1013 12.47 -37.19 47.34
CA PRO A 1013 12.58 -35.72 47.43
C PRO A 1013 13.87 -35.14 46.84
N TYR A 1014 14.83 -35.96 46.44
CA TYR A 1014 16.07 -35.42 45.89
C TYR A 1014 15.94 -34.94 44.46
N ILE A 1015 14.85 -35.27 43.77
CA ILE A 1015 14.67 -34.78 42.41
C ILE A 1015 14.38 -33.28 42.41
N PHE A 1016 13.55 -32.82 43.35
CA PHE A 1016 13.19 -31.41 43.41
C PHE A 1016 14.42 -30.55 43.70
N VAL A 1017 15.29 -31.02 44.60
CA VAL A 1017 16.51 -30.29 44.92
C VAL A 1017 17.38 -30.17 43.67
N ALA A 1018 17.42 -31.21 42.85
CA ALA A 1018 18.19 -31.16 41.62
C ALA A 1018 17.58 -30.21 40.61
N THR A 1019 16.25 -30.13 40.54
CA THR A 1019 15.59 -29.29 39.54
C THR A 1019 15.57 -27.82 39.91
N VAL A 1020 15.74 -27.47 41.19
CA VAL A 1020 15.60 -26.07 41.62
C VAL A 1020 16.50 -25.10 40.84
N PRO A 1021 17.82 -25.33 40.74
CA PRO A 1021 18.69 -24.32 40.10
C PRO A 1021 18.36 -24.04 38.64
N VAL A 1022 17.94 -25.05 37.87
CA VAL A 1022 17.62 -24.82 36.47
C VAL A 1022 16.35 -23.99 36.34
N ILE A 1023 15.38 -24.24 37.21
CA ILE A 1023 14.17 -23.42 37.25
C ILE A 1023 14.54 -21.97 37.55
N VAL A 1024 15.43 -21.77 38.52
CA VAL A 1024 15.85 -20.42 38.89
C VAL A 1024 16.51 -19.73 37.69
N ALA A 1025 17.39 -20.44 37.00
CA ALA A 1025 18.09 -19.85 35.85
C ALA A 1025 17.11 -19.45 34.76
N PHE A 1026 16.15 -20.32 34.43
CA PHE A 1026 15.17 -19.97 33.41
C PHE A 1026 14.34 -18.77 33.82
N ILE A 1027 13.91 -18.71 35.09
CA ILE A 1027 13.07 -17.60 35.53
C ILE A 1027 13.86 -16.29 35.46
N MET A 1028 15.12 -16.31 35.88
CA MET A 1028 15.93 -15.09 35.84
C MET A 1028 16.14 -14.61 34.40
N LEU A 1029 16.45 -15.53 33.49
CA LEU A 1029 16.65 -15.10 32.11
C LEU A 1029 15.37 -14.55 31.50
N ARG A 1030 14.23 -15.18 31.79
CA ARG A 1030 12.96 -14.70 31.27
C ARG A 1030 12.65 -13.30 31.79
N ALA A 1031 12.87 -13.07 33.09
CA ALA A 1031 12.63 -11.76 33.67
C ALA A 1031 13.53 -10.71 33.04
N TYR A 1032 14.79 -11.05 32.77
CA TYR A 1032 15.68 -10.11 32.11
C TYR A 1032 15.20 -9.78 30.71
N PHE A 1033 14.74 -10.79 29.96
CA PHE A 1033 14.38 -10.59 28.56
C PHE A 1033 13.11 -9.77 28.38
N LEU A 1034 12.10 -10.04 29.21
CA LEU A 1034 10.78 -9.42 28.97
C LEU A 1034 10.84 -7.90 29.06
N GLN A 1035 11.76 -7.35 29.86
CA GLN A 1035 11.85 -5.90 30.05
C GLN A 1035 11.98 -5.17 28.71
N THR A 1036 12.83 -5.68 27.82
CA THR A 1036 13.01 -5.08 26.51
C THR A 1036 12.05 -5.66 25.47
N SER A 1037 11.67 -6.94 25.62
CA SER A 1037 10.76 -7.54 24.66
C SER A 1037 9.42 -6.81 24.62
N GLN A 1038 8.90 -6.45 25.79
CA GLN A 1038 7.59 -5.79 25.84
C GLN A 1038 7.63 -4.42 25.17
N GLN A 1039 8.69 -3.66 25.41
CA GLN A 1039 8.83 -2.35 24.78
C GLN A 1039 8.94 -2.46 23.27
N LEU A 1040 9.75 -3.41 22.78
CA LEU A 1040 9.89 -3.58 21.34
C LEU A 1040 8.56 -4.02 20.72
N LYS A 1041 7.81 -4.87 21.42
CA LYS A 1041 6.52 -5.31 20.90
C LYS A 1041 5.53 -4.15 20.83
N GLN A 1042 5.54 -3.28 21.84
CA GLN A 1042 4.66 -2.11 21.80
C GLN A 1042 5.02 -1.19 20.64
N LEU A 1043 6.32 -0.98 20.42
CA LEU A 1043 6.74 -0.15 19.30
C LEU A 1043 6.30 -0.75 17.96
N GLU A 1044 6.47 -2.06 17.80
CA GLU A 1044 6.08 -2.71 16.55
C GLU A 1044 4.57 -2.63 16.35
N SER A 1045 3.79 -2.80 17.41
CA SER A 1045 2.34 -2.69 17.29
C SER A 1045 1.93 -1.28 16.89
N GLU A 1046 2.59 -0.27 17.43
CA GLU A 1046 2.24 1.10 17.08
C GLU A 1046 2.67 1.46 15.66
N GLY A 1047 3.64 0.74 15.10
CA GLY A 1047 4.16 1.06 13.78
C GLY A 1047 3.28 0.67 12.62
N ARG A 1048 2.18 -0.04 12.87
CA ARG A 1048 1.30 -0.47 11.79
C ARG A 1048 0.33 0.61 11.34
N SER A 1049 0.11 1.64 12.16
CA SER A 1049 -0.88 2.65 11.84
C SER A 1049 -0.60 3.47 10.59
N PRO A 1050 0.62 3.99 10.35
CA PRO A 1050 0.82 4.86 9.17
C PRO A 1050 0.53 4.17 7.85
N ILE A 1051 0.71 2.86 7.76
CA ILE A 1051 0.42 2.15 6.52
C ILE A 1051 -1.07 2.23 6.21
N PHE A 1052 -1.91 1.98 7.21
CA PHE A 1052 -3.35 2.07 7.00
C PHE A 1052 -3.81 3.49 6.79
N THR A 1053 -3.19 4.45 7.48
CA THR A 1053 -3.54 5.84 7.24
C THR A 1053 -3.26 6.26 5.80
N HIS A 1054 -2.08 5.87 5.29
CA HIS A 1054 -1.76 6.19 3.90
C HIS A 1054 -2.70 5.49 2.94
N LEU A 1055 -3.06 4.23 3.22
CA LEU A 1055 -3.96 3.51 2.33
C LEU A 1055 -5.34 4.19 2.26
N VAL A 1056 -5.85 4.60 3.42
CA VAL A 1056 -7.15 5.26 3.46
C VAL A 1056 -7.11 6.58 2.70
N THR A 1057 -6.10 7.42 2.99
CA THR A 1057 -6.04 8.71 2.34
C THR A 1057 -5.74 8.58 0.85
N SER A 1058 -5.09 7.49 0.43
CA SER A 1058 -4.86 7.27 -0.99
C SER A 1058 -6.14 6.88 -1.70
N LEU A 1059 -6.96 6.03 -1.07
CA LEU A 1059 -8.22 5.66 -1.72
C LEU A 1059 -9.18 6.84 -1.78
N LYS A 1060 -9.17 7.71 -0.77
CA LYS A 1060 -10.11 8.83 -0.79
C LYS A 1060 -9.83 9.83 -1.91
N GLY A 1061 -8.57 9.97 -2.32
CA GLY A 1061 -8.23 11.00 -3.29
C GLY A 1061 -7.65 10.53 -4.59
N LEU A 1062 -8.09 9.36 -5.07
CA LEU A 1062 -7.45 8.72 -6.22
C LEU A 1062 -7.61 9.55 -7.49
N TRP A 1063 -8.80 10.11 -7.72
CA TRP A 1063 -9.01 10.88 -8.94
C TRP A 1063 -8.15 12.14 -8.97
N THR A 1064 -7.96 12.80 -7.83
CA THR A 1064 -7.08 13.95 -7.78
C THR A 1064 -5.63 13.54 -8.07
N LEU A 1065 -5.21 12.39 -7.53
CA LEU A 1065 -3.86 11.92 -7.77
C LEU A 1065 -3.63 11.62 -9.24
N ARG A 1066 -4.59 10.97 -9.90
CA ARG A 1066 -4.40 10.67 -11.32
C ARG A 1066 -4.57 11.90 -12.20
N ALA A 1067 -5.37 12.88 -11.76
CA ALA A 1067 -5.50 14.12 -12.53
C ALA A 1067 -4.21 14.94 -12.49
N PHE A 1068 -3.62 15.10 -11.30
CA PHE A 1068 -2.40 15.88 -11.21
C PHE A 1068 -1.18 15.11 -11.70
N GLY A 1069 -1.12 13.81 -11.40
CA GLY A 1069 0.04 13.01 -11.78
C GLY A 1069 1.06 12.82 -10.68
N ARG A 1070 0.63 12.72 -9.43
CA ARG A 1070 1.52 12.60 -8.27
C ARG A 1070 1.63 11.17 -7.76
N GLN A 1071 1.58 10.16 -8.63
CA GLN A 1071 1.71 8.79 -8.15
C GLN A 1071 3.07 8.50 -7.51
N PRO A 1072 4.22 8.88 -8.10
CA PRO A 1072 5.50 8.55 -7.47
C PRO A 1072 5.67 9.14 -6.08
N TYR A 1073 5.12 10.32 -5.83
CA TYR A 1073 5.19 10.93 -4.51
C TYR A 1073 4.54 10.04 -3.46
N PHE A 1074 3.34 9.55 -3.74
CA PHE A 1074 2.64 8.70 -2.80
C PHE A 1074 3.28 7.32 -2.69
N GLU A 1075 3.86 6.82 -3.77
CA GLU A 1075 4.61 5.57 -3.67
C GLU A 1075 5.82 5.71 -2.75
N THR A 1076 6.52 6.84 -2.83
CA THR A 1076 7.64 7.07 -1.93
C THR A 1076 7.19 7.17 -0.48
N LEU A 1077 6.05 7.82 -0.24
CA LEU A 1077 5.55 7.92 1.13
C LEU A 1077 5.18 6.53 1.67
N PHE A 1078 4.58 5.68 0.83
CA PHE A 1078 4.24 4.33 1.28
C PHE A 1078 5.49 3.51 1.58
N HIS A 1079 6.55 3.67 0.76
CA HIS A 1079 7.81 2.99 1.05
C HIS A 1079 8.39 3.45 2.38
N LYS A 1080 8.28 4.74 2.68
CA LYS A 1080 8.74 5.23 3.97
C LYS A 1080 7.98 4.57 5.13
N ALA A 1081 6.66 4.45 4.99
CA ALA A 1081 5.89 3.79 6.04
C ALA A 1081 6.30 2.32 6.22
N LEU A 1082 6.52 1.60 5.12
CA LEU A 1082 6.93 0.21 5.22
C LEU A 1082 8.28 0.08 5.92
N ASN A 1083 9.23 0.97 5.59
CA ASN A 1083 10.53 0.94 6.25
C ASN A 1083 10.40 1.24 7.74
N LEU A 1084 9.49 2.16 8.10
CA LEU A 1084 9.24 2.45 9.50
C LEU A 1084 8.81 1.19 10.26
N HIS A 1085 7.88 0.42 9.68
CA HIS A 1085 7.45 -0.81 10.35
C HIS A 1085 8.60 -1.83 10.45
N THR A 1086 9.36 -1.99 9.36
CA THR A 1086 10.42 -2.99 9.33
C THR A 1086 11.49 -2.71 10.38
N ALA A 1087 11.78 -1.44 10.64
CA ALA A 1087 12.83 -1.09 11.61
C ALA A 1087 12.56 -1.71 12.97
N ASN A 1088 11.30 -1.74 13.40
CA ASN A 1088 10.97 -2.31 14.70
C ASN A 1088 10.82 -3.82 14.63
N TRP A 1089 10.20 -4.32 13.55
CA TRP A 1089 9.92 -5.76 13.47
C TRP A 1089 11.22 -6.57 13.45
N PHE A 1090 12.23 -6.07 12.75
CA PHE A 1090 13.48 -6.81 12.63
C PHE A 1090 14.18 -6.96 13.99
N LEU A 1091 14.22 -5.87 14.76
CA LEU A 1091 14.83 -5.93 16.09
C LEU A 1091 14.07 -6.86 17.02
N TYR A 1092 12.73 -6.85 16.93
CA TYR A 1092 11.95 -7.77 17.76
C TYR A 1092 12.34 -9.21 17.46
N LEU A 1093 12.38 -9.58 16.18
CA LEU A 1093 12.71 -10.96 15.83
C LEU A 1093 14.12 -11.33 16.27
N SER A 1094 15.07 -10.40 16.11
CA SER A 1094 16.45 -10.71 16.47
C SER A 1094 16.60 -10.97 17.96
N THR A 1095 15.96 -10.13 18.80
CA THR A 1095 16.06 -10.36 20.24
C THR A 1095 15.35 -11.65 20.65
N LEU A 1096 14.24 -12.00 20.00
CA LEU A 1096 13.58 -13.27 20.32
C LEU A 1096 14.49 -14.45 20.01
N ARG A 1097 15.17 -14.43 18.87
CA ARG A 1097 16.11 -15.50 18.53
C ARG A 1097 17.24 -15.58 19.55
N TRP A 1098 17.76 -14.43 19.97
CA TRP A 1098 18.82 -14.42 20.98
C TRP A 1098 18.36 -15.12 22.25
N PHE A 1099 17.16 -14.78 22.73
CA PHE A 1099 16.65 -15.39 23.96
C PHE A 1099 16.52 -16.89 23.83
N GLN A 1100 15.94 -17.35 22.72
CA GLN A 1100 15.73 -18.79 22.55
C GLN A 1100 17.06 -19.54 22.55
N MET A 1101 18.06 -18.99 21.85
CA MET A 1101 19.36 -19.65 21.78
C MET A 1101 20.02 -19.69 23.15
N ARG A 1102 19.88 -18.63 23.95
CA ARG A 1102 20.47 -18.64 25.28
C ARG A 1102 19.79 -19.68 26.19
N ILE A 1103 18.47 -19.83 26.08
CA ILE A 1103 17.78 -20.84 26.87
C ILE A 1103 18.30 -22.24 26.53
N GLU A 1104 18.43 -22.52 25.23
CA GLU A 1104 18.90 -23.85 24.84
C GLU A 1104 20.35 -24.07 25.30
N MET A 1105 21.18 -23.03 25.24
CA MET A 1105 22.56 -23.16 25.69
C MET A 1105 22.65 -23.45 27.18
N ILE A 1106 21.80 -22.81 27.99
CA ILE A 1106 21.79 -23.08 29.42
C ILE A 1106 21.43 -24.54 29.67
N PHE A 1107 20.40 -25.03 28.97
CA PHE A 1107 20.00 -26.43 29.12
C PHE A 1107 21.15 -27.36 28.77
N VAL A 1108 21.83 -27.08 27.66
CA VAL A 1108 22.91 -27.94 27.19
C VAL A 1108 24.05 -27.99 28.21
N ILE A 1109 24.41 -26.84 28.78
CA ILE A 1109 25.54 -26.83 29.71
C ILE A 1109 25.19 -27.58 31.00
N PHE A 1110 23.96 -27.44 31.50
CA PHE A 1110 23.57 -28.21 32.68
C PHE A 1110 23.60 -29.70 32.38
N PHE A 1111 23.13 -30.09 31.20
CA PHE A 1111 23.10 -31.50 30.84
C PHE A 1111 24.52 -32.07 30.75
N ILE A 1112 25.46 -31.32 30.16
CA ILE A 1112 26.84 -31.80 30.07
C ILE A 1112 27.42 -32.02 31.46
N ALA A 1113 27.22 -31.04 32.35
CA ALA A 1113 27.79 -31.16 33.69
C ALA A 1113 27.23 -32.39 34.42
N VAL A 1114 25.90 -32.56 34.38
CA VAL A 1114 25.31 -33.68 35.12
C VAL A 1114 25.68 -35.01 34.47
N THR A 1115 25.82 -35.04 33.13
CA THR A 1115 26.21 -36.28 32.46
C THR A 1115 27.59 -36.74 32.90
N PHE A 1116 28.57 -35.82 32.89
CA PHE A 1116 29.90 -36.22 33.31
C PHE A 1116 29.95 -36.58 34.80
N ILE A 1117 29.21 -35.84 35.64
CA ILE A 1117 29.18 -36.19 37.06
C ILE A 1117 28.62 -37.59 37.25
N SER A 1118 27.53 -37.91 36.53
CA SER A 1118 26.92 -39.23 36.65
C SER A 1118 27.87 -40.33 36.20
N ILE A 1119 28.57 -40.13 35.08
CA ILE A 1119 29.45 -41.18 34.58
C ILE A 1119 30.63 -41.39 35.51
N LEU A 1120 31.18 -40.30 36.07
CA LEU A 1120 32.35 -40.46 36.93
C LEU A 1120 32.00 -40.99 38.31
N THR A 1121 30.82 -40.65 38.84
CA THR A 1121 30.50 -40.99 40.21
C THR A 1121 30.28 -42.49 40.41
N THR A 1122 29.71 -43.17 39.42
CA THR A 1122 29.36 -44.57 39.60
C THR A 1122 30.61 -45.42 39.79
N GLY A 1123 30.54 -46.35 40.75
CA GLY A 1123 31.67 -47.19 41.08
C GLY A 1123 31.48 -48.65 40.72
N GLU A 1124 31.65 -49.54 41.70
CA GLU A 1124 31.49 -50.97 41.50
C GLU A 1124 30.07 -51.45 41.75
N GLY A 1125 29.16 -50.55 42.12
CA GLY A 1125 27.79 -50.95 42.41
C GLY A 1125 26.76 -50.07 41.74
N GLU A 1126 25.58 -49.97 42.35
CA GLU A 1126 24.54 -49.08 41.84
C GLU A 1126 25.02 -47.64 41.85
N GLY A 1127 24.80 -46.95 40.72
CA GLY A 1127 25.05 -45.53 40.66
C GLY A 1127 23.80 -44.74 40.94
N ARG A 1128 23.64 -44.26 42.17
CA ARG A 1128 22.39 -43.66 42.59
C ARG A 1128 22.29 -42.18 42.25
N VAL A 1129 23.42 -41.49 42.09
CA VAL A 1129 23.40 -40.07 41.76
C VAL A 1129 22.90 -39.84 40.33
N GLY A 1130 23.35 -40.68 39.40
CA GLY A 1130 23.02 -40.48 38.00
C GLY A 1130 21.55 -40.64 37.71
N ILE A 1131 20.87 -41.54 38.45
CA ILE A 1131 19.44 -41.73 38.26
C ILE A 1131 18.68 -40.44 38.54
N ILE A 1132 18.97 -39.83 39.69
CA ILE A 1132 18.29 -38.59 40.08
C ILE A 1132 18.61 -37.49 39.08
N LEU A 1133 19.88 -37.35 38.71
CA LEU A 1133 20.29 -36.24 37.85
C LEU A 1133 19.65 -36.36 36.47
N THR A 1134 19.66 -37.57 35.90
CA THR A 1134 19.11 -37.76 34.57
C THR A 1134 17.59 -37.60 34.56
N LEU A 1135 16.90 -38.04 35.62
CA LEU A 1135 15.45 -37.84 35.66
C LEU A 1135 15.10 -36.35 35.78
N ALA A 1136 15.88 -35.61 36.56
CA ALA A 1136 15.66 -34.17 36.67
C ALA A 1136 15.83 -33.49 35.31
N MET A 1137 16.87 -33.88 34.56
CA MET A 1137 17.04 -33.30 33.24
C MET A 1137 15.92 -33.68 32.29
N ASN A 1138 15.40 -34.91 32.41
CA ASN A 1138 14.27 -35.29 31.57
C ASN A 1138 13.03 -34.45 31.85
N ILE A 1139 12.87 -33.98 33.09
CA ILE A 1139 11.75 -33.06 33.36
C ILE A 1139 12.05 -31.65 32.84
N MET A 1140 13.29 -31.19 32.99
CA MET A 1140 13.64 -29.86 32.50
C MET A 1140 13.48 -29.75 30.99
N SER A 1141 13.56 -30.87 30.27
CA SER A 1141 13.33 -30.86 28.83
C SER A 1141 11.95 -30.31 28.49
N THR A 1142 10.91 -30.71 29.24
CA THR A 1142 9.57 -30.17 29.04
C THR A 1142 9.43 -28.77 29.63
N LEU A 1143 10.14 -28.49 30.72
CA LEU A 1143 10.07 -27.14 31.29
C LEU A 1143 10.51 -26.08 30.27
N GLN A 1144 11.50 -26.41 29.44
CA GLN A 1144 11.96 -25.47 28.42
C GLN A 1144 10.84 -25.07 27.46
N TRP A 1145 10.09 -26.06 26.96
CA TRP A 1145 8.98 -25.78 26.06
C TRP A 1145 7.88 -24.99 26.75
N ALA A 1146 7.65 -25.27 28.04
CA ALA A 1146 6.69 -24.45 28.79
C ALA A 1146 7.13 -22.99 28.84
N VAL A 1147 8.43 -22.75 29.00
CA VAL A 1147 8.93 -21.37 29.08
C VAL A 1147 8.73 -20.66 27.73
N ASN A 1148 9.00 -21.36 26.63
CA ASN A 1148 8.77 -20.72 25.32
C ASN A 1148 7.30 -20.40 25.11
N SER A 1149 6.40 -21.29 25.55
CA SER A 1149 4.97 -20.98 25.46
C SER A 1149 4.61 -19.77 26.30
N SER A 1150 5.23 -19.62 27.47
CA SER A 1150 4.97 -18.44 28.29
C SER A 1150 5.39 -17.16 27.57
N ILE A 1151 6.53 -17.21 26.88
CA ILE A 1151 6.97 -16.02 26.14
C ILE A 1151 5.97 -15.67 25.04
N ASP A 1152 5.45 -16.68 24.35
CA ASP A 1152 4.46 -16.41 23.30
C ASP A 1152 3.18 -15.80 23.87
N VAL A 1153 2.70 -16.32 25.00
CA VAL A 1153 1.49 -15.78 25.61
C VAL A 1153 1.70 -14.32 26.01
N ASP A 1154 2.85 -14.03 26.62
CA ASP A 1154 3.15 -12.65 27.00
C ASP A 1154 3.22 -11.74 25.79
N SER A 1155 3.73 -12.25 24.67
CA SER A 1155 3.73 -11.47 23.44
C SER A 1155 2.31 -11.15 22.99
N LEU A 1156 1.40 -12.12 23.10
CA LEU A 1156 0.04 -11.89 22.63
C LEU A 1156 -0.75 -10.95 23.55
N MET A 1157 -0.38 -10.86 24.82
CA MET A 1157 -1.19 -10.07 25.75
C MET A 1157 -1.09 -8.55 25.54
N ARG A 1158 -0.17 -8.09 24.69
CA ARG A 1158 -0.07 -6.66 24.41
C ARG A 1158 -1.34 -6.12 23.75
N SER A 1159 -1.99 -6.92 22.90
CA SER A 1159 -3.23 -6.50 22.27
C SER A 1159 -4.34 -6.31 23.29
N VAL A 1160 -4.41 -7.20 24.29
CA VAL A 1160 -5.38 -7.03 25.37
C VAL A 1160 -5.08 -5.75 26.13
N SER A 1161 -3.80 -5.46 26.36
CA SER A 1161 -3.44 -4.22 27.05
C SER A 1161 -3.90 -3.01 26.25
N ARG A 1162 -3.71 -3.03 24.93
CA ARG A 1162 -4.12 -1.89 24.11
C ARG A 1162 -5.63 -1.73 24.07
N VAL A 1163 -6.36 -2.85 24.04
CA VAL A 1163 -7.83 -2.78 24.06
C VAL A 1163 -8.31 -2.18 25.36
N PHE A 1164 -7.76 -2.63 26.49
CA PHE A 1164 -8.14 -2.04 27.77
C PHE A 1164 -7.78 -0.56 27.84
N LYS A 1165 -6.65 -0.18 27.23
CA LYS A 1165 -6.28 1.23 27.18
C LYS A 1165 -7.31 2.04 26.40
N PHE A 1166 -7.87 1.46 25.33
CA PHE A 1166 -8.91 2.15 24.58
C PHE A 1166 -10.23 2.20 25.33
N ILE A 1167 -10.49 1.22 26.20
CA ILE A 1167 -11.75 1.20 26.95
C ILE A 1167 -11.79 2.31 28.00
N ASP A 1168 -10.63 2.70 28.55
CA ASP A 1168 -10.56 3.64 29.65
C ASP A 1168 -10.64 5.10 29.20
N MET A 1169 -11.20 5.36 28.03
CA MET A 1169 -11.34 6.74 27.57
C MET A 1169 -12.35 7.49 28.45
N PRO A 1170 -12.14 8.78 28.69
CA PRO A 1170 -13.09 9.54 29.51
C PRO A 1170 -14.43 9.72 28.82
N THR A 1171 -15.47 9.89 29.64
CA THR A 1171 -16.84 10.07 29.16
C THR A 1171 -17.13 11.54 28.93
N GLU A 1172 -17.90 11.82 27.87
CA GLU A 1172 -18.21 13.20 27.52
C GLU A 1172 -19.06 13.88 28.59
N GLY A 1173 -19.98 13.16 29.22
CA GLY A 1173 -20.86 13.73 30.21
C GLY A 1173 -20.21 13.95 31.57
N ILE A 1203 -45.14 18.20 28.18
CA ILE A 1203 -43.97 18.27 27.31
C ILE A 1203 -43.14 19.50 27.63
N TRP A 1204 -41.82 19.30 27.73
CA TRP A 1204 -40.89 20.39 28.02
C TRP A 1204 -40.75 21.34 26.83
N PRO A 1205 -40.32 20.89 25.63
CA PRO A 1205 -40.15 21.84 24.54
C PRO A 1205 -41.48 22.24 23.92
N SER A 1206 -42.18 23.19 24.55
CA SER A 1206 -43.53 23.57 24.12
C SER A 1206 -43.53 24.78 23.20
N GLY A 1207 -42.83 25.85 23.58
CA GLY A 1207 -42.80 27.05 22.77
C GLY A 1207 -41.56 27.14 21.89
N GLY A 1208 -40.40 26.88 22.48
CA GLY A 1208 -39.14 27.09 21.80
C GLY A 1208 -38.46 28.40 22.12
N GLN A 1209 -38.78 29.01 23.26
CA GLN A 1209 -38.12 30.23 23.69
C GLN A 1209 -36.72 29.91 24.21
N MET A 1210 -35.71 30.60 23.67
CA MET A 1210 -34.32 30.39 24.02
C MET A 1210 -33.72 31.65 24.63
N THR A 1211 -32.85 31.47 25.62
CA THR A 1211 -32.13 32.57 26.24
C THR A 1211 -30.69 32.16 26.46
N VAL A 1212 -29.76 33.01 26.01
CA VAL A 1212 -28.33 32.77 26.14
C VAL A 1212 -27.71 33.93 26.90
N LYS A 1213 -26.76 33.62 27.78
CA LYS A 1213 -26.15 34.65 28.62
C LYS A 1213 -24.68 34.32 28.85
N ASP A 1214 -23.79 35.20 28.39
CA ASP A 1214 -22.35 35.10 28.63
C ASP A 1214 -21.80 33.75 28.17
N LEU A 1215 -22.07 33.42 26.91
CA LEU A 1215 -21.62 32.15 26.36
C LEU A 1215 -20.21 32.28 25.79
N THR A 1216 -19.33 31.36 26.18
CA THR A 1216 -17.96 31.31 25.67
C THR A 1216 -17.70 29.91 25.11
N ALA A 1217 -17.08 29.86 23.92
CA ALA A 1217 -16.83 28.61 23.24
C ALA A 1217 -15.35 28.51 22.85
N LYS A 1218 -14.80 27.30 22.97
CA LYS A 1218 -13.41 27.05 22.61
C LYS A 1218 -13.23 25.55 22.40
N TYR A 1219 -12.36 25.20 21.45
CA TYR A 1219 -12.22 23.80 21.06
C TYR A 1219 -11.25 23.04 21.97
N THR A 1220 -10.32 23.73 22.60
CA THR A 1220 -9.33 23.09 23.46
C THR A 1220 -9.40 23.70 24.85
N GLU A 1221 -9.42 22.84 25.87
CA GLU A 1221 -9.47 23.29 27.25
C GLU A 1221 -8.17 24.03 27.58
N GLY A 1222 -8.25 25.36 27.66
CA GLY A 1222 -7.07 26.18 27.81
C GLY A 1222 -6.51 26.74 26.52
N GLY A 1223 -7.33 26.87 25.48
CA GLY A 1223 -6.91 27.40 24.22
C GLY A 1223 -7.51 28.76 23.91
N ASN A 1224 -7.46 29.13 22.64
CA ASN A 1224 -8.07 30.37 22.19
C ASN A 1224 -9.59 30.25 22.16
N ALA A 1225 -10.27 31.35 22.46
CA ALA A 1225 -11.73 31.38 22.46
C ALA A 1225 -12.23 31.91 21.12
N ILE A 1226 -13.14 31.16 20.50
CA ILE A 1226 -13.70 31.58 19.22
C ILE A 1226 -14.87 32.55 19.40
N LEU A 1227 -15.65 32.38 20.46
CA LEU A 1227 -16.75 33.29 20.80
C LEU A 1227 -16.64 33.67 22.26
N GLU A 1228 -16.90 34.94 22.55
CA GLU A 1228 -16.66 35.49 23.89
C GLU A 1228 -17.85 36.34 24.32
N ASN A 1229 -18.47 35.96 25.43
CA ASN A 1229 -19.54 36.73 26.08
C ASN A 1229 -20.70 37.01 25.11
N ILE A 1230 -21.26 35.94 24.57
CA ILE A 1230 -22.42 36.03 23.69
C ILE A 1230 -23.69 36.03 24.52
N SER A 1231 -24.61 36.95 24.21
CA SER A 1231 -25.88 37.02 24.92
C SER A 1231 -26.97 37.52 24.00
N PHE A 1232 -28.08 36.78 23.93
CA PHE A 1232 -29.23 37.16 23.12
C PHE A 1232 -30.42 36.32 23.52
N SER A 1233 -31.59 36.69 23.02
CA SER A 1233 -32.84 36.00 23.31
C SER A 1233 -33.63 35.77 22.03
N ILE A 1234 -34.42 34.71 22.01
CA ILE A 1234 -35.23 34.33 20.86
C ILE A 1234 -36.66 34.08 21.31
N SER A 1235 -37.61 34.73 20.63
CA SER A 1235 -39.03 34.51 20.93
C SER A 1235 -39.48 33.16 20.38
N PRO A 1236 -40.50 32.55 20.98
CA PRO A 1236 -40.97 31.25 20.49
C PRO A 1236 -41.58 31.34 19.10
N GLY A 1237 -41.18 30.41 18.24
CA GLY A 1237 -41.72 30.33 16.89
C GLY A 1237 -41.27 31.44 15.97
N GLN A 1238 -39.95 31.68 15.92
CA GLN A 1238 -39.39 32.76 15.13
C GLN A 1238 -38.25 32.23 14.26
N ARG A 1239 -38.20 32.69 13.02
CA ARG A 1239 -37.08 32.38 12.13
C ARG A 1239 -35.96 33.39 12.34
N VAL A 1240 -34.76 32.90 12.60
CA VAL A 1240 -33.60 33.75 12.90
C VAL A 1240 -32.52 33.45 11.88
N GLY A 1241 -31.97 34.50 11.27
CA GLY A 1241 -30.90 34.35 10.30
C GLY A 1241 -29.55 34.56 10.91
N LEU A 1242 -28.63 33.62 10.66
CA LEU A 1242 -27.26 33.68 11.15
C LEU A 1242 -26.33 33.79 9.95
N LEU A 1243 -25.67 34.93 9.81
CA LEU A 1243 -24.83 35.20 8.65
C LEU A 1243 -23.49 35.77 9.09
N GLY A 1244 -22.52 35.70 8.18
CA GLY A 1244 -21.17 36.17 8.47
C GLY A 1244 -20.19 35.63 7.47
N ARG A 1245 -18.94 36.07 7.62
CA ARG A 1245 -17.89 35.68 6.70
C ARG A 1245 -17.51 34.22 6.91
N THR A 1246 -16.85 33.65 5.90
CA THR A 1246 -16.30 32.31 6.00
C THR A 1246 -15.27 32.25 7.12
N GLY A 1247 -15.38 31.23 7.98
CA GLY A 1247 -14.46 31.06 9.07
C GLY A 1247 -14.70 31.97 10.26
N SER A 1248 -15.83 32.67 10.28
CA SER A 1248 -16.11 33.60 11.39
C SER A 1248 -16.56 32.87 12.64
N GLY A 1249 -17.25 31.74 12.52
CA GLY A 1249 -17.69 31.00 13.69
C GLY A 1249 -19.18 30.71 13.75
N LYS A 1250 -19.83 30.61 12.59
CA LYS A 1250 -21.25 30.27 12.55
C LYS A 1250 -21.50 28.83 12.99
N SER A 1251 -20.64 27.91 12.56
CA SER A 1251 -20.82 26.51 12.97
C SER A 1251 -20.45 26.30 14.43
N THR A 1252 -19.55 27.12 14.96
CA THR A 1252 -19.15 27.00 16.36
C THR A 1252 -20.32 27.30 17.29
N LEU A 1253 -21.14 28.29 16.95
CA LEU A 1253 -22.31 28.59 17.78
C LEU A 1253 -23.30 27.44 17.79
N LEU A 1254 -23.56 26.83 16.63
CA LEU A 1254 -24.49 25.71 16.56
C LEU A 1254 -23.94 24.50 17.29
N SER A 1255 -22.63 24.27 17.24
CA SER A 1255 -22.03 23.21 18.05
C SER A 1255 -22.10 23.54 19.53
N ALA A 1256 -22.07 24.83 19.88
CA ALA A 1256 -22.17 25.24 21.29
C ALA A 1256 -23.57 25.03 21.83
N PHE A 1257 -24.60 25.13 20.98
CA PHE A 1257 -25.96 24.83 21.44
C PHE A 1257 -26.07 23.37 21.88
N LEU A 1258 -25.41 22.46 21.17
CA LEU A 1258 -25.46 21.04 21.47
C LEU A 1258 -24.41 20.59 22.46
N ARG A 1259 -23.53 21.49 22.91
CA ARG A 1259 -22.44 21.17 23.83
C ARG A 1259 -21.51 20.12 23.24
N LEU A 1260 -21.15 20.30 21.98
CA LEU A 1260 -20.15 19.44 21.34
C LEU A 1260 -18.73 19.94 21.57
N LEU A 1261 -18.53 21.00 22.34
CA LEU A 1261 -17.21 21.52 22.63
C LEU A 1261 -17.19 22.10 24.03
N ASN A 1262 -16.01 22.52 24.46
CA ASN A 1262 -15.83 23.10 25.80
C ASN A 1262 -16.56 24.44 25.85
N THR A 1263 -17.63 24.49 26.64
CA THR A 1263 -18.52 25.64 26.68
C THR A 1263 -18.65 26.15 28.11
N GLU A 1264 -18.77 27.46 28.25
CA GLU A 1264 -19.03 28.07 29.55
C GLU A 1264 -20.12 29.12 29.38
N GLY A 1265 -21.03 29.16 30.35
CA GLY A 1265 -22.19 30.04 30.27
C GLY A 1265 -23.50 29.35 30.58
N GLU A 1266 -24.61 29.94 30.14
CA GLU A 1266 -25.93 29.45 30.50
C GLU A 1266 -26.88 29.55 29.31
N ILE A 1267 -27.61 28.47 29.04
CA ILE A 1267 -28.64 28.44 28.00
C ILE A 1267 -29.89 27.79 28.58
N GLN A 1268 -31.03 28.44 28.39
CA GLN A 1268 -32.31 27.96 28.90
C GLN A 1268 -33.31 27.84 27.76
N ILE A 1269 -34.08 26.77 27.75
CA ILE A 1269 -35.17 26.59 26.81
C ILE A 1269 -36.46 26.43 27.62
N ASP A 1270 -37.36 27.40 27.47
CA ASP A 1270 -38.63 27.43 28.21
C ASP A 1270 -38.39 27.35 29.72
N GLY A 1271 -37.35 28.03 30.18
CA GLY A 1271 -37.07 28.13 31.60
C GLY A 1271 -36.25 26.99 32.19
N VAL A 1272 -35.94 25.96 31.41
CA VAL A 1272 -35.22 24.81 31.93
C VAL A 1272 -33.75 24.96 31.60
N SER A 1273 -32.91 25.06 32.64
CA SER A 1273 -31.48 25.20 32.46
C SER A 1273 -30.87 23.91 31.89
N TRP A 1274 -29.80 24.07 31.13
CA TRP A 1274 -29.11 22.93 30.53
C TRP A 1274 -28.22 22.18 31.52
N ASP A 1275 -28.02 22.71 32.72
CA ASP A 1275 -27.35 21.96 33.78
C ASP A 1275 -28.31 21.12 34.61
N SER A 1276 -29.62 21.27 34.38
CA SER A 1276 -30.60 20.52 35.15
C SER A 1276 -30.76 19.10 34.60
N ILE A 1277 -31.08 18.98 33.32
CA ILE A 1277 -31.33 17.68 32.72
C ILE A 1277 -30.04 17.10 32.16
N THR A 1278 -30.07 15.81 31.84
CA THR A 1278 -28.91 15.13 31.29
C THR A 1278 -28.67 15.56 29.84
N LEU A 1279 -27.47 15.26 29.35
CA LEU A 1279 -27.09 15.66 28.00
C LEU A 1279 -27.92 14.97 26.93
N GLN A 1280 -28.26 13.69 27.15
CA GLN A 1280 -29.08 12.97 26.17
C GLN A 1280 -30.46 13.59 26.04
N GLN A 1281 -31.05 13.99 27.17
CA GLN A 1281 -32.34 14.68 27.13
C GLN A 1281 -32.21 16.02 26.42
N TRP A 1282 -31.13 16.75 26.69
CA TRP A 1282 -30.95 18.06 26.07
C TRP A 1282 -30.83 17.97 24.56
N ARG A 1283 -30.03 17.01 24.07
CA ARG A 1283 -29.82 16.93 22.63
C ARG A 1283 -31.08 16.43 21.91
N LYS A 1284 -31.94 15.70 22.60
CA LYS A 1284 -33.15 15.18 21.96
C LYS A 1284 -34.16 16.27 21.63
N ALA A 1285 -33.97 17.50 22.11
CA ALA A 1285 -34.89 18.58 21.85
C ALA A 1285 -34.61 19.30 20.53
N PHE A 1286 -33.52 18.98 19.84
CA PHE A 1286 -33.09 19.68 18.65
C PHE A 1286 -33.20 18.80 17.41
N GLY A 1287 -33.57 19.40 16.29
CA GLY A 1287 -33.43 18.79 14.98
C GLY A 1287 -32.35 19.54 14.20
N VAL A 1288 -31.47 18.80 13.53
CA VAL A 1288 -30.27 19.39 12.97
C VAL A 1288 -30.11 19.00 11.52
N ILE A 1289 -29.46 19.88 10.76
CA ILE A 1289 -28.94 19.57 9.43
C ILE A 1289 -27.45 19.91 9.42
N PRO A 1290 -26.58 18.92 9.60
CA PRO A 1290 -25.14 19.20 9.61
C PRO A 1290 -24.65 19.67 8.25
N GLN A 1291 -23.58 20.46 8.26
CA GLN A 1291 -23.00 20.94 7.01
C GLN A 1291 -22.35 19.82 6.22
N LYS A 1292 -21.84 18.79 6.89
CA LYS A 1292 -21.25 17.63 6.23
C LYS A 1292 -22.22 16.45 6.32
N VAL A 1293 -22.58 15.90 5.17
CA VAL A 1293 -23.63 14.88 5.10
C VAL A 1293 -23.05 13.50 5.38
N PHE A 1294 -23.68 12.77 6.29
CA PHE A 1294 -23.25 11.43 6.66
C PHE A 1294 -24.18 10.40 6.04
N ILE A 1295 -23.63 9.54 5.19
CA ILE A 1295 -24.35 8.42 4.58
C ILE A 1295 -23.53 7.16 4.77
N PHE A 1296 -24.17 6.12 5.30
CA PHE A 1296 -23.51 4.85 5.57
C PHE A 1296 -24.05 3.76 4.65
N SER A 1297 -23.36 2.62 4.64
CA SER A 1297 -23.74 1.51 3.78
C SER A 1297 -25.05 0.91 4.26
N GLY A 1298 -26.04 0.87 3.38
CA GLY A 1298 -27.33 0.34 3.72
C GLY A 1298 -28.37 0.81 2.73
N THR A 1299 -29.58 0.30 2.92
CA THR A 1299 -30.68 0.67 2.06
C THR A 1299 -31.11 2.11 2.32
N PHE A 1300 -31.91 2.65 1.40
CA PHE A 1300 -32.47 3.98 1.58
C PHE A 1300 -33.26 4.07 2.88
N ARG A 1301 -34.10 3.06 3.13
CA ARG A 1301 -34.94 3.08 4.32
C ARG A 1301 -34.11 3.06 5.60
N LYS A 1302 -33.03 2.29 5.61
CA LYS A 1302 -32.17 2.26 6.80
C LYS A 1302 -31.47 3.59 7.02
N ASN A 1303 -31.04 4.24 5.95
CA ASN A 1303 -30.43 5.56 6.07
C ASN A 1303 -31.43 6.60 6.57
N LEU A 1304 -32.69 6.47 6.18
CA LEU A 1304 -33.68 7.48 6.58
C LEU A 1304 -34.09 7.34 8.04
N ASP A 1305 -34.14 6.14 8.58
CA ASP A 1305 -34.46 5.95 10.00
C ASP A 1305 -33.83 4.66 10.50
N PRO A 1306 -32.64 4.75 11.09
CA PRO A 1306 -31.98 3.54 11.60
C PRO A 1306 -32.74 2.84 12.72
N TYR A 1307 -33.63 3.53 13.42
CA TYR A 1307 -34.35 2.93 14.54
C TYR A 1307 -35.58 2.16 14.10
N GLU A 1308 -35.99 2.26 12.85
CA GLU A 1308 -37.13 1.51 12.31
C GLU A 1308 -38.41 1.83 13.07
N GLN A 1309 -38.77 3.11 13.05
CA GLN A 1309 -39.95 3.63 13.72
C GLN A 1309 -41.13 3.84 12.79
N TRP A 1310 -40.90 4.35 11.59
CA TRP A 1310 -41.96 4.79 10.70
C TRP A 1310 -42.15 3.82 9.55
N SER A 1311 -43.40 3.63 9.13
CA SER A 1311 -43.74 2.73 8.05
C SER A 1311 -43.46 3.38 6.69
N ASP A 1312 -43.56 2.56 5.64
CA ASP A 1312 -43.24 3.02 4.29
C ASP A 1312 -44.21 4.09 3.81
N GLN A 1313 -45.43 4.13 4.35
CA GLN A 1313 -46.36 5.20 3.98
C GLN A 1313 -45.80 6.55 4.36
N GLU A 1314 -45.34 6.68 5.61
CA GLU A 1314 -44.79 7.96 6.08
C GLU A 1314 -43.50 8.32 5.34
N ILE A 1315 -42.64 7.33 5.10
CA ILE A 1315 -41.39 7.59 4.40
C ILE A 1315 -41.66 8.05 2.98
N TRP A 1316 -42.60 7.39 2.29
CA TRP A 1316 -42.94 7.81 0.93
C TRP A 1316 -43.57 9.20 0.93
N LYS A 1317 -44.40 9.51 1.93
CA LYS A 1317 -45.00 10.85 1.97
C LYS A 1317 -43.93 11.92 2.14
N VAL A 1318 -42.97 11.69 3.04
CA VAL A 1318 -41.91 12.66 3.27
C VAL A 1318 -41.01 12.78 2.04
N ALA A 1319 -40.70 11.64 1.39
CA ALA A 1319 -39.89 11.68 0.18
C ALA A 1319 -40.60 12.42 -0.95
N ASP A 1320 -41.93 12.30 -1.01
CA ASP A 1320 -42.69 13.05 -2.01
C ASP A 1320 -42.65 14.54 -1.72
N GLU A 1321 -42.79 14.93 -0.44
CA GLU A 1321 -42.71 16.34 -0.10
C GLU A 1321 -41.33 16.92 -0.42
N VAL A 1322 -40.27 16.18 -0.10
CA VAL A 1322 -38.91 16.68 -0.30
C VAL A 1322 -38.48 16.60 -1.75
N GLY A 1323 -39.14 15.77 -2.55
CA GLY A 1323 -38.77 15.64 -3.96
C GLY A 1323 -37.74 14.56 -4.22
N LEU A 1324 -37.82 13.45 -3.50
CA LEU A 1324 -36.90 12.33 -3.67
C LEU A 1324 -37.53 11.14 -4.37
N ARG A 1325 -38.83 11.19 -4.67
CA ARG A 1325 -39.51 10.04 -5.28
C ARG A 1325 -38.88 9.70 -6.64
N SER A 1326 -38.63 10.71 -7.46
CA SER A 1326 -38.05 10.46 -8.77
C SER A 1326 -36.65 9.87 -8.65
N VAL A 1327 -35.88 10.31 -7.65
CA VAL A 1327 -34.52 9.82 -7.48
C VAL A 1327 -34.52 8.38 -7.01
N ILE A 1328 -35.41 8.04 -6.08
CA ILE A 1328 -35.42 6.69 -5.52
C ILE A 1328 -35.90 5.68 -6.55
N GLU A 1329 -36.92 6.04 -7.33
CA GLU A 1329 -37.45 5.15 -8.36
C GLU A 1329 -36.48 4.95 -9.52
N GLN A 1330 -35.40 5.73 -9.58
CA GLN A 1330 -34.39 5.56 -10.63
C GLN A 1330 -33.68 4.22 -10.51
N PHE A 1331 -33.57 3.68 -9.30
CA PHE A 1331 -32.77 2.51 -8.95
C PHE A 1331 -33.62 1.25 -8.89
N PRO A 1332 -33.00 0.08 -9.11
CA PRO A 1332 -33.76 -1.18 -9.16
C PRO A 1332 -34.64 -1.44 -7.95
N GLY A 1333 -34.05 -1.50 -6.76
CA GLY A 1333 -34.83 -1.72 -5.56
C GLY A 1333 -35.36 -0.43 -4.98
N LYS A 1334 -36.66 -0.18 -5.15
CA LYS A 1334 -37.27 1.05 -4.68
C LYS A 1334 -37.31 1.02 -3.15
N LEU A 1335 -36.47 1.86 -2.53
CA LEU A 1335 -36.32 1.98 -1.08
C LEU A 1335 -35.58 0.79 -0.49
N ASP A 1336 -35.24 -0.19 -1.32
CA ASP A 1336 -34.44 -1.33 -0.92
C ASP A 1336 -33.06 -1.34 -1.56
N PHE A 1337 -32.70 -0.30 -2.31
CA PHE A 1337 -31.41 -0.24 -2.98
C PHE A 1337 -30.32 0.05 -1.97
N VAL A 1338 -29.27 -0.76 -1.96
CA VAL A 1338 -28.16 -0.61 -1.01
C VAL A 1338 -27.20 0.45 -1.51
N LEU A 1339 -26.99 1.48 -0.69
CA LEU A 1339 -26.04 2.55 -1.01
C LEU A 1339 -24.64 2.18 -0.53
N VAL A 1340 -23.66 2.31 -1.42
CA VAL A 1340 -22.28 1.97 -1.12
C VAL A 1340 -21.39 3.17 -1.40
N ASP A 1341 -20.21 3.17 -0.76
CA ASP A 1341 -19.24 4.25 -0.88
C ASP A 1341 -19.82 5.61 -0.49
N GLY A 1342 -20.62 5.62 0.58
CA GLY A 1342 -21.20 6.86 1.04
C GLY A 1342 -22.18 7.48 0.08
N GLY A 1343 -22.95 6.68 -0.64
CA GLY A 1343 -23.91 7.20 -1.60
C GLY A 1343 -23.25 7.77 -2.83
N CYS A 1344 -22.28 7.04 -3.39
CA CYS A 1344 -21.58 7.51 -4.58
C CYS A 1344 -22.49 7.64 -5.79
N VAL A 1345 -23.62 6.94 -5.80
CA VAL A 1345 -24.56 7.02 -6.93
C VAL A 1345 -25.41 8.28 -6.89
N LEU A 1346 -25.36 9.05 -5.81
CA LEU A 1346 -26.17 10.25 -5.67
C LEU A 1346 -25.40 11.48 -6.09
N SER A 1347 -26.13 12.52 -6.47
CA SER A 1347 -25.55 13.83 -6.73
C SER A 1347 -25.28 14.55 -5.41
N HIS A 1348 -24.64 15.71 -5.50
CA HIS A 1348 -24.38 16.51 -4.31
C HIS A 1348 -25.67 17.05 -3.70
N GLY A 1349 -26.63 17.45 -4.54
CA GLY A 1349 -27.90 17.97 -4.04
C GLY A 1349 -28.85 16.92 -3.52
N HIS A 1350 -28.75 15.68 -4.03
CA HIS A 1350 -29.60 14.62 -3.51
C HIS A 1350 -29.25 14.30 -2.06
N LYS A 1351 -27.99 14.48 -1.67
CA LYS A 1351 -27.60 14.31 -0.27
C LYS A 1351 -28.17 15.42 0.60
N GLN A 1352 -28.23 16.65 0.09
CA GLN A 1352 -28.90 17.72 0.81
C GLN A 1352 -30.38 17.40 1.00
N LEU A 1353 -31.01 16.84 -0.03
CA LEU A 1353 -32.42 16.46 0.10
C LEU A 1353 -32.60 15.30 1.08
N MET A 1354 -31.64 14.38 1.14
CA MET A 1354 -31.69 13.31 2.14
C MET A 1354 -31.63 13.87 3.55
N CYS A 1355 -30.73 14.84 3.77
CA CYS A 1355 -30.68 15.48 5.09
C CYS A 1355 -31.96 16.23 5.41
N LEU A 1356 -32.55 16.89 4.41
CA LEU A 1356 -33.82 17.57 4.64
C LEU A 1356 -34.92 16.57 5.01
N ALA A 1357 -34.96 15.42 4.34
CA ALA A 1357 -35.94 14.40 4.67
C ALA A 1357 -35.74 13.88 6.09
N ARG A 1358 -34.48 13.68 6.50
CA ARG A 1358 -34.23 13.25 7.87
C ARG A 1358 -34.73 14.30 8.87
N SER A 1359 -34.47 15.58 8.59
CA SER A 1359 -34.92 16.62 9.51
C SER A 1359 -36.44 16.72 9.56
N VAL A 1360 -37.11 16.49 8.43
CA VAL A 1360 -38.57 16.55 8.41
C VAL A 1360 -39.17 15.38 9.18
N LEU A 1361 -38.57 14.20 9.07
CA LEU A 1361 -39.14 13.00 9.68
C LEU A 1361 -39.22 13.13 11.20
N SER A 1362 -38.22 13.74 11.83
CA SER A 1362 -38.19 13.90 13.27
C SER A 1362 -38.85 15.23 13.63
N LYS A 1363 -39.99 15.16 14.31
CA LYS A 1363 -40.75 16.35 14.69
C LYS A 1363 -40.07 17.00 15.89
N ALA A 1364 -39.43 18.14 15.67
CA ALA A 1364 -38.75 18.87 16.72
C ALA A 1364 -39.25 20.30 16.76
N LYS A 1365 -39.12 20.94 17.93
CA LYS A 1365 -39.60 22.30 18.11
C LYS A 1365 -38.53 23.35 17.91
N ILE A 1366 -37.26 22.97 17.94
CA ILE A 1366 -36.16 23.88 17.64
C ILE A 1366 -35.29 23.23 16.58
N LEU A 1367 -34.98 23.99 15.52
CA LEU A 1367 -34.29 23.45 14.36
C LEU A 1367 -33.00 24.23 14.14
N LEU A 1368 -31.88 23.52 14.06
CA LEU A 1368 -30.57 24.10 13.82
C LEU A 1368 -30.15 23.71 12.40
N LEU A 1369 -30.37 24.62 11.45
CA LEU A 1369 -30.10 24.38 10.05
C LEU A 1369 -28.78 25.04 9.67
N ASP A 1370 -27.84 24.25 9.17
CA ASP A 1370 -26.50 24.71 8.84
C ASP A 1370 -26.33 24.69 7.31
N GLN A 1371 -26.73 25.79 6.68
CA GLN A 1371 -26.67 25.99 5.23
C GLN A 1371 -27.35 24.82 4.51
N PRO A 1372 -28.67 24.70 4.61
CA PRO A 1372 -29.36 23.55 4.01
C PRO A 1372 -29.18 23.44 2.51
N SER A 1373 -29.03 24.55 1.81
CA SER A 1373 -28.93 24.56 0.35
C SER A 1373 -27.59 25.17 -0.04
N ALA A 1374 -26.55 24.34 -0.05
CA ALA A 1374 -25.21 24.81 -0.36
C ALA A 1374 -25.03 25.00 -1.86
N HIS A 1375 -25.13 23.92 -2.62
CA HIS A 1375 -24.77 23.92 -4.04
C HIS A 1375 -25.98 23.93 -4.96
N LEU A 1376 -27.18 24.11 -4.41
CA LEU A 1376 -28.40 23.96 -5.19
C LEU A 1376 -28.62 25.14 -6.12
N ASP A 1377 -29.27 24.86 -7.25
CA ASP A 1377 -29.71 25.89 -8.18
C ASP A 1377 -30.94 26.62 -7.61
N PRO A 1378 -31.26 27.80 -8.15
CA PRO A 1378 -32.42 28.54 -7.63
C PRO A 1378 -33.74 27.79 -7.73
N VAL A 1379 -33.91 26.92 -8.73
CA VAL A 1379 -35.18 26.20 -8.87
C VAL A 1379 -35.35 25.19 -7.73
N THR A 1380 -34.27 24.46 -7.40
CA THR A 1380 -34.34 23.47 -6.33
C THR A 1380 -34.47 24.11 -4.96
N TYR A 1381 -34.01 25.34 -4.79
CA TYR A 1381 -34.15 26.04 -3.50
C TYR A 1381 -35.61 26.24 -3.13
N GLN A 1382 -36.51 26.28 -4.11
CA GLN A 1382 -37.92 26.45 -3.81
C GLN A 1382 -38.46 25.31 -2.97
N ILE A 1383 -37.86 24.12 -3.08
CA ILE A 1383 -38.27 23.00 -2.23
C ILE A 1383 -37.97 23.30 -0.77
N ILE A 1384 -36.78 23.83 -0.49
CA ILE A 1384 -36.42 24.18 0.88
C ILE A 1384 -37.31 25.30 1.40
N ARG A 1385 -37.57 26.30 0.56
CA ARG A 1385 -38.43 27.40 0.98
C ARG A 1385 -39.84 26.93 1.31
N ARG A 1386 -40.40 26.07 0.46
CA ARG A 1386 -41.73 25.55 0.71
C ARG A 1386 -41.77 24.67 1.95
N THR A 1387 -40.75 23.83 2.16
CA THR A 1387 -40.70 23.01 3.36
C THR A 1387 -40.60 23.87 4.61
N LEU A 1388 -39.83 24.95 4.55
CA LEU A 1388 -39.72 25.85 5.69
C LEU A 1388 -41.06 26.51 6.00
N LYS A 1389 -41.77 26.96 4.97
CA LYS A 1389 -43.07 27.59 5.20
C LYS A 1389 -44.08 26.60 5.78
N GLN A 1390 -44.17 25.40 5.19
CA GLN A 1390 -45.26 24.49 5.52
C GLN A 1390 -44.94 23.56 6.68
N ALA A 1391 -43.87 22.77 6.55
CA ALA A 1391 -43.60 21.70 7.52
C ALA A 1391 -43.21 22.24 8.89
N PHE A 1392 -42.58 23.40 8.95
CA PHE A 1392 -42.04 23.91 10.21
C PHE A 1392 -42.76 25.18 10.66
N ALA A 1393 -44.08 25.20 10.59
CA ALA A 1393 -44.86 26.41 10.89
C ALA A 1393 -44.62 26.91 12.30
N ASP A 1394 -45.00 26.13 13.30
CA ASP A 1394 -44.84 26.54 14.71
C ASP A 1394 -43.55 25.98 15.30
N CYS A 1395 -42.42 26.31 14.69
CA CYS A 1395 -41.11 25.87 15.16
C CYS A 1395 -40.15 27.05 15.16
N THR A 1396 -39.24 27.05 16.13
CA THR A 1396 -38.16 28.04 16.14
C THR A 1396 -37.04 27.53 15.24
N VAL A 1397 -36.79 28.24 14.13
CA VAL A 1397 -35.80 27.86 13.13
C VAL A 1397 -34.66 28.86 13.18
N ILE A 1398 -33.44 28.36 13.35
CA ILE A 1398 -32.23 29.16 13.28
C ILE A 1398 -31.53 28.79 11.98
N LEU A 1399 -31.67 29.65 10.97
CA LEU A 1399 -31.24 29.34 9.61
C LEU A 1399 -29.90 30.01 9.34
N CYS A 1400 -28.82 29.24 9.43
CA CYS A 1400 -27.50 29.69 9.03
C CYS A 1400 -27.31 29.42 7.54
N GLU A 1401 -27.11 30.47 6.75
CA GLU A 1401 -27.00 30.29 5.31
C GLU A 1401 -26.32 31.50 4.68
N HIS A 1402 -25.57 31.24 3.61
CA HIS A 1402 -24.92 32.28 2.82
C HIS A 1402 -25.80 32.84 1.71
N ARG A 1403 -26.92 32.18 1.40
CA ARG A 1403 -27.78 32.64 0.31
C ARG A 1403 -28.53 33.89 0.73
N ILE A 1404 -28.44 34.95 -0.07
CA ILE A 1404 -29.08 36.21 0.27
C ILE A 1404 -30.60 36.10 0.18
N GLU A 1405 -31.10 35.34 -0.80
CA GLU A 1405 -32.55 35.20 -0.95
C GLU A 1405 -33.19 34.55 0.28
N ALA A 1406 -32.44 33.70 0.99
CA ALA A 1406 -32.98 33.03 2.16
C ALA A 1406 -33.25 33.98 3.32
N MET A 1407 -32.66 35.17 3.31
CA MET A 1407 -32.87 36.13 4.38
C MET A 1407 -34.23 36.83 4.31
N LEU A 1408 -34.95 36.67 3.21
CA LEU A 1408 -36.27 37.30 3.11
C LEU A 1408 -37.23 36.72 4.13
N GLU A 1409 -37.21 35.40 4.32
CA GLU A 1409 -38.10 34.73 5.26
C GLU A 1409 -37.47 34.62 6.65
N CYS A 1410 -36.99 35.75 7.17
CA CYS A 1410 -36.41 35.81 8.51
C CYS A 1410 -36.96 37.04 9.22
N GLN A 1411 -37.03 36.95 10.55
CA GLN A 1411 -37.55 38.03 11.37
C GLN A 1411 -36.50 38.65 12.29
N GLN A 1412 -35.42 37.94 12.58
CA GLN A 1412 -34.33 38.44 13.40
C GLN A 1412 -33.02 37.98 12.79
N PHE A 1413 -31.97 38.77 12.98
CA PHE A 1413 -30.68 38.51 12.36
C PHE A 1413 -29.57 38.57 13.39
N LEU A 1414 -28.60 37.67 13.25
CA LEU A 1414 -27.41 37.64 14.09
C LEU A 1414 -26.19 37.65 13.19
N VAL A 1415 -25.26 38.57 13.45
CA VAL A 1415 -24.06 38.72 12.63
C VAL A 1415 -22.85 38.47 13.51
N ILE A 1416 -21.98 37.57 13.07
CA ILE A 1416 -20.75 37.24 13.79
C ILE A 1416 -19.61 38.01 13.15
N GLU A 1417 -19.00 38.91 13.92
CA GLU A 1417 -17.79 39.60 13.51
C GLU A 1417 -16.96 39.87 14.77
N GLU A 1418 -15.64 39.91 14.60
CA GLU A 1418 -14.68 40.24 15.66
C GLU A 1418 -14.89 39.39 16.92
N ASN A 1419 -15.34 38.14 16.72
CA ASN A 1419 -15.51 37.16 17.79
C ASN A 1419 -16.65 37.54 18.75
N LYS A 1420 -17.69 38.17 18.22
CA LYS A 1420 -18.89 38.41 19.01
C LYS A 1420 -20.07 38.65 18.09
N VAL A 1421 -21.27 38.47 18.64
CA VAL A 1421 -22.51 38.46 17.87
C VAL A 1421 -23.22 39.80 18.02
N ARG A 1422 -23.58 40.41 16.89
CA ARG A 1422 -24.38 41.63 16.88
C ARG A 1422 -25.77 41.32 16.36
N GLN A 1423 -26.78 41.90 16.99
CA GLN A 1423 -28.17 41.57 16.74
C GLN A 1423 -28.87 42.70 15.99
N TYR A 1424 -29.60 42.34 14.93
CA TYR A 1424 -30.32 43.30 14.11
C TYR A 1424 -31.75 42.80 13.90
N ASP A 1425 -32.66 43.75 13.65
CA ASP A 1425 -34.05 43.41 13.43
C ASP A 1425 -34.37 43.20 11.94
N SER A 1426 -34.14 44.22 11.12
CA SER A 1426 -34.49 44.17 9.71
C SER A 1426 -33.24 44.02 8.85
N ILE A 1427 -33.44 43.44 7.66
CA ILE A 1427 -32.32 43.21 6.75
C ILE A 1427 -31.84 44.52 6.13
N GLN A 1428 -32.74 45.47 5.90
CA GLN A 1428 -32.33 46.76 5.34
C GLN A 1428 -31.45 47.53 6.31
N LYS A 1429 -31.83 47.55 7.58
CA LYS A 1429 -31.00 48.17 8.61
C LYS A 1429 -29.63 47.50 8.67
N LEU A 1430 -29.60 46.18 8.57
CA LEU A 1430 -28.33 45.45 8.60
C LEU A 1430 -27.44 45.84 7.42
N LEU A 1431 -28.03 45.91 6.22
CA LEU A 1431 -27.23 46.09 5.01
C LEU A 1431 -26.71 47.52 4.89
N ASN A 1432 -27.48 48.51 5.36
CA ASN A 1432 -27.09 49.90 5.15
C ASN A 1432 -25.82 50.29 5.89
N GLU A 1433 -25.43 49.53 6.92
CA GLU A 1433 -24.22 49.88 7.66
C GLU A 1433 -22.96 49.38 6.97
N ARG A 1434 -22.93 48.10 6.60
CA ARG A 1434 -21.77 47.50 5.93
C ARG A 1434 -21.93 47.65 4.42
N SER A 1435 -21.45 48.78 3.92
CA SER A 1435 -21.63 49.13 2.51
C SER A 1435 -20.93 48.12 1.59
N LEU A 1436 -19.71 47.73 1.92
CA LEU A 1436 -18.92 46.88 1.02
C LEU A 1436 -19.60 45.53 0.80
N PHE A 1437 -20.23 45.00 1.86
CA PHE A 1437 -20.99 43.77 1.72
C PHE A 1437 -22.26 43.99 0.89
N ARG A 1438 -22.85 45.19 1.00
CA ARG A 1438 -24.06 45.49 0.25
C ARG A 1438 -23.78 45.69 -1.23
N GLN A 1439 -22.58 46.15 -1.59
CA GLN A 1439 -22.22 46.30 -3.00
C GLN A 1439 -22.11 44.97 -3.72
N ALA A 1440 -21.88 43.88 -2.99
CA ALA A 1440 -21.72 42.56 -3.61
C ALA A 1440 -23.04 41.87 -3.92
N ILE A 1441 -24.17 42.45 -3.52
CA ILE A 1441 -25.46 41.82 -3.75
C ILE A 1441 -25.83 41.90 -5.22
N SER A 1442 -26.21 40.76 -5.80
CA SER A 1442 -26.59 40.71 -7.20
C SER A 1442 -27.83 41.56 -7.45
N PRO A 1443 -27.98 42.10 -8.67
CA PRO A 1443 -29.16 42.93 -8.96
C PRO A 1443 -30.48 42.19 -8.82
N SER A 1444 -30.50 40.88 -9.09
CA SER A 1444 -31.74 40.13 -8.97
C SER A 1444 -32.22 40.07 -7.53
N ASP A 1445 -31.29 39.97 -6.58
CA ASP A 1445 -31.66 40.03 -5.16
C ASP A 1445 -31.78 41.45 -4.65
N ARG A 1446 -31.14 42.42 -5.31
CA ARG A 1446 -31.22 43.80 -4.85
C ARG A 1446 -32.62 44.36 -5.01
N VAL A 1447 -33.30 44.01 -6.10
CA VAL A 1447 -34.68 44.46 -6.28
C VAL A 1447 -35.61 43.78 -5.29
N LYS A 1448 -35.30 42.54 -4.89
CA LYS A 1448 -36.12 41.85 -3.90
C LYS A 1448 -35.95 42.46 -2.52
N LEU A 1449 -34.71 42.72 -2.11
CA LEU A 1449 -34.46 43.26 -0.78
C LEU A 1449 -34.90 44.71 -0.63
N PHE A 1450 -34.96 45.46 -1.74
CA PHE A 1450 -35.34 46.86 -1.72
C PHE A 1450 -36.46 47.08 -2.73
N PRO A 1451 -37.68 46.64 -2.41
CA PRO A 1451 -38.82 46.76 -3.33
C PRO A 1451 -39.31 48.20 -3.46
N GLN B 13 12.73 -16.00 -42.83
CA GLN B 13 13.63 -17.15 -42.70
C GLN B 13 14.67 -17.10 -43.80
N GLU B 14 14.48 -17.96 -44.81
CA GLU B 14 15.42 -18.07 -45.94
C GLU B 14 15.52 -16.76 -46.70
N SER B 15 14.40 -16.06 -46.85
CA SER B 15 14.38 -14.79 -47.53
C SER B 15 15.31 -13.82 -46.77
N VAL B 16 15.30 -13.79 -45.45
CA VAL B 16 16.27 -12.95 -44.77
C VAL B 16 17.69 -13.50 -44.91
N LYS B 17 17.85 -14.82 -44.85
CA LYS B 17 19.20 -15.35 -44.86
C LYS B 17 19.89 -15.33 -46.21
N GLU B 18 19.12 -15.54 -47.27
CA GLU B 18 19.66 -15.50 -48.61
C GLU B 18 19.98 -14.10 -49.01
N PHE B 19 19.09 -13.18 -48.63
CA PHE B 19 19.24 -11.78 -49.02
C PHE B 19 20.38 -11.05 -48.32
N LEU B 20 20.66 -11.38 -47.08
CA LEU B 20 21.78 -10.73 -46.41
C LEU B 20 23.07 -10.99 -47.17
N ALA B 21 23.38 -12.25 -47.43
CA ALA B 21 24.59 -12.70 -48.11
C ALA B 21 24.84 -11.90 -49.38
N LYS B 22 23.78 -11.61 -50.13
CA LYS B 22 23.92 -10.78 -51.33
C LYS B 22 24.33 -9.36 -50.96
N ALA B 23 23.80 -8.83 -49.84
CA ALA B 23 24.20 -7.51 -49.40
C ALA B 23 25.68 -7.47 -49.02
N LYS B 24 26.16 -8.51 -48.33
CA LYS B 24 27.57 -8.64 -47.99
C LYS B 24 28.44 -8.67 -49.26
N GLU B 25 28.04 -9.49 -50.23
CA GLU B 25 28.79 -9.64 -51.46
C GLU B 25 28.85 -8.34 -52.22
N ASP B 26 27.74 -7.59 -52.25
CA ASP B 26 27.71 -6.30 -52.93
C ASP B 26 28.53 -5.27 -52.16
N PHE B 27 28.50 -5.31 -50.83
CA PHE B 27 29.20 -4.34 -50.02
C PHE B 27 30.71 -4.42 -50.23
N LEU B 28 31.26 -5.63 -50.23
CA LEU B 28 32.71 -5.75 -50.45
C LEU B 28 33.12 -5.21 -51.82
N LYS B 29 32.26 -5.34 -52.82
CA LYS B 29 32.60 -4.86 -54.16
C LYS B 29 32.88 -3.37 -54.14
N LYS B 30 31.95 -2.57 -53.61
CA LYS B 30 32.17 -1.13 -53.56
C LYS B 30 33.17 -0.74 -52.49
N TRP B 31 33.40 -1.61 -51.50
CA TRP B 31 34.48 -1.35 -50.55
C TRP B 31 35.84 -1.42 -51.24
N GLU B 32 36.00 -2.31 -52.20
CA GLU B 32 37.30 -2.45 -52.86
C GLU B 32 37.51 -1.38 -53.93
N ASN B 33 36.65 -1.35 -54.95
CA ASN B 33 36.85 -0.38 -56.03
C ASN B 33 35.94 0.84 -55.86
N PRO B 34 36.43 1.91 -55.25
CA PRO B 34 35.62 3.12 -55.07
C PRO B 34 35.94 4.18 -56.12
N ALA B 35 35.22 5.28 -56.02
CA ALA B 35 35.43 6.44 -56.88
C ALA B 35 35.59 7.69 -56.02
N GLN B 36 36.40 8.63 -56.50
CA GLN B 36 36.70 9.84 -55.74
C GLN B 36 36.75 11.03 -56.69
N ASN B 37 36.77 12.22 -56.10
CA ASN B 37 36.85 13.49 -56.84
C ASN B 37 35.69 13.62 -57.83
N THR B 38 34.49 13.29 -57.37
CA THR B 38 33.33 13.29 -58.26
C THR B 38 32.96 14.70 -58.71
N ALA B 39 33.09 15.70 -57.84
CA ALA B 39 32.66 17.04 -58.21
C ALA B 39 33.39 18.08 -57.38
N HIS B 40 33.50 19.28 -57.93
CA HIS B 40 34.07 20.45 -57.26
C HIS B 40 33.04 21.55 -57.25
N LEU B 41 33.27 22.56 -56.40
CA LEU B 41 32.26 23.60 -56.22
C LEU B 41 32.24 24.56 -57.39
N ASP B 42 31.54 24.18 -58.46
CA ASP B 42 31.22 25.10 -59.54
C ASP B 42 29.73 25.03 -59.84
N GLN B 43 29.16 23.82 -59.72
CA GLN B 43 27.75 23.58 -59.98
C GLN B 43 26.88 23.76 -58.73
N PHE B 44 27.47 24.08 -57.60
CA PHE B 44 26.75 24.18 -56.33
C PHE B 44 26.37 25.63 -56.05
N GLU B 45 25.11 25.85 -55.65
CA GLU B 45 24.69 27.12 -55.12
C GLU B 45 24.79 27.11 -53.60
N ARG B 46 24.46 28.25 -52.97
CA ARG B 46 24.54 28.42 -51.52
C ARG B 46 23.28 29.15 -51.07
N ILE B 47 22.28 28.37 -50.64
CA ILE B 47 20.97 28.93 -50.31
C ILE B 47 20.81 29.16 -48.82
N LYS B 48 20.84 28.07 -48.05
CA LYS B 48 20.46 28.08 -46.64
C LYS B 48 21.59 27.52 -45.80
N THR B 49 21.33 27.39 -44.51
CA THR B 49 22.27 26.76 -43.60
C THR B 49 21.43 25.88 -42.69
N LEU B 50 21.26 24.63 -43.09
CA LEU B 50 20.47 23.66 -42.33
C LEU B 50 20.94 23.28 -40.93
N GLY B 51 22.22 22.96 -40.78
CA GLY B 51 22.71 22.56 -39.48
C GLY B 51 24.04 23.12 -39.05
N THR B 52 24.55 22.60 -37.94
CA THR B 52 25.81 23.06 -37.39
C THR B 52 26.79 21.93 -37.09
N GLY B 53 26.81 21.43 -35.86
CA GLY B 53 27.70 20.35 -35.50
C GLY B 53 28.99 20.82 -34.85
N SER B 54 29.61 19.94 -34.08
CA SER B 54 30.86 20.27 -33.38
C SER B 54 32.09 20.22 -34.27
N PHE B 55 31.96 19.69 -35.49
CA PHE B 55 33.08 19.62 -36.40
C PHE B 55 32.81 20.31 -37.74
N GLY B 56 31.66 20.01 -38.31
CA GLY B 56 31.29 20.55 -39.59
C GLY B 56 30.32 21.70 -39.66
N ARG B 57 29.61 21.76 -40.78
CA ARG B 57 28.60 22.76 -41.08
C ARG B 57 27.88 22.25 -42.31
N VAL B 58 26.56 22.14 -42.24
CA VAL B 58 25.75 21.63 -43.35
C VAL B 58 24.84 22.67 -43.97
N MET B 59 24.99 22.92 -45.26
CA MET B 59 24.20 23.94 -45.93
C MET B 59 23.47 23.46 -47.19
N LEU B 60 22.27 23.97 -47.44
CA LEU B 60 21.49 23.56 -48.60
C LEU B 60 22.17 23.99 -49.90
N VAL B 61 22.08 23.12 -50.91
CA VAL B 61 22.70 23.34 -52.22
C VAL B 61 21.72 22.88 -53.30
N LYS B 62 21.86 23.47 -54.49
CA LYS B 62 21.20 22.95 -55.69
C LYS B 62 22.22 22.85 -56.82
N HIS B 63 22.01 21.87 -57.68
CA HIS B 63 22.77 21.73 -58.92
C HIS B 63 22.04 22.48 -60.03
N MET B 64 22.67 23.52 -60.58
CA MET B 64 21.98 24.28 -61.62
C MET B 64 21.91 23.53 -62.95
N GLU B 65 22.78 22.54 -63.16
CA GLU B 65 22.73 21.76 -64.39
C GLU B 65 21.66 20.68 -64.36
N THR B 66 21.10 20.36 -63.20
CA THR B 66 19.99 19.43 -63.07
C THR B 66 18.76 20.03 -62.41
N GLY B 67 18.95 20.88 -61.39
CA GLY B 67 17.85 21.49 -60.67
C GLY B 67 17.54 20.85 -59.34
N ASN B 68 18.07 19.66 -59.08
CA ASN B 68 17.79 18.96 -57.84
C ASN B 68 18.51 19.60 -56.67
N HIS B 69 17.82 19.71 -55.53
CA HIS B 69 18.42 20.26 -54.32
C HIS B 69 19.12 19.16 -53.53
N TYR B 70 20.25 19.51 -52.93
CA TYR B 70 21.05 18.58 -52.15
C TYR B 70 21.58 19.27 -50.90
N ALA B 71 22.01 18.46 -49.94
CA ALA B 71 22.71 18.95 -48.77
C ALA B 71 24.22 18.83 -48.98
N MET B 72 25.02 19.62 -48.28
CA MET B 72 26.46 19.54 -48.42
C MET B 72 27.06 19.76 -47.08
N LYS B 73 27.91 18.84 -46.65
CA LYS B 73 28.54 18.95 -45.34
C LYS B 73 29.96 19.44 -45.52
N ILE B 74 30.32 20.53 -44.85
CA ILE B 74 31.66 21.09 -44.96
C ILE B 74 32.48 20.88 -43.70
N LEU B 75 33.66 20.29 -43.86
CA LEU B 75 34.59 19.99 -42.78
C LEU B 75 35.87 20.78 -42.97
N ASP B 76 36.47 21.21 -41.87
CA ASP B 76 37.70 22.00 -41.89
C ASP B 76 38.92 21.09 -41.75
N LYS B 77 39.83 21.18 -42.71
CA LYS B 77 41.03 20.35 -42.68
C LYS B 77 41.87 20.63 -41.43
N GLN B 78 42.14 21.91 -41.18
CA GLN B 78 42.99 22.29 -40.05
C GLN B 78 42.36 21.90 -38.72
N LYS B 79 41.05 22.07 -38.63
CA LYS B 79 40.34 21.73 -37.42
C LYS B 79 40.39 20.23 -37.23
N VAL B 80 40.20 19.48 -38.33
CA VAL B 80 40.23 18.03 -38.28
C VAL B 80 41.57 17.55 -37.72
N VAL B 81 42.67 18.10 -38.24
CA VAL B 81 43.98 17.68 -37.72
C VAL B 81 44.22 18.23 -36.32
N LYS B 82 43.54 19.32 -35.95
CA LYS B 82 43.70 19.88 -34.62
C LYS B 82 42.97 19.07 -33.55
N LEU B 83 41.82 18.53 -33.95
CA LEU B 83 41.00 17.75 -33.05
C LEU B 83 41.51 16.35 -32.79
N LYS B 84 42.65 16.00 -33.40
CA LYS B 84 43.30 14.70 -33.24
C LYS B 84 42.35 13.55 -33.62
N GLN B 85 41.61 13.76 -34.70
CA GLN B 85 40.71 12.75 -35.23
C GLN B 85 40.73 12.88 -36.75
N ILE B 86 41.67 12.17 -37.36
CA ILE B 86 41.85 12.22 -38.81
C ILE B 86 41.32 10.95 -39.46
N GLU B 87 41.46 9.80 -38.80
CA GLU B 87 41.02 8.55 -39.38
C GLU B 87 39.50 8.47 -39.42
N HIS B 88 38.83 9.09 -38.45
CA HIS B 88 37.37 9.03 -38.38
C HIS B 88 36.72 9.65 -39.61
N THR B 89 37.21 10.82 -40.03
CA THR B 89 36.57 11.51 -41.14
C THR B 89 36.83 10.84 -42.48
N LEU B 90 37.95 10.13 -42.61
CA LEU B 90 38.19 9.34 -43.82
C LEU B 90 37.38 8.05 -43.81
N ASN B 91 37.23 7.43 -42.64
CA ASN B 91 36.42 6.21 -42.55
C ASN B 91 34.94 6.52 -42.78
N GLU B 92 34.48 7.71 -42.39
CA GLU B 92 33.14 8.13 -42.74
C GLU B 92 32.93 8.14 -44.25
N LYS B 93 33.83 8.79 -44.97
CA LYS B 93 33.76 8.83 -46.43
C LYS B 93 33.82 7.42 -47.01
N ARG B 94 34.69 6.58 -46.46
CA ARG B 94 34.84 5.23 -46.99
C ARG B 94 33.57 4.41 -46.80
N ILE B 95 32.94 4.52 -45.64
CA ILE B 95 31.76 3.70 -45.35
C ILE B 95 30.52 4.22 -46.07
N LEU B 96 30.32 5.54 -46.09
CA LEU B 96 29.08 6.09 -46.61
C LEU B 96 28.86 5.75 -48.08
N GLN B 97 29.94 5.62 -48.85
CA GLN B 97 29.81 5.33 -50.27
C GLN B 97 29.65 3.84 -50.56
N ALA B 98 29.79 2.98 -49.55
CA ALA B 98 29.69 1.54 -49.73
C ALA B 98 28.36 0.96 -49.27
N VAL B 99 27.78 1.50 -48.20
CA VAL B 99 26.55 0.92 -47.65
C VAL B 99 25.37 1.23 -48.57
N ASN B 100 24.30 0.45 -48.44
CA ASN B 100 23.12 0.60 -49.28
C ASN B 100 21.92 0.04 -48.51
N PHE B 101 21.06 0.92 -48.00
CA PHE B 101 19.90 0.50 -47.24
C PHE B 101 18.86 1.60 -47.31
N PRO B 102 17.56 1.26 -47.33
CA PRO B 102 16.52 2.29 -47.49
C PRO B 102 16.37 3.23 -46.30
N PHE B 103 17.02 2.96 -45.17
CA PHE B 103 16.94 3.83 -44.01
C PHE B 103 18.25 4.54 -43.71
N LEU B 104 19.15 4.60 -44.69
CA LEU B 104 20.43 5.28 -44.55
C LEU B 104 20.55 6.39 -45.59
N VAL B 105 21.12 7.52 -45.18
CA VAL B 105 21.29 8.66 -46.08
C VAL B 105 22.35 8.32 -47.12
N LYS B 106 21.98 8.43 -48.39
CA LYS B 106 22.88 8.08 -49.49
C LYS B 106 23.83 9.21 -49.84
N LEU B 107 24.86 8.88 -50.61
CA LEU B 107 25.89 9.81 -51.02
C LEU B 107 25.93 9.93 -52.54
N GLU B 108 26.07 11.16 -53.04
CA GLU B 108 26.11 11.43 -54.47
C GLU B 108 27.49 11.82 -54.97
N PHE B 109 28.10 12.86 -54.39
CA PHE B 109 29.37 13.36 -54.87
C PHE B 109 30.32 13.63 -53.70
N SER B 110 31.60 13.74 -54.02
CA SER B 110 32.64 14.04 -53.03
C SER B 110 33.56 15.11 -53.60
N PHE B 111 34.02 16.00 -52.73
CA PHE B 111 34.80 17.16 -53.14
C PHE B 111 36.24 17.06 -52.66
N LYS B 112 37.11 17.85 -53.29
CA LYS B 112 38.51 17.94 -52.89
C LYS B 112 39.08 19.27 -53.39
N ASP B 113 39.19 20.25 -52.49
CA ASP B 113 39.87 21.50 -52.79
C ASP B 113 41.01 21.72 -51.80
N ASN B 114 41.65 22.89 -51.89
CA ASN B 114 42.82 23.19 -51.09
C ASN B 114 42.49 23.67 -49.67
N SER B 115 41.24 24.02 -49.40
CA SER B 115 40.86 24.58 -48.11
C SER B 115 40.05 23.63 -47.24
N ASN B 116 38.98 23.05 -47.77
CA ASN B 116 38.07 22.26 -46.95
C ASN B 116 37.77 20.90 -47.57
N LEU B 117 36.82 20.18 -46.99
CA LEU B 117 36.30 18.93 -47.55
C LEU B 117 34.79 19.01 -47.58
N TYR B 118 34.19 18.59 -48.69
CA TYR B 118 32.75 18.64 -48.86
C TYR B 118 32.22 17.32 -49.38
N MET B 119 30.99 17.01 -48.97
CA MET B 119 30.26 15.83 -49.40
C MET B 119 28.85 16.25 -49.79
N VAL B 120 28.23 15.47 -50.67
CA VAL B 120 26.91 15.79 -51.19
C VAL B 120 25.96 14.64 -50.85
N MET B 121 24.99 14.92 -49.99
CA MET B 121 23.99 13.95 -49.58
C MET B 121 22.67 14.22 -50.29
N GLU B 122 21.70 13.35 -50.05
CA GLU B 122 20.33 13.65 -50.45
C GLU B 122 19.67 14.55 -49.42
N TYR B 123 18.71 15.36 -49.88
CA TYR B 123 18.02 16.29 -49.00
C TYR B 123 16.86 15.60 -48.30
N VAL B 124 16.82 15.69 -46.97
CA VAL B 124 15.75 15.11 -46.18
C VAL B 124 14.95 16.24 -45.57
N PRO B 125 13.78 16.59 -46.13
CA PRO B 125 13.13 17.86 -45.77
C PRO B 125 12.41 17.88 -44.44
N GLY B 126 12.15 16.74 -43.81
CA GLY B 126 11.29 16.75 -42.64
C GLY B 126 11.93 17.18 -41.34
N GLY B 127 13.23 17.42 -41.32
CA GLY B 127 13.89 17.88 -40.10
C GLY B 127 14.18 16.74 -39.13
N GLU B 128 14.77 17.13 -38.01
CA GLU B 128 15.23 16.17 -37.01
C GLU B 128 14.07 15.55 -36.25
N MET B 129 14.32 14.37 -35.69
CA MET B 129 13.40 13.78 -34.73
C MET B 129 13.45 14.51 -33.39
N PHE B 130 14.59 15.09 -33.05
CA PHE B 130 14.76 15.82 -31.80
C PHE B 130 13.77 16.97 -31.67
N SER B 131 13.66 17.78 -32.73
CA SER B 131 12.79 18.95 -32.66
C SER B 131 11.34 18.55 -32.49
N HIS B 132 10.89 17.50 -33.18
CA HIS B 132 9.51 17.06 -33.03
C HIS B 132 9.27 16.41 -31.68
N LEU B 133 10.26 15.70 -31.14
CA LEU B 133 10.10 15.12 -29.82
C LEU B 133 9.97 16.20 -28.75
N ARG B 134 10.78 17.26 -28.85
CA ARG B 134 10.65 18.35 -27.88
C ARG B 134 9.39 19.17 -28.12
N ARG B 135 8.91 19.21 -29.36
CA ARG B 135 7.70 19.98 -29.66
C ARG B 135 6.46 19.28 -29.13
N ILE B 136 6.38 17.96 -29.29
CA ILE B 136 5.19 17.22 -28.89
C ILE B 136 5.28 16.81 -27.40
N GLY B 137 6.48 16.76 -26.85
CA GLY B 137 6.67 16.30 -25.48
C GLY B 137 7.04 14.84 -25.34
N ARG B 138 6.23 13.94 -25.88
CA ARG B 138 6.56 12.53 -25.86
C ARG B 138 5.69 11.79 -26.86
N PHE B 139 6.22 10.69 -27.39
CA PHE B 139 5.50 9.85 -28.34
C PHE B 139 4.74 8.75 -27.62
N SER B 140 3.60 8.36 -28.21
CA SER B 140 2.88 7.20 -27.74
C SER B 140 3.62 5.92 -28.15
N GLU B 141 3.28 4.82 -27.48
CA GLU B 141 3.99 3.57 -27.73
C GLU B 141 3.88 3.05 -29.15
N PRO B 142 2.73 3.09 -29.84
CA PRO B 142 2.75 2.72 -31.26
C PRO B 142 3.63 3.63 -32.11
N HIS B 143 3.63 4.92 -31.81
CA HIS B 143 4.46 5.88 -32.53
C HIS B 143 5.94 5.59 -32.31
N ALA B 144 6.33 5.29 -31.07
CA ALA B 144 7.72 4.95 -30.79
C ALA B 144 8.11 3.61 -31.42
N ARG B 145 7.19 2.64 -31.39
CA ARG B 145 7.45 1.31 -31.93
C ARG B 145 7.68 1.37 -33.44
N PHE B 146 6.97 2.28 -34.12
CA PHE B 146 7.15 2.42 -35.57
C PHE B 146 8.59 2.77 -35.92
N TYR B 147 9.21 3.67 -35.15
CA TYR B 147 10.60 4.05 -35.39
C TYR B 147 11.58 2.99 -34.88
N ALA B 148 11.25 2.36 -33.74
CA ALA B 148 12.14 1.36 -33.18
C ALA B 148 12.30 0.17 -34.12
N ALA B 149 11.23 -0.19 -34.84
CA ALA B 149 11.34 -1.28 -35.81
C ALA B 149 12.35 -0.94 -36.90
N GLN B 150 12.32 0.29 -37.40
CA GLN B 150 13.26 0.71 -38.42
C GLN B 150 14.69 0.70 -37.90
N ILE B 151 14.88 1.16 -36.66
CA ILE B 151 16.23 1.15 -36.10
C ILE B 151 16.73 -0.28 -35.91
N VAL B 152 15.84 -1.19 -35.52
CA VAL B 152 16.23 -2.59 -35.36
C VAL B 152 16.66 -3.17 -36.70
N LEU B 153 15.90 -2.91 -37.77
CA LEU B 153 16.28 -3.42 -39.08
C LEU B 153 17.61 -2.83 -39.53
N THR B 154 17.83 -1.54 -39.26
CA THR B 154 19.08 -0.90 -39.68
C THR B 154 20.28 -1.50 -38.94
N PHE B 155 20.15 -1.72 -37.62
CA PHE B 155 21.25 -2.35 -36.90
C PHE B 155 21.49 -3.78 -37.33
N GLU B 156 20.42 -4.52 -37.66
CA GLU B 156 20.62 -5.87 -38.19
C GLU B 156 21.40 -5.83 -39.50
N TYR B 157 21.07 -4.89 -40.37
CA TYR B 157 21.81 -4.76 -41.62
C TYR B 157 23.28 -4.41 -41.36
N LEU B 158 23.52 -3.43 -40.49
CA LEU B 158 24.90 -2.96 -40.28
C LEU B 158 25.77 -4.02 -39.61
N HIS B 159 25.24 -4.70 -38.59
CA HIS B 159 26.03 -5.70 -37.90
C HIS B 159 26.33 -6.91 -38.78
N SER B 160 25.56 -7.12 -39.84
CA SER B 160 25.85 -8.21 -40.76
C SER B 160 27.17 -7.98 -41.49
N LEU B 161 27.59 -6.73 -41.61
CA LEU B 161 28.82 -6.36 -42.29
C LEU B 161 29.98 -6.07 -41.33
N ASP B 162 29.80 -6.36 -40.04
CA ASP B 162 30.82 -6.10 -39.03
C ASP B 162 31.10 -4.60 -38.90
N LEU B 163 30.05 -3.79 -38.94
CA LEU B 163 30.15 -2.34 -38.82
C LEU B 163 29.45 -1.90 -37.54
N ILE B 164 30.17 -1.16 -36.70
CA ILE B 164 29.57 -0.50 -35.54
C ILE B 164 29.19 0.92 -35.95
N TYR B 165 28.05 1.39 -35.46
CA TYR B 165 27.59 2.73 -35.76
C TYR B 165 28.06 3.72 -34.69
N ARG B 166 27.78 3.44 -33.43
CA ARG B 166 28.45 4.04 -32.28
C ARG B 166 28.14 5.52 -32.10
N ASP B 167 27.12 6.04 -32.77
CA ASP B 167 26.59 7.35 -32.41
C ASP B 167 25.09 7.43 -32.69
N LEU B 168 24.28 7.04 -31.72
CA LEU B 168 22.83 7.01 -31.89
C LEU B 168 22.20 8.04 -30.95
N LYS B 169 21.49 9.00 -31.53
CA LYS B 169 20.85 10.05 -30.76
C LYS B 169 19.82 10.74 -31.64
N PRO B 170 18.79 11.35 -31.06
CA PRO B 170 17.70 11.91 -31.88
C PRO B 170 18.14 12.94 -32.90
N GLU B 171 19.23 13.67 -32.65
CA GLU B 171 19.69 14.67 -33.60
C GLU B 171 20.24 14.06 -34.87
N ASN B 172 20.60 12.78 -34.85
CA ASN B 172 21.10 12.09 -36.04
C ASN B 172 20.01 11.41 -36.85
N LEU B 173 18.76 11.46 -36.39
CA LEU B 173 17.64 10.79 -37.06
C LEU B 173 16.77 11.83 -37.74
N LEU B 174 16.60 11.69 -39.05
CA LEU B 174 15.83 12.63 -39.85
C LEU B 174 14.55 11.97 -40.34
N ILE B 175 13.55 12.80 -40.62
CA ILE B 175 12.26 12.35 -41.13
C ILE B 175 12.14 12.77 -42.59
N ASP B 176 11.78 11.83 -43.46
CA ASP B 176 11.59 12.14 -44.86
C ASP B 176 10.13 12.48 -45.15
N GLN B 177 9.82 12.64 -46.44
CA GLN B 177 8.48 13.06 -46.85
C GLN B 177 7.41 12.04 -46.46
N GLN B 178 7.71 10.75 -46.59
CA GLN B 178 6.73 9.72 -46.26
C GLN B 178 6.60 9.49 -44.76
N GLY B 179 7.48 10.05 -43.94
CA GLY B 179 7.45 9.85 -42.51
C GLY B 179 8.40 8.80 -41.98
N TYR B 180 9.30 8.26 -42.80
CA TYR B 180 10.24 7.25 -42.38
C TYR B 180 11.55 7.88 -41.94
N ILE B 181 12.34 7.09 -41.20
CA ILE B 181 13.59 7.54 -40.63
C ILE B 181 14.71 7.46 -41.66
N GLN B 182 15.61 8.44 -41.65
CA GLN B 182 16.84 8.41 -42.42
C GLN B 182 18.01 8.65 -41.46
N VAL B 183 18.98 7.74 -41.45
CA VAL B 183 20.09 7.78 -40.51
C VAL B 183 21.30 8.42 -41.17
N THR B 184 21.94 9.36 -40.48
CA THR B 184 23.07 10.10 -41.02
C THR B 184 24.17 10.18 -39.97
N ASP B 185 25.19 11.01 -40.25
CA ASP B 185 26.30 11.29 -39.35
C ASP B 185 27.08 10.03 -38.99
N PHE B 186 27.72 9.42 -39.99
CA PHE B 186 28.55 8.24 -39.79
C PHE B 186 29.97 8.59 -39.36
N GLY B 187 30.15 9.65 -38.58
CA GLY B 187 31.47 10.11 -38.20
C GLY B 187 32.25 9.15 -37.30
N PHE B 188 31.56 8.29 -36.55
CA PHE B 188 32.23 7.37 -35.64
C PHE B 188 32.09 5.91 -36.05
N ALA B 189 31.55 5.63 -37.24
CA ALA B 189 31.40 4.26 -37.69
C ALA B 189 32.78 3.66 -37.98
N LYS B 190 32.94 2.38 -37.62
CA LYS B 190 34.20 1.69 -37.83
C LYS B 190 33.94 0.23 -38.15
N ARG B 191 34.78 -0.33 -39.02
CA ARG B 191 34.70 -1.75 -39.40
C ARG B 191 35.48 -2.57 -38.39
N VAL B 192 34.78 -2.97 -37.33
CA VAL B 192 35.35 -3.73 -36.23
C VAL B 192 34.88 -5.17 -36.34
N LYS B 193 35.82 -6.11 -36.34
CA LYS B 193 35.54 -7.55 -36.24
C LYS B 193 36.42 -8.02 -35.09
N GLY B 194 35.88 -7.94 -33.87
CA GLY B 194 36.70 -8.15 -32.69
C GLY B 194 36.41 -7.15 -31.59
N ARG B 195 37.44 -6.43 -31.17
CA ARG B 195 37.35 -5.49 -30.06
C ARG B 195 37.88 -4.13 -30.48
N THR B 196 37.54 -3.11 -29.70
CA THR B 196 38.06 -1.77 -29.90
C THR B 196 38.08 -1.04 -28.56
N TRP B 197 38.91 -0.02 -28.46
CA TRP B 197 39.14 0.66 -27.18
C TRP B 197 38.95 2.18 -27.22
N LEU B 199 37.18 5.74 -27.02
CA LEU B 199 36.07 6.37 -26.32
C LEU B 199 35.55 7.55 -27.11
N CYS B 200 34.34 7.42 -27.65
CA CYS B 200 33.72 8.47 -28.43
C CYS B 200 32.21 8.34 -28.35
N GLY B 201 31.52 9.45 -28.47
CA GLY B 201 30.07 9.50 -28.44
C GLY B 201 29.57 10.50 -27.42
N THR B 202 28.25 10.51 -27.25
CA THR B 202 27.52 11.42 -26.36
C THR B 202 27.33 10.74 -25.01
N PRO B 203 27.64 11.42 -23.91
CA PRO B 203 27.72 10.73 -22.61
C PRO B 203 26.44 10.04 -22.17
N GLU B 204 25.25 10.57 -22.48
CA GLU B 204 24.03 9.90 -22.03
C GLU B 204 23.81 8.58 -22.75
N TYR B 205 24.40 8.40 -23.94
CA TYR B 205 24.18 7.23 -24.76
C TYR B 205 25.34 6.25 -24.74
N LEU B 206 26.25 6.39 -23.79
CA LEU B 206 27.42 5.52 -23.71
C LEU B 206 27.16 4.32 -22.81
N ALA B 207 27.67 3.16 -23.25
CA ALA B 207 27.52 1.91 -22.52
C ALA B 207 28.47 1.85 -21.32
N PRO B 208 28.15 1.04 -20.32
CA PRO B 208 29.03 0.94 -19.13
C PRO B 208 30.45 0.50 -19.44
N GLU B 209 30.65 -0.44 -20.37
CA GLU B 209 32.00 -0.89 -20.65
C GLU B 209 32.82 0.17 -21.37
N ILE B 210 32.16 1.12 -22.04
CA ILE B 210 32.89 2.24 -22.64
C ILE B 210 33.42 3.17 -21.56
N ILE B 211 32.62 3.42 -20.52
CA ILE B 211 33.06 4.27 -19.42
C ILE B 211 34.19 3.60 -18.65
N LEU B 212 34.07 2.30 -18.40
CA LEU B 212 35.04 1.57 -17.60
C LEU B 212 36.40 1.47 -18.27
N SER B 213 36.56 2.02 -19.48
CA SER B 213 37.84 2.08 -20.18
C SER B 213 38.39 0.67 -20.42
N LYS B 214 37.59 -0.13 -21.11
CA LYS B 214 37.99 -1.49 -21.46
C LYS B 214 37.40 -1.83 -22.82
N GLY B 215 37.90 -2.92 -23.40
CA GLY B 215 37.48 -3.28 -24.75
C GLY B 215 35.99 -3.56 -24.81
N TYR B 216 35.39 -3.18 -25.93
CA TYR B 216 33.97 -3.37 -26.16
C TYR B 216 33.73 -3.78 -27.60
N ASN B 217 32.54 -4.31 -27.85
CA ASN B 217 32.15 -4.82 -29.16
C ASN B 217 30.83 -4.19 -29.58
N LYS B 218 30.23 -4.75 -30.63
CA LYS B 218 29.03 -4.23 -31.24
C LYS B 218 27.81 -4.25 -30.31
N ALA B 219 27.95 -4.76 -29.09
CA ALA B 219 26.81 -4.80 -28.17
C ALA B 219 26.40 -3.42 -27.68
N VAL B 220 27.22 -2.39 -27.89
CA VAL B 220 26.90 -1.06 -27.38
C VAL B 220 25.69 -0.46 -28.09
N ASP B 221 25.46 -0.85 -29.35
CA ASP B 221 24.35 -0.27 -30.11
C ASP B 221 23.00 -0.67 -29.54
N TRP B 222 22.92 -1.84 -28.91
CA TRP B 222 21.66 -2.24 -28.29
C TRP B 222 21.39 -1.45 -27.00
N TRP B 223 22.44 -1.11 -26.26
CA TRP B 223 22.28 -0.19 -25.13
C TRP B 223 21.80 1.17 -25.61
N ALA B 224 22.38 1.65 -26.71
CA ALA B 224 21.93 2.91 -27.29
C ALA B 224 20.48 2.84 -27.74
N LEU B 225 20.06 1.70 -28.31
CA LEU B 225 18.67 1.54 -28.70
C LEU B 225 17.74 1.55 -27.50
N GLY B 226 18.14 0.91 -26.40
CA GLY B 226 17.32 0.96 -25.20
C GLY B 226 17.16 2.37 -24.67
N VAL B 227 18.25 3.15 -24.68
CA VAL B 227 18.16 4.53 -24.24
C VAL B 227 17.28 5.34 -25.18
N LEU B 228 17.38 5.10 -26.49
CA LEU B 228 16.56 5.82 -27.46
C LEU B 228 15.08 5.54 -27.24
N ILE B 229 14.73 4.27 -27.03
CA ILE B 229 13.33 3.92 -26.81
C ILE B 229 12.81 4.55 -25.52
N TYR B 230 13.63 4.50 -24.46
CA TYR B 230 13.21 5.12 -23.20
C TYR B 230 12.95 6.61 -23.39
N GLU B 231 13.84 7.30 -24.11
CA GLU B 231 13.68 8.73 -24.28
C GLU B 231 12.49 9.06 -25.17
N MET B 232 12.24 8.26 -26.21
CA MET B 232 11.05 8.49 -27.03
C MET B 232 9.78 8.32 -26.21
N ALA B 233 9.71 7.26 -25.39
CA ALA B 233 8.48 6.99 -24.67
C ALA B 233 8.25 7.93 -23.49
N ALA B 234 9.32 8.37 -22.82
CA ALA B 234 9.19 9.23 -21.65
C ALA B 234 9.42 10.71 -21.94
N GLY B 235 10.26 11.04 -22.92
CA GLY B 235 10.55 12.42 -23.25
C GLY B 235 11.82 12.97 -22.62
N TYR B 236 12.49 12.19 -21.76
CA TYR B 236 13.74 12.60 -21.14
C TYR B 236 14.61 11.36 -20.94
N PRO B 237 15.94 11.50 -21.00
CA PRO B 237 16.80 10.32 -20.98
C PRO B 237 16.76 9.61 -19.64
N PRO B 238 17.06 8.32 -19.60
CA PRO B 238 17.04 7.61 -18.32
C PRO B 238 18.13 8.04 -17.35
N PHE B 239 19.29 8.47 -17.84
CA PHE B 239 20.40 8.91 -17.00
C PHE B 239 20.60 10.41 -17.24
N PHE B 240 20.15 11.23 -16.29
CA PHE B 240 20.14 12.68 -16.45
C PHE B 240 20.79 13.30 -15.22
N ALA B 241 22.00 13.81 -15.38
CA ALA B 241 22.67 14.60 -14.36
C ALA B 241 23.24 15.85 -14.99
N ASP B 242 23.38 16.90 -14.18
CA ASP B 242 23.81 18.19 -14.72
C ASP B 242 25.28 18.22 -15.08
N GLN B 243 26.09 17.31 -14.56
CA GLN B 243 27.51 17.28 -14.85
C GLN B 243 27.88 15.97 -15.51
N PRO B 244 28.71 16.00 -16.56
CA PRO B 244 29.11 14.75 -17.22
C PRO B 244 29.75 13.74 -16.29
N ILE B 245 30.52 14.20 -15.29
CA ILE B 245 31.15 13.26 -14.37
C ILE B 245 30.10 12.59 -13.50
N GLN B 246 29.00 13.28 -13.19
CA GLN B 246 27.94 12.68 -12.39
C GLN B 246 27.09 11.72 -13.22
N ILE B 247 27.01 11.94 -14.53
CA ILE B 247 26.24 11.05 -15.40
C ILE B 247 26.88 9.67 -15.44
N TYR B 248 28.22 9.62 -15.41
CA TYR B 248 28.93 8.34 -15.46
C TYR B 248 28.62 7.48 -14.25
N GLU B 249 28.48 8.08 -13.06
CA GLU B 249 28.17 7.29 -11.88
C GLU B 249 26.77 6.68 -11.99
N LYS B 250 25.81 7.43 -12.54
CA LYS B 250 24.49 6.87 -12.73
C LYS B 250 24.49 5.76 -13.77
N ILE B 251 25.31 5.91 -14.82
CA ILE B 251 25.37 4.87 -15.85
C ILE B 251 25.99 3.60 -15.29
N VAL B 252 27.11 3.72 -14.58
CA VAL B 252 27.76 2.54 -14.02
C VAL B 252 26.91 1.90 -12.95
N SER B 253 26.18 2.70 -12.16
CA SER B 253 25.22 2.12 -11.22
C SER B 253 24.15 1.31 -11.96
N GLY B 254 23.71 1.81 -13.11
CA GLY B 254 22.74 1.08 -13.92
C GLY B 254 21.37 0.94 -13.31
N LYS B 255 20.97 1.89 -12.47
CA LYS B 255 19.68 1.85 -11.79
C LYS B 255 18.75 2.85 -12.46
N VAL B 256 17.65 2.35 -13.03
CA VAL B 256 16.67 3.17 -13.71
C VAL B 256 15.31 2.98 -13.06
N ARG B 257 14.47 4.01 -13.16
CA ARG B 257 13.08 3.92 -12.76
C ARG B 257 12.19 4.37 -13.92
N PHE B 258 11.03 3.71 -14.03
CA PHE B 258 10.19 3.93 -15.20
C PHE B 258 8.99 4.81 -14.85
N PRO B 259 8.55 5.63 -15.80
CA PRO B 259 7.33 6.40 -15.60
C PRO B 259 6.12 5.50 -15.40
N SER B 260 5.13 6.03 -14.66
CA SER B 260 3.95 5.25 -14.31
C SER B 260 3.12 4.84 -15.52
N HIS B 261 3.25 5.53 -16.64
CA HIS B 261 2.48 5.20 -17.84
C HIS B 261 3.14 4.16 -18.72
N PHE B 262 4.31 3.65 -18.35
CA PHE B 262 4.94 2.57 -19.09
C PHE B 262 4.19 1.26 -18.87
N SER B 263 4.06 0.48 -19.96
CA SER B 263 3.44 -0.83 -19.89
C SER B 263 4.46 -1.89 -19.44
N SER B 264 3.95 -3.05 -19.05
CA SER B 264 4.81 -4.13 -18.57
C SER B 264 5.74 -4.66 -19.67
N ASP B 265 5.25 -4.78 -20.90
CA ASP B 265 6.09 -5.29 -21.98
C ASP B 265 7.23 -4.31 -22.29
N LEU B 266 6.93 -3.02 -22.29
CA LEU B 266 7.96 -2.02 -22.52
C LEU B 266 9.01 -2.05 -21.40
N LYS B 267 8.55 -2.18 -20.15
CA LYS B 267 9.49 -2.27 -19.03
C LYS B 267 10.39 -3.48 -19.15
N ASP B 268 9.81 -4.64 -19.51
CA ASP B 268 10.62 -5.85 -19.66
C ASP B 268 11.64 -5.70 -20.78
N LEU B 269 11.22 -5.16 -21.92
CA LEU B 269 12.14 -4.94 -23.02
C LEU B 269 13.27 -4.01 -22.63
N LEU B 270 12.94 -2.91 -21.94
CA LEU B 270 13.97 -1.95 -21.55
C LEU B 270 14.91 -2.52 -20.50
N ARG B 271 14.40 -3.36 -19.59
CA ARG B 271 15.29 -4.02 -18.64
C ARG B 271 16.25 -4.96 -19.35
N ASN B 272 15.77 -5.69 -20.36
CA ASN B 272 16.66 -6.60 -21.08
C ASN B 272 17.62 -5.87 -22.00
N LEU B 273 17.28 -4.66 -22.46
CA LEU B 273 18.19 -3.91 -23.32
C LEU B 273 19.21 -3.13 -22.49
N LEU B 274 18.77 -2.50 -21.40
CA LEU B 274 19.68 -1.77 -20.52
C LEU B 274 20.26 -2.68 -19.45
N GLN B 275 20.91 -3.76 -19.89
CA GLN B 275 21.52 -4.74 -19.01
C GLN B 275 23.00 -4.42 -18.86
N VAL B 276 23.43 -4.20 -17.62
CA VAL B 276 24.84 -3.89 -17.36
C VAL B 276 25.73 -5.06 -17.74
N ASP B 277 25.33 -6.27 -17.37
CA ASP B 277 26.09 -7.47 -17.69
C ASP B 277 25.97 -7.76 -19.18
N LEU B 278 27.02 -7.49 -19.94
CA LEU B 278 26.94 -7.59 -21.39
C LEU B 278 26.79 -9.03 -21.87
N THR B 279 27.05 -10.02 -21.01
CA THR B 279 26.77 -11.40 -21.38
C THR B 279 25.28 -11.73 -21.32
N LYS B 280 24.47 -10.85 -20.75
CA LYS B 280 23.04 -11.07 -20.58
C LYS B 280 22.18 -10.11 -21.40
N ARG B 281 22.79 -9.23 -22.17
CA ARG B 281 22.06 -8.22 -22.91
C ARG B 281 21.49 -8.78 -24.20
N PHE B 282 20.27 -8.35 -24.53
CA PHE B 282 19.62 -8.79 -25.77
C PHE B 282 20.41 -8.36 -26.99
N GLY B 283 20.38 -9.20 -28.02
CA GLY B 283 21.14 -8.97 -29.23
C GLY B 283 22.53 -9.53 -29.21
N ASN B 284 23.12 -9.67 -28.03
CA ASN B 284 24.43 -10.31 -27.86
C ASN B 284 24.31 -11.78 -27.48
N LEU B 285 23.09 -12.27 -27.28
CA LEU B 285 22.87 -13.64 -26.84
C LEU B 285 22.96 -14.61 -28.01
N LYS B 286 22.67 -15.88 -27.73
CA LYS B 286 22.82 -16.95 -28.70
C LYS B 286 21.85 -16.79 -29.87
N ASN B 287 20.67 -16.22 -29.64
CA ASN B 287 19.68 -16.03 -30.69
C ASN B 287 19.99 -14.85 -31.60
N GLY B 288 21.01 -14.04 -31.30
CA GLY B 288 21.28 -12.88 -32.12
C GLY B 288 20.16 -11.87 -32.02
N VAL B 289 19.83 -11.23 -33.14
CA VAL B 289 18.69 -10.32 -33.14
C VAL B 289 17.45 -11.12 -33.51
N ASN B 290 16.94 -11.87 -32.54
CA ASN B 290 15.62 -12.47 -32.60
C ASN B 290 14.88 -12.42 -31.28
N ASP B 291 15.59 -12.25 -30.15
CA ASP B 291 14.94 -11.94 -28.89
C ASP B 291 14.17 -10.63 -28.99
N ILE B 292 14.75 -9.66 -29.71
CA ILE B 292 14.06 -8.37 -29.91
C ILE B 292 12.87 -8.53 -30.84
N LYS B 293 13.05 -9.22 -31.96
CA LYS B 293 11.98 -9.33 -32.94
C LYS B 293 10.80 -10.10 -32.39
N ASN B 294 11.05 -11.16 -31.63
CA ASN B 294 10.00 -12.02 -31.09
C ASN B 294 9.46 -11.54 -29.76
N HIS B 295 9.93 -10.39 -29.26
CA HIS B 295 9.43 -9.88 -28.00
C HIS B 295 7.95 -9.51 -28.12
N LYS B 296 7.24 -9.61 -26.99
CA LYS B 296 5.81 -9.36 -26.99
C LYS B 296 5.48 -7.92 -27.35
N TRP B 297 6.41 -6.99 -27.11
CA TRP B 297 6.15 -5.59 -27.45
C TRP B 297 6.04 -5.39 -28.96
N PHE B 298 6.77 -6.17 -29.75
CA PHE B 298 6.71 -6.12 -31.20
C PHE B 298 5.73 -7.13 -31.79
N ALA B 299 4.71 -7.53 -31.03
CA ALA B 299 3.79 -8.56 -31.49
C ALA B 299 3.00 -8.11 -32.71
N THR B 300 2.64 -6.83 -32.79
CA THR B 300 1.79 -6.32 -33.87
C THR B 300 2.60 -5.66 -34.99
N THR B 301 3.86 -6.01 -35.13
CA THR B 301 4.73 -5.42 -36.14
C THR B 301 4.93 -6.39 -37.29
N ASP B 302 4.76 -5.88 -38.52
CA ASP B 302 4.98 -6.67 -39.73
C ASP B 302 6.34 -6.28 -40.30
N TRP B 303 7.34 -7.14 -40.05
CA TRP B 303 8.71 -6.80 -40.39
C TRP B 303 8.96 -6.75 -41.90
N ILE B 304 8.09 -7.35 -42.71
CA ILE B 304 8.24 -7.24 -44.15
C ILE B 304 7.65 -5.93 -44.67
N ALA B 305 6.47 -5.57 -44.18
CA ALA B 305 5.83 -4.33 -44.61
C ALA B 305 6.64 -3.11 -44.21
N ILE B 306 7.25 -3.12 -43.02
CA ILE B 306 8.07 -1.99 -42.60
C ILE B 306 9.27 -1.82 -43.52
N TYR B 307 9.94 -2.94 -43.85
CA TYR B 307 11.07 -2.88 -44.76
C TYR B 307 10.66 -2.38 -46.13
N GLN B 308 9.54 -2.88 -46.65
CA GLN B 308 9.10 -2.47 -47.97
C GLN B 308 8.37 -1.13 -47.98
N ARG B 309 8.18 -0.51 -46.81
CA ARG B 309 7.58 0.82 -46.70
C ARG B 309 6.15 0.83 -47.24
N LYS B 310 5.31 -0.02 -46.66
CA LYS B 310 3.89 -0.07 -46.98
C LYS B 310 3.00 0.21 -45.79
N VAL B 311 3.58 0.53 -44.63
CA VAL B 311 2.81 0.89 -43.45
C VAL B 311 2.70 2.41 -43.39
N GLU B 312 1.48 2.91 -43.18
CA GLU B 312 1.27 4.35 -43.13
C GLU B 312 1.88 4.95 -41.87
N ALA B 313 2.69 5.99 -42.04
CA ALA B 313 3.38 6.60 -40.92
C ALA B 313 2.39 7.30 -40.00
N PRO B 314 2.63 7.30 -38.69
CA PRO B 314 1.79 8.08 -37.78
C PRO B 314 2.06 9.58 -37.83
N PHE B 315 3.08 10.02 -38.56
CA PHE B 315 3.39 11.44 -38.64
C PHE B 315 3.95 11.69 -40.04
N ILE B 316 3.37 12.67 -40.73
CA ILE B 316 3.82 13.08 -42.06
C ILE B 316 4.20 14.56 -41.98
N PRO B 317 5.47 14.91 -42.18
CA PRO B 317 5.84 16.33 -42.14
C PRO B 317 5.26 17.09 -43.32
N LYS B 318 4.84 18.33 -43.07
CA LYS B 318 4.22 19.17 -44.08
C LYS B 318 5.26 19.95 -44.89
N PHE B 319 6.05 19.21 -45.65
CA PHE B 319 6.99 19.83 -46.57
C PHE B 319 6.23 20.52 -47.70
N LYS B 320 6.70 21.69 -48.10
CA LYS B 320 6.02 22.51 -49.11
C LYS B 320 6.97 22.91 -50.23
N GLY B 321 7.73 21.94 -50.74
CA GLY B 321 8.56 22.18 -51.90
C GLY B 321 10.01 21.77 -51.73
N PRO B 322 10.71 21.59 -52.85
CA PRO B 322 12.13 21.19 -52.75
C PRO B 322 13.02 22.23 -52.11
N GLY B 323 12.72 23.52 -52.30
CA GLY B 323 13.51 24.57 -51.69
C GLY B 323 13.06 25.00 -50.33
N ASP B 324 11.92 24.49 -49.86
CA ASP B 324 11.39 24.85 -48.55
C ASP B 324 12.22 24.19 -47.45
N THR B 325 12.57 24.95 -46.43
CA THR B 325 13.34 24.46 -45.30
C THR B 325 12.74 24.98 -43.99
N SER B 326 11.40 24.99 -43.89
CA SER B 326 10.75 25.51 -42.71
C SER B 326 10.90 24.58 -41.51
N ASN B 327 11.03 23.28 -41.76
CA ASN B 327 11.17 22.32 -40.66
C ASN B 327 12.50 22.46 -39.94
N PHE B 328 13.47 23.14 -40.54
CA PHE B 328 14.77 23.35 -39.94
C PHE B 328 14.82 24.71 -39.25
N ASP B 329 15.79 24.85 -38.34
CA ASP B 329 16.00 26.12 -37.65
C ASP B 329 16.88 27.04 -38.48
N ASP B 330 16.71 28.33 -38.23
CA ASP B 330 17.45 29.39 -38.90
C ASP B 330 18.88 29.50 -38.37
N TYR B 331 19.83 29.43 -39.29
CA TYR B 331 21.24 29.55 -38.97
C TYR B 331 21.83 30.57 -39.94
N LYS B 343 46.78 22.68 -47.64
CA LYS B 343 46.58 22.49 -46.21
C LYS B 343 46.49 21.03 -45.84
N CYS B 344 47.61 20.47 -45.37
CA CYS B 344 47.66 19.08 -44.91
C CYS B 344 47.17 18.12 -45.99
N GLY B 345 47.77 18.20 -47.17
CA GLY B 345 47.41 17.33 -48.26
C GLY B 345 47.96 15.92 -48.14
N LYS B 346 48.92 15.69 -47.26
CA LYS B 346 49.50 14.36 -47.11
C LYS B 346 48.55 13.42 -46.37
N GLU B 347 47.89 13.91 -45.32
CA GLU B 347 47.00 13.05 -44.54
C GLU B 347 45.74 12.71 -45.31
N PHE B 348 45.26 13.61 -46.16
CA PHE B 348 44.03 13.42 -46.91
C PHE B 348 44.39 13.02 -48.34
N SER B 349 44.47 11.72 -48.57
CA SER B 349 44.80 11.17 -49.89
C SER B 349 43.75 10.17 -50.35
N GLU B 350 42.51 10.30 -49.84
CA GLU B 350 41.44 9.41 -50.23
C GLU B 350 40.14 10.17 -50.46
N PHE B 351 40.23 11.42 -50.87
CA PHE B 351 39.04 12.23 -51.14
C PHE B 351 39.04 12.70 -52.60
#